data_9ILT
#
_entry.id   9ILT
#
_cell.length_a   142.016
_cell.length_b   153.063
_cell.length_c   173.381
_cell.angle_alpha   90.00
_cell.angle_beta   90.00
_cell.angle_gamma   90.00
#
_symmetry.space_group_name_H-M   'P 21 21 21'
#
loop_
_entity.id
_entity.type
_entity.pdbx_description
1 polymer 'Cytochrome c7-like domain-containing protein'
2 polymer 'Fe-S-cluster-containing hydrogenase components 1-like protein'
3 polymer 'Polysulphide reductase NrfD'
4 polymer 'Quinol:cytochrome c oxidoreductase membrane protein'
5 polymer 'Cytochrome c domain-containing protein'
6 polymer 'Quinol:cytochrome c oxidoreductase quinone-binding subunit 2'
7 polymer ActG
8 polymer 'subunit I'
9 non-polymer 'HEME C'
10 non-polymer 'IRON/SULFUR CLUSTER'
11 non-polymer 'FE3-S4 CLUSTER'
#
loop_
_entity_poly.entity_id
_entity_poly.type
_entity_poly.pdbx_seq_one_letter_code
_entity_poly.pdbx_strand_id
1 'polypeptide(L)'
;MAQIFPRNANLLSRLSIFALVLLVVEGILILGVYFRSNYFRQVNVAIEQPVAFSHQLHVNVVGIDCRYCHTSVDQSYFAN
IPATETCMTCHSQIKTYSPLLEKVRESYATGKPIEWVKVYDLPNFVYFNHSIHVNKGIGCSTCHGQVNNMPVVWQQQALY
MGWCLNCHRNPELYVRPREEVYNMDYVPPSNQLEIGRQLVAEYGIMPPDQLTNCYVCHR
;
A
2 'polypeptide(L)'
;MTQQQPDLEAIRAQLRDARGPQFWRSLDQLADAPAFRELIEREFPRGASELEDGISRRTFLKLMGASLALAGVTACTYQP
RQYIAPFDRQPEGRVPGIPQYFASTLTLGGYGTGVLVRSNEGRPTKVEGNPRHPASLGGTDLFAQAEILTMYDPDRSTTV
LRQGVPSTWAEFTTTLGNALTAARATQGAGVRLLTTTITSPSLAAQIEQFLQAYPQARWYQYEPINRDNVVAGARLAFGR
DVTTRYDLSAAQVVVSLDADFLAPGPGFVAYARAFAERRKVRKDSTTMNRLYVVEASPSTTGTAADHRLPLRADAIAAFT
GALANELGVGGAPATLSPKAEEFLRAIARDLEEHRGQSVVIAGDQQPPIVHALAHLINAELGNVGQTVFYHEPVEARPTN
QTEELVALVSEMAAGRVETLIMIGGNPVYNAPGDLRFADRMASVPLTIHLSQFVDETSARATWHIPQAHPLESWGDARAF
DGTASIVQPLIEPLYGGKTANELLAAMLGQPEAESYDLVRSFWLEQIGETGWQVALANGVIAETVAPVIEPTLNEGAIRA
TPIPQPGDGVEIVFRPDPSLFDGFYANNGWLQELPRPLTKLVWDNAALMSPRTAIKLLGLPFNADRLIGTEADDRERQQY
LEQLSKVNGTIARIEYRGGIIEIPIWLLPGHAEDSITLNLGYGRTHAGRVGNNVGIDVYPIRTSDSPWFGAGARVTNTGR
TYLLVSTQDHWTLEGRDIYRVGEFKKFKEDPKYIAKEVYQEEYGRETPNYQSLQPGDDYTGRNAWGMTINLNACIGCNAC
VVACQAENNIAVVGKDQVSRGREMHWIRIDRYFAGEDLDNPSIYMMPVNCMQCEKAPCEVVCPVAATVHDYEGLNNMVYN
RCVGTKYCSNNCPYKVRRFNFLQYSDTTTETFKLAFNPDVTVRIRGVMEKCTYCVQRISGARIAAKRAAVQAGQSSYVIS
DGAIQTACEQACPTGAIVFGDINDSNSRVAKWKAEGHNYGLLGFLNTVPRTTYLARVRNPSEELEKVEG
;
B
3 'polypeptide(L)'
;MAQAQPLRTRPQDDGEAYLLPGETYTSISAKIGDVPLTPPLKTPKGWLAGFSVAFFMLMIFFVSVTWLFIRGVGIWGINI
PVGWGMDIINFVWWIGIGHAGTLISAILLLLNQGWRNSINRFAEAMTLFAVACAGLYPILHLGRPWLFYWLIPYPNTHGM
WPQFRSALAWDVFAISTYATVSLVFWLVGLIPDFATLRDRAKNIWVKRLYGIAALGWRGSARHWHRYEMASILLAGLSTP
LVVSVHSIISLDFAISQVPGWQVTVFPPYFVAGAVFAGFAMVLLLMIPVRTFYGFENYITLHHLDVMAKVMLTTGMIVVY
GYFMEVFASLYSGNEFEEYLLYNRLFGPSSWAYWGLLFCNAVAIQPLWFKKVRQNIPALLIISLIVSVGMWLERYVIIVI
SLERDFLPSSWDIYIPTIWDWSLYIGTFGLFFTLLFLFIRVLPMINIFEMRLFLYQETEKAKQRAGHGAHGHGHEQSPAH
GAATAD
;
C
4 'polypeptide(L)'
;MRNDVYGVMAEFPTPEALIEATRKAKAAGYTKMDAFSPFPIEEVIEEIAHGDTGVPRLVLLFGLIGAASGFILQYIGNLV
DYPLNVGGRPLDITNWPAMIPITFESGILLASFAAAIGMIVLNGLPSPYHPVFNVPRFQYASQDAFFLCIEATDPLFDRS
RTSQFLRSLNPMQVSEVAY
;
D
5 'polypeptide(L)'
;MQKPRLTSRMIRFGWVGLLVLLLTACHQDMYDQQKYTTYEPSSFFADGRSSRPNVPGTTPFEVVKTDEFLYTGLIDGQEV
DAMPFPVTKDLLLRGQLKYNIYCAVCHGEAGYGASMVAERGGIVPANFHQQRLREAPLSHFFVVITNGVYRGDPENGGYQ
SMYGYASRITPEDRWAIAAYIRALQLSQNATIDDVPPDQRAQLGN
;
E
6 'polypeptide(L)'
;MATTSISQTRIPQLGQVQMLGLAAAVIGIGVLAAGYFLSPTSFFESYIYGYYVAMTIPLGCLGFLMVQHLTGGAWGVTVR
RMLEAGAATLPIMGLLFIPIALGYFDTYKALGLEHPLYEWANPEVVTPGGAEFDPIIAHKVPWLSPLWVTARIAIFFIIW
SALALTLRAWSRQQDAGGDAKKLATRMRRLSGIGVALFVITVTFFSFDVAMSLDPHWFSTIYGAHYMANAGLMTLAFLAL
MMSRVRDAALFREYVSVKPIHDIGKLIFAFTVLWTYMSYGQLVIIWSGDVAEFTPWYVHRTQHGWVFVALALMLFAFALP
FFVLLFRGTKRNLNTLATIAGWIVVMRFVDMAWIILPEFREHLWDIAITDVAAPIGLIGLVIALFAANVQQAPLLPLRDP
NMEQLQNSGHH
;
F
7 'polypeptide(L)'
;MSYRPNYSASRYTAGRPAQPVRTARTMAEPSLSRLMIAGLMVFLVLSLVVLLAGRLPFTPQPAPVTGNTYRTYVNDARTL
LNSYGYTMEGKVHIPIDRAMDLIVERGLPVRE
;
G
8 'polypeptide(L)' MQPEWSGDPEVKPVFLAVTLTGMVAFLLMVWLFAFYW I
#
# COMPACT_ATOMS: atom_id res chain seq x y z
N ALA A 2 -43.22 -39.02 19.12
CA ALA A 2 -43.58 -40.25 19.81
C ALA A 2 -43.17 -41.47 18.99
N GLN A 3 -42.71 -41.22 17.77
CA GLN A 3 -42.27 -42.32 16.91
C GLN A 3 -40.90 -42.83 17.32
N ILE A 4 -39.92 -41.93 17.42
CA ILE A 4 -38.53 -42.32 17.64
C ILE A 4 -37.90 -41.48 18.74
N PHE A 5 -38.73 -40.76 19.50
CA PHE A 5 -38.21 -39.84 20.50
C PHE A 5 -38.98 -39.97 21.80
N PRO A 6 -38.29 -39.86 22.94
CA PRO A 6 -38.97 -39.88 24.24
C PRO A 6 -39.73 -38.57 24.46
N ARG A 7 -40.55 -38.58 25.52
CA ARG A 7 -41.42 -37.44 25.79
C ARG A 7 -40.63 -36.20 26.19
N ASN A 8 -39.54 -36.38 26.94
CA ASN A 8 -38.79 -35.24 27.47
C ASN A 8 -38.00 -34.49 26.41
N ALA A 9 -37.85 -35.06 25.20
CA ALA A 9 -36.95 -34.47 24.22
C ALA A 9 -37.41 -33.07 23.78
N ASN A 10 -38.71 -32.81 23.78
CA ASN A 10 -39.20 -31.50 23.39
C ASN A 10 -38.64 -30.41 24.30
N LEU A 11 -38.54 -30.69 25.60
CA LEU A 11 -37.92 -29.74 26.52
C LEU A 11 -36.41 -29.70 26.33
N LEU A 12 -35.79 -30.89 26.19
CA LEU A 12 -34.33 -30.96 26.06
C LEU A 12 -33.85 -30.21 24.83
N SER A 13 -34.53 -30.38 23.70
CA SER A 13 -34.11 -29.74 22.45
C SER A 13 -34.09 -28.22 22.60
N ARG A 14 -35.16 -27.64 23.14
CA ARG A 14 -35.18 -26.20 23.37
C ARG A 14 -34.13 -25.79 24.39
N LEU A 15 -33.96 -26.58 25.45
CA LEU A 15 -32.92 -26.29 26.43
C LEU A 15 -31.54 -26.39 25.82
N SER A 16 -31.33 -27.37 24.92
CA SER A 16 -30.04 -27.54 24.29
C SER A 16 -29.68 -26.33 23.44
N ILE A 17 -30.64 -25.82 22.66
CA ILE A 17 -30.40 -24.60 21.88
C ILE A 17 -30.02 -23.45 22.80
N PHE A 18 -30.76 -23.30 23.90
CA PHE A 18 -30.43 -22.28 24.89
C PHE A 18 -29.03 -22.49 25.45
N ALA A 19 -28.71 -23.72 25.84
CA ALA A 19 -27.38 -24.01 26.37
C ALA A 19 -26.30 -23.74 25.33
N LEU A 20 -26.59 -24.05 24.07
CA LEU A 20 -25.62 -23.78 23.00
C LEU A 20 -25.29 -22.29 22.92
N VAL A 21 -26.32 -21.44 22.95
CA VAL A 21 -26.10 -19.99 22.87
C VAL A 21 -25.26 -19.51 24.04
N LEU A 22 -25.57 -20.00 25.25
CA LEU A 22 -24.79 -19.64 26.42
C LEU A 22 -23.33 -20.06 26.27
N LEU A 23 -23.10 -21.28 25.80
CA LEU A 23 -21.73 -21.75 25.62
C LEU A 23 -20.98 -20.90 24.60
N VAL A 24 -21.66 -20.51 23.52
CA VAL A 24 -21.03 -19.64 22.52
C VAL A 24 -20.63 -18.31 23.16
N VAL A 25 -21.57 -17.68 23.86
CA VAL A 25 -21.27 -16.40 24.52
C VAL A 25 -20.14 -16.57 25.52
N GLU A 26 -20.15 -17.68 26.28
CA GLU A 26 -19.08 -17.93 27.23
C GLU A 26 -17.73 -18.07 26.53
N GLY A 27 -17.73 -18.63 25.32
CA GLY A 27 -16.48 -18.78 24.59
C GLY A 27 -15.84 -17.44 24.25
N ILE A 28 -16.61 -16.52 23.67
CA ILE A 28 -16.10 -15.19 23.38
C ILE A 28 -15.64 -14.50 24.66
N LEU A 29 -16.39 -14.70 25.74
CA LEU A 29 -16.02 -14.08 27.02
C LEU A 29 -14.65 -14.56 27.48
N ILE A 30 -14.43 -15.88 27.47
CA ILE A 30 -13.15 -16.43 27.89
C ILE A 30 -12.02 -15.89 27.02
N LEU A 31 -12.27 -15.76 25.72
CA LEU A 31 -11.24 -15.27 24.80
C LEU A 31 -10.82 -13.84 25.16
N GLY A 32 -11.80 -12.96 25.38
CA GLY A 32 -11.46 -11.58 25.71
C GLY A 32 -10.81 -11.44 27.07
N VAL A 33 -11.23 -12.25 28.04
CA VAL A 33 -10.64 -12.19 29.37
C VAL A 33 -9.16 -12.57 29.32
N TYR A 34 -8.81 -13.55 28.48
CA TYR A 34 -7.43 -13.99 28.40
C TYR A 34 -6.52 -12.90 27.82
N PHE A 35 -6.97 -12.24 26.76
CA PHE A 35 -6.15 -11.22 26.10
C PHE A 35 -6.12 -9.90 26.86
N ARG A 36 -6.80 -9.80 28.00
CA ARG A 36 -6.78 -8.59 28.82
C ARG A 36 -6.36 -8.89 30.25
N SER A 37 -5.97 -10.13 30.55
CA SER A 37 -5.64 -10.52 31.91
C SER A 37 -4.31 -9.91 32.34
N ASN A 38 -4.05 -9.98 33.65
CA ASN A 38 -2.78 -9.53 34.20
C ASN A 38 -1.67 -10.56 34.05
N TYR A 39 -2.01 -11.81 33.70
CA TYR A 39 -0.98 -12.80 33.43
C TYR A 39 -0.49 -12.71 31.99
N PHE A 40 -1.40 -12.48 31.05
CA PHE A 40 -1.01 -12.34 29.65
C PHE A 40 -0.19 -11.08 29.42
N ARG A 41 -0.62 -9.97 30.03
CA ARG A 41 0.08 -8.70 29.90
C ARG A 41 1.16 -8.50 30.95
N GLN A 42 1.32 -9.45 31.88
CA GLN A 42 2.31 -9.37 32.95
C GLN A 42 2.15 -8.08 33.76
N VAL A 43 0.93 -7.83 34.21
CA VAL A 43 0.58 -6.67 35.00
C VAL A 43 0.51 -7.08 36.47
N ASN A 44 1.03 -6.22 37.35
CA ASN A 44 1.10 -6.46 38.79
C ASN A 44 1.91 -7.70 39.14
N VAL A 45 2.81 -8.10 38.26
CA VAL A 45 3.70 -9.24 38.49
C VAL A 45 5.08 -8.68 38.82
N ALA A 46 5.61 -9.06 39.98
CA ALA A 46 6.92 -8.59 40.41
C ALA A 46 7.99 -9.45 39.75
N ILE A 47 8.56 -8.96 38.65
CA ILE A 47 9.58 -9.71 37.94
C ILE A 47 10.85 -9.76 38.78
N GLU A 48 11.38 -10.97 38.95
CA GLU A 48 12.59 -11.15 39.75
C GLU A 48 13.82 -10.69 38.97
N GLN A 49 14.66 -9.88 39.64
CA GLN A 49 15.87 -9.33 39.06
C GLN A 49 17.09 -10.13 39.49
N PRO A 50 18.17 -10.12 38.69
CA PRO A 50 19.34 -10.94 39.05
C PRO A 50 20.07 -10.46 40.28
N VAL A 51 20.01 -9.16 40.60
CA VAL A 51 20.73 -8.60 41.75
C VAL A 51 19.81 -8.24 42.89
N ALA A 52 18.49 -8.37 42.72
CA ALA A 52 17.50 -8.08 43.76
C ALA A 52 17.66 -6.65 44.28
N PHE A 53 17.35 -5.71 43.38
CA PHE A 53 17.41 -4.30 43.70
C PHE A 53 16.07 -3.82 44.24
N SER A 54 16.12 -3.09 45.35
CA SER A 54 14.92 -2.59 46.02
C SER A 54 14.85 -1.09 45.85
N HIS A 55 13.87 -0.63 45.06
CA HIS A 55 13.67 0.81 44.91
C HIS A 55 13.16 1.43 46.21
N GLN A 56 12.45 0.67 47.02
CA GLN A 56 11.93 1.20 48.28
C GLN A 56 13.06 1.56 49.23
N LEU A 57 14.13 0.77 49.24
CA LEU A 57 15.25 1.04 50.13
C LEU A 57 16.07 2.22 49.63
N HIS A 58 16.23 2.36 48.32
CA HIS A 58 17.11 3.37 47.77
C HIS A 58 16.44 4.72 47.55
N VAL A 59 15.12 4.78 47.51
CA VAL A 59 14.39 6.02 47.29
C VAL A 59 13.72 6.52 48.56
N ASN A 60 12.98 5.64 49.25
CA ASN A 60 12.25 6.07 50.45
C ASN A 60 13.10 6.05 51.70
N VAL A 61 14.16 5.23 51.73
CA VAL A 61 14.98 5.11 52.93
C VAL A 61 16.28 5.88 52.76
N VAL A 62 17.06 5.51 51.74
CA VAL A 62 18.34 6.19 51.51
C VAL A 62 18.11 7.60 50.96
N GLY A 63 17.16 7.75 50.04
CA GLY A 63 16.80 9.05 49.54
C GLY A 63 17.56 9.49 48.30
N ILE A 64 17.71 8.58 47.34
CA ILE A 64 18.41 8.88 46.09
C ILE A 64 17.40 9.40 45.08
N ASP A 65 17.77 10.48 44.37
CA ASP A 65 16.91 11.00 43.33
C ASP A 65 16.88 10.06 42.13
N CYS A 66 15.77 10.13 41.38
CA CYS A 66 15.63 9.26 40.21
C CYS A 66 16.63 9.62 39.12
N ARG A 67 16.92 10.91 38.96
CA ARG A 67 17.87 11.35 37.95
C ARG A 67 19.31 10.98 38.30
N TYR A 68 19.59 10.60 39.54
CA TYR A 68 20.89 10.07 39.90
C TYR A 68 21.18 8.75 39.20
N CYS A 69 20.13 8.04 38.78
CA CYS A 69 20.28 6.72 38.18
C CYS A 69 19.78 6.68 36.74
N HIS A 70 18.59 7.22 36.48
CA HIS A 70 18.08 7.32 35.11
C HIS A 70 18.34 8.75 34.61
N THR A 71 19.62 9.00 34.31
CA THR A 71 20.10 10.34 34.03
C THR A 71 19.68 10.86 32.67
N SER A 72 19.19 10.01 31.77
CA SER A 72 18.90 10.40 30.40
C SER A 72 17.40 10.50 30.12
N VAL A 73 16.59 10.67 31.15
CA VAL A 73 15.15 10.59 30.96
C VAL A 73 14.58 11.90 30.43
N ASP A 74 15.13 13.05 30.82
CA ASP A 74 14.63 14.35 30.38
C ASP A 74 15.37 14.89 29.16
N GLN A 75 16.23 14.08 28.56
CA GLN A 75 17.03 14.52 27.41
C GLN A 75 16.85 13.66 26.17
N SER A 76 16.50 12.39 26.32
CA SER A 76 16.36 11.49 25.18
C SER A 76 15.09 10.67 25.34
N TYR A 77 14.82 9.83 24.34
CA TYR A 77 13.69 8.92 24.40
C TYR A 77 13.91 7.79 25.40
N PHE A 78 15.15 7.58 25.83
CA PHE A 78 15.54 6.43 26.64
C PHE A 78 15.91 6.87 28.05
N ALA A 79 15.27 6.27 29.04
CA ALA A 79 15.66 6.48 30.43
C ALA A 79 16.85 5.57 30.75
N ASN A 80 17.98 6.16 31.11
CA ASN A 80 19.20 5.40 31.29
C ASN A 80 19.04 4.38 32.41
N ILE A 81 19.55 3.18 32.17
CA ILE A 81 19.62 2.14 33.20
C ILE A 81 21.00 2.25 33.84
N PRO A 82 21.09 2.31 35.17
CA PRO A 82 22.37 2.65 35.81
C PRO A 82 23.46 1.64 35.50
N ALA A 83 24.64 2.15 35.14
CA ALA A 83 25.79 1.31 34.95
C ALA A 83 26.31 0.83 36.31
N THR A 84 27.18 -0.18 36.27
CA THR A 84 27.76 -0.71 37.51
C THR A 84 28.61 0.32 38.23
N GLU A 85 29.07 1.36 37.53
CA GLU A 85 29.85 2.41 38.17
C GLU A 85 29.03 3.14 39.23
N THR A 86 27.76 3.41 38.92
CA THR A 86 26.91 4.11 39.88
C THR A 86 26.67 3.26 41.13
N CYS A 87 26.56 1.94 40.96
CA CYS A 87 26.38 1.06 42.11
C CYS A 87 27.66 0.96 42.93
N MET A 88 28.81 0.88 42.26
CA MET A 88 30.08 0.77 42.97
C MET A 88 30.47 2.07 43.65
N THR A 89 29.89 3.20 43.24
CA THR A 89 30.17 4.47 43.89
C THR A 89 29.82 4.42 45.37
N CYS A 90 28.78 3.66 45.72
CA CYS A 90 28.36 3.50 47.10
C CYS A 90 28.77 2.16 47.70
N HIS A 91 28.62 1.07 46.95
CA HIS A 91 28.85 -0.27 47.48
C HIS A 91 30.33 -0.67 47.46
N SER A 92 31.23 0.24 47.10
CA SER A 92 32.65 -0.01 47.34
C SER A 92 32.99 0.10 48.82
N GLN A 93 32.12 0.73 49.61
CA GLN A 93 32.34 0.89 51.04
C GLN A 93 31.12 0.41 51.82
N ILE A 94 29.94 0.51 51.22
CA ILE A 94 28.69 0.12 51.87
C ILE A 94 28.42 -1.35 51.60
N LYS A 95 28.24 -2.12 52.67
CA LYS A 95 27.86 -3.53 52.58
C LYS A 95 28.82 -4.31 51.68
N THR A 96 30.09 -3.90 51.67
CA THR A 96 31.09 -4.62 50.89
C THR A 96 31.32 -6.00 51.49
N TYR A 97 31.73 -6.94 50.63
CA TYR A 97 31.91 -8.33 51.02
C TYR A 97 30.60 -8.94 51.53
N SER A 98 29.53 -8.75 50.76
CA SER A 98 28.21 -9.27 51.06
C SER A 98 27.70 -10.11 49.89
N PRO A 99 26.94 -11.17 50.16
CA PRO A 99 26.48 -12.04 49.06
C PRO A 99 25.48 -11.37 48.13
N LEU A 100 24.63 -10.47 48.65
CA LEU A 100 23.62 -9.85 47.81
C LEU A 100 24.21 -8.95 46.73
N LEU A 101 25.44 -8.48 46.91
CA LEU A 101 26.11 -7.62 45.95
C LEU A 101 27.20 -8.34 45.16
N GLU A 102 27.20 -9.67 45.19
CA GLU A 102 28.25 -10.44 44.53
C GLU A 102 28.26 -10.19 43.03
N LYS A 103 27.07 -10.21 42.40
CA LYS A 103 26.97 -9.99 40.97
C LYS A 103 27.48 -8.60 40.59
N VAL A 104 27.14 -7.59 41.40
CA VAL A 104 27.58 -6.23 41.10
C VAL A 104 29.10 -6.12 41.23
N ARG A 105 29.68 -6.82 42.19
CA ARG A 105 31.13 -6.82 42.34
C ARG A 105 31.82 -7.70 41.31
N GLU A 106 31.13 -8.69 40.74
CA GLU A 106 31.73 -9.48 39.67
C GLU A 106 31.85 -8.65 38.39
N SER A 107 30.83 -7.86 38.08
CA SER A 107 30.97 -6.83 37.06
C SER A 107 31.92 -5.74 37.58
N TYR A 108 32.16 -4.73 36.74
CA TYR A 108 33.09 -3.63 37.04
C TYR A 108 34.53 -4.14 37.15
N ALA A 109 34.73 -5.33 37.71
CA ALA A 109 36.02 -6.00 37.62
C ALA A 109 36.22 -6.63 36.25
N THR A 110 35.18 -7.30 35.74
CA THR A 110 35.14 -7.76 34.36
C THR A 110 34.09 -6.96 33.60
N GLY A 111 34.31 -6.83 32.29
CA GLY A 111 33.44 -6.02 31.45
C GLY A 111 32.03 -6.55 31.27
N LYS A 112 31.69 -7.67 31.87
CA LYS A 112 30.37 -8.25 31.67
C LYS A 112 29.30 -7.35 32.30
N PRO A 113 28.15 -7.20 31.64
CA PRO A 113 27.08 -6.36 32.20
C PRO A 113 26.19 -7.12 33.16
N ILE A 114 25.21 -6.43 33.73
CA ILE A 114 24.19 -7.06 34.56
C ILE A 114 22.92 -7.18 33.74
N GLU A 115 22.44 -8.41 33.58
CA GLU A 115 21.33 -8.70 32.67
C GLU A 115 20.01 -8.56 33.43
N TRP A 116 19.59 -7.31 33.63
CA TRP A 116 18.29 -7.06 34.21
C TRP A 116 17.18 -7.44 33.23
N VAL A 117 15.99 -7.68 33.77
CA VAL A 117 14.82 -8.04 32.98
C VAL A 117 13.95 -6.80 32.82
N LYS A 118 13.49 -6.55 31.60
CA LYS A 118 12.65 -5.39 31.31
C LYS A 118 11.25 -5.65 31.82
N VAL A 119 10.76 -4.74 32.67
CA VAL A 119 9.38 -4.82 33.15
C VAL A 119 8.42 -4.15 32.18
N TYR A 120 8.72 -2.92 31.77
CA TYR A 120 7.90 -2.19 30.81
C TYR A 120 8.45 -2.46 29.41
N ASP A 121 7.68 -3.21 28.62
CA ASP A 121 8.12 -3.69 27.32
C ASP A 121 7.21 -3.13 26.23
N LEU A 122 7.81 -2.80 25.09
CA LEU A 122 7.09 -2.28 23.94
C LEU A 122 7.45 -3.07 22.71
N PRO A 123 6.50 -3.27 21.79
CA PRO A 123 6.75 -4.13 20.62
C PRO A 123 7.61 -3.48 19.54
N ASN A 124 8.53 -2.60 19.91
CA ASN A 124 9.57 -2.08 19.02
C ASN A 124 9.05 -1.33 17.79
N PHE A 125 7.75 -1.34 17.54
CA PHE A 125 7.15 -0.48 16.52
C PHE A 125 6.33 0.64 17.15
N VAL A 126 6.68 1.03 18.37
CA VAL A 126 5.92 2.00 19.15
C VAL A 126 6.66 3.33 19.27
N TYR A 127 7.97 3.28 19.53
CA TYR A 127 8.81 4.47 19.62
C TYR A 127 8.31 5.45 20.67
N PHE A 128 8.59 5.17 21.93
CA PHE A 128 8.23 6.08 23.02
C PHE A 128 9.38 7.05 23.28
N ASN A 129 9.03 8.20 23.84
CA ASN A 129 9.99 9.27 24.11
C ASN A 129 9.76 9.81 25.51
N HIS A 130 10.71 9.57 26.42
CA HIS A 130 10.57 10.04 27.80
C HIS A 130 10.75 11.55 27.90
N SER A 131 11.56 12.16 27.03
CA SER A 131 11.91 13.56 27.19
C SER A 131 10.70 14.47 26.96
N ILE A 132 9.95 14.22 25.89
CA ILE A 132 8.82 15.08 25.57
C ILE A 132 7.71 14.95 26.62
N HIS A 133 7.52 13.75 27.16
CA HIS A 133 6.48 13.56 28.17
C HIS A 133 6.84 14.26 29.47
N VAL A 134 8.11 14.14 29.91
CA VAL A 134 8.52 14.76 31.17
C VAL A 134 8.49 16.28 31.06
N ASN A 135 8.99 16.82 29.94
CA ASN A 135 9.05 18.27 29.76
C ASN A 135 7.67 18.91 29.59
N LYS A 136 6.62 18.13 29.34
CA LYS A 136 5.28 18.65 29.16
C LYS A 136 4.40 18.42 30.39
N GLY A 137 5.00 18.20 31.55
CA GLY A 137 4.25 18.07 32.78
C GLY A 137 3.53 16.74 32.97
N ILE A 138 4.27 15.64 32.82
CA ILE A 138 3.74 14.30 33.04
C ILE A 138 4.70 13.57 33.96
N GLY A 139 4.19 13.09 35.09
CA GLY A 139 5.03 12.46 36.08
C GLY A 139 5.09 10.96 35.97
N CYS A 140 6.08 10.37 36.65
CA CYS A 140 6.21 8.93 36.69
C CYS A 140 5.08 8.26 37.46
N SER A 141 4.41 9.00 38.35
CA SER A 141 3.31 8.42 39.12
C SER A 141 2.15 8.03 38.22
N THR A 142 1.85 8.84 37.21
CA THR A 142 0.74 8.56 36.29
C THR A 142 1.08 7.44 35.31
N CYS A 143 2.34 7.00 35.25
CA CYS A 143 2.75 5.98 34.28
C CYS A 143 3.29 4.74 34.99
N HIS A 144 4.40 4.86 35.71
CA HIS A 144 5.00 3.72 36.40
C HIS A 144 4.45 3.51 37.81
N GLY A 145 3.59 4.41 38.28
CA GLY A 145 3.02 4.27 39.61
C GLY A 145 3.95 4.79 40.70
N GLN A 146 3.75 4.27 41.90
CA GLN A 146 4.56 4.65 43.07
C GLN A 146 5.79 3.76 43.15
N VAL A 147 6.74 4.02 42.24
CA VAL A 147 7.95 3.22 42.16
C VAL A 147 8.80 3.39 43.41
N ASN A 148 8.66 4.53 44.09
CA ASN A 148 9.48 4.79 45.27
C ASN A 148 9.21 3.81 46.40
N ASN A 149 8.10 3.09 46.36
CA ASN A 149 7.73 2.16 47.43
C ASN A 149 7.68 0.71 46.95
N MET A 150 8.37 0.39 45.85
CA MET A 150 8.35 -0.96 45.33
C MET A 150 9.64 -1.67 45.69
N PRO A 151 9.62 -2.67 46.58
CA PRO A 151 10.83 -3.50 46.77
C PRO A 151 11.19 -4.26 45.51
N VAL A 152 10.18 -4.72 44.76
CA VAL A 152 10.37 -5.31 43.44
C VAL A 152 9.44 -4.59 42.48
N VAL A 153 9.97 -4.17 41.33
CA VAL A 153 9.22 -3.36 40.39
C VAL A 153 8.25 -4.26 39.61
N TRP A 154 7.01 -3.80 39.48
CA TRP A 154 6.00 -4.48 38.69
C TRP A 154 5.36 -3.51 37.71
N GLN A 155 4.76 -4.04 36.65
CA GLN A 155 4.10 -3.23 35.66
C GLN A 155 2.74 -2.79 36.20
N GLN A 156 2.56 -1.47 36.37
CA GLN A 156 1.36 -0.96 37.02
C GLN A 156 0.11 -1.22 36.19
N GLN A 157 0.23 -1.12 34.87
CA GLN A 157 -0.87 -1.44 33.97
C GLN A 157 -0.29 -1.75 32.59
N ALA A 158 -1.06 -2.47 31.80
CA ALA A 158 -0.60 -2.88 30.48
C ALA A 158 -0.53 -1.68 29.55
N LEU A 159 0.50 -1.66 28.70
CA LEU A 159 0.74 -0.54 27.78
C LEU A 159 -0.04 -0.76 26.49
N TYR A 160 -1.36 -0.62 26.61
CA TYR A 160 -2.24 -0.72 25.45
C TYR A 160 -2.12 0.54 24.59
N MET A 161 -2.72 0.48 23.39
CA MET A 161 -2.76 1.66 22.55
C MET A 161 -3.83 2.64 23.00
N GLY A 162 -4.99 2.12 23.42
CA GLY A 162 -6.02 2.97 24.00
C GLY A 162 -5.58 3.67 25.27
N TRP A 163 -4.61 3.11 25.99
CA TRP A 163 -4.09 3.79 27.18
C TRP A 163 -3.33 5.06 26.80
N CYS A 164 -2.51 4.98 25.75
CA CYS A 164 -1.87 6.19 25.24
C CYS A 164 -2.89 7.14 24.63
N LEU A 165 -3.87 6.59 23.90
CA LEU A 165 -4.88 7.43 23.27
C LEU A 165 -5.73 8.16 24.28
N ASN A 166 -5.90 7.60 25.47
CA ASN A 166 -6.72 8.25 26.49
C ASN A 166 -6.10 9.55 26.96
N CYS A 167 -4.79 9.56 27.20
CA CYS A 167 -4.12 10.78 27.60
C CYS A 167 -3.96 11.73 26.41
N HIS A 168 -3.64 11.19 25.23
CA HIS A 168 -3.42 12.05 24.07
C HIS A 168 -4.71 12.77 23.66
N ARG A 169 -5.84 12.09 23.76
CA ARG A 169 -7.11 12.72 23.42
C ARG A 169 -7.63 13.63 24.54
N ASN A 170 -7.33 13.29 25.80
CA ASN A 170 -7.79 14.07 26.95
C ASN A 170 -6.62 14.29 27.91
N PRO A 171 -5.69 15.18 27.56
CA PRO A 171 -4.54 15.42 28.44
C PRO A 171 -4.84 16.34 29.62
N GLU A 172 -6.02 16.97 29.66
CA GLU A 172 -6.35 17.87 30.76
C GLU A 172 -6.46 17.10 32.08
N LEU A 173 -6.75 15.80 32.02
CA LEU A 173 -6.97 15.04 33.23
C LEU A 173 -5.69 14.57 33.90
N TYR A 174 -4.59 14.47 33.16
CA TYR A 174 -3.36 13.87 33.69
C TYR A 174 -2.15 14.80 33.69
N VAL A 175 -2.28 16.02 33.19
CA VAL A 175 -1.14 16.94 33.15
C VAL A 175 -0.87 17.48 34.55
N ARG A 176 0.40 17.74 34.83
CA ARG A 176 0.86 18.21 36.13
C ARG A 176 1.78 19.40 35.95
N PRO A 177 1.89 20.29 36.96
CA PRO A 177 2.65 21.54 36.78
C PRO A 177 4.15 21.43 37.06
N ARG A 178 4.83 20.64 36.22
CA ARG A 178 6.29 20.56 36.20
C ARG A 178 6.88 20.23 37.57
N GLU A 179 6.23 19.33 38.30
CA GLU A 179 6.83 18.76 39.49
C GLU A 179 6.88 17.25 39.37
N GLU A 180 7.32 16.77 38.21
CA GLU A 180 7.27 15.37 37.84
C GLU A 180 8.45 14.55 38.36
N VAL A 181 9.66 15.14 38.35
CA VAL A 181 10.85 14.38 38.72
C VAL A 181 10.76 13.91 40.18
N TYR A 182 10.41 14.82 41.07
CA TYR A 182 10.12 14.47 42.45
C TYR A 182 8.61 14.49 42.66
N ASN A 183 8.19 14.67 43.91
CA ASN A 183 6.77 14.74 44.25
C ASN A 183 6.01 13.50 43.78
N MET A 184 6.59 12.33 44.05
CA MET A 184 5.84 11.10 43.86
C MET A 184 4.62 11.04 44.78
N ASP A 185 4.68 11.77 45.90
CA ASP A 185 3.55 11.93 46.79
C ASP A 185 2.52 12.91 46.25
N TYR A 186 2.89 13.73 45.28
CA TYR A 186 1.93 14.66 44.68
C TYR A 186 0.81 13.87 43.99
N VAL A 187 -0.41 14.39 44.10
CA VAL A 187 -1.58 13.73 43.52
C VAL A 187 -2.42 14.78 42.83
N PRO A 188 -3.23 14.38 41.85
CA PRO A 188 -4.05 15.35 41.10
C PRO A 188 -4.92 16.18 42.03
N PRO A 189 -4.88 17.49 41.91
CA PRO A 189 -5.72 18.35 42.76
C PRO A 189 -7.20 18.13 42.47
N SER A 190 -8.03 18.65 43.37
CA SER A 190 -9.48 18.50 43.22
C SER A 190 -9.97 19.21 41.96
N ASN A 191 -9.38 20.36 41.63
CA ASN A 191 -9.75 21.11 40.43
C ASN A 191 -8.76 20.83 39.30
N GLN A 192 -8.67 19.55 38.94
CA GLN A 192 -7.70 19.14 37.92
C GLN A 192 -8.09 19.62 36.54
N LEU A 193 -9.40 19.72 36.26
CA LEU A 193 -9.84 20.13 34.93
C LEU A 193 -9.45 21.57 34.63
N GLU A 194 -9.68 22.47 35.59
CA GLU A 194 -9.31 23.88 35.38
C GLU A 194 -7.80 24.04 35.27
N ILE A 195 -7.05 23.44 36.20
CA ILE A 195 -5.60 23.51 36.14
C ILE A 195 -5.08 22.84 34.88
N GLY A 196 -5.71 21.72 34.48
CA GLY A 196 -5.26 21.01 33.31
C GLY A 196 -5.44 21.79 32.02
N ARG A 197 -6.60 22.42 31.85
CA ARG A 197 -6.84 23.22 30.65
C ARG A 197 -5.89 24.40 30.58
N GLN A 198 -5.60 25.02 31.73
CA GLN A 198 -4.64 26.12 31.77
C GLN A 198 -3.24 25.64 31.44
N LEU A 199 -2.86 24.46 31.94
CA LEU A 199 -1.53 23.93 31.66
C LEU A 199 -1.38 23.54 30.20
N VAL A 200 -2.44 23.00 29.60
CA VAL A 200 -2.40 22.64 28.19
C VAL A 200 -2.21 23.88 27.33
N ALA A 201 -2.88 24.98 27.70
CA ALA A 201 -2.74 26.22 26.95
C ALA A 201 -1.37 26.85 27.17
N GLU A 202 -0.84 26.75 28.39
CA GLU A 202 0.46 27.38 28.67
C GLU A 202 1.61 26.59 28.06
N TYR A 203 1.57 25.26 28.16
CA TYR A 203 2.64 24.43 27.62
C TYR A 203 2.48 24.15 26.13
N GLY A 204 1.37 24.54 25.53
CA GLY A 204 1.19 24.33 24.11
C GLY A 204 1.01 22.88 23.72
N ILE A 205 0.41 22.07 24.57
CA ILE A 205 0.10 20.69 24.21
C ILE A 205 -0.86 20.69 23.03
N MET A 206 -0.47 20.03 21.94
CA MET A 206 -1.22 20.12 20.70
C MET A 206 -2.57 19.40 20.83
N PRO A 207 -3.55 19.80 20.03
CA PRO A 207 -4.89 19.20 20.14
C PRO A 207 -4.88 17.72 19.77
N PRO A 208 -5.98 17.01 20.04
CA PRO A 208 -6.01 15.57 19.72
C PRO A 208 -5.89 15.25 18.25
N ASP A 209 -6.06 16.23 17.35
CA ASP A 209 -5.99 15.94 15.92
C ASP A 209 -4.61 15.45 15.51
N GLN A 210 -3.55 16.07 16.04
CA GLN A 210 -2.20 15.63 15.72
C GLN A 210 -1.76 14.47 16.59
N LEU A 211 -2.03 14.54 17.90
CA LEU A 211 -1.53 13.53 18.82
C LEU A 211 -2.12 12.15 18.56
N THR A 212 -3.23 12.07 17.82
CA THR A 212 -3.82 10.78 17.47
C THR A 212 -3.33 10.26 16.12
N ASN A 213 -2.38 10.96 15.48
CA ASN A 213 -1.85 10.49 14.21
C ASN A 213 -1.02 9.23 14.41
N CYS A 214 -0.94 8.43 13.34
CA CYS A 214 -0.26 7.16 13.43
C CYS A 214 1.25 7.34 13.58
N TYR A 215 1.83 8.27 12.83
CA TYR A 215 3.28 8.43 12.80
C TYR A 215 3.84 9.12 14.03
N VAL A 216 3.00 9.60 14.94
CA VAL A 216 3.50 10.09 16.22
C VAL A 216 4.13 8.94 17.00
N CYS A 217 3.62 7.73 16.82
CA CYS A 217 4.15 6.55 17.50
C CYS A 217 4.80 5.59 16.52
N HIS A 218 4.01 4.92 15.69
CA HIS A 218 4.56 3.93 14.77
C HIS A 218 5.32 4.60 13.64
N ARG A 219 6.41 3.96 13.22
CA ARG A 219 7.22 4.46 12.12
C ARG A 219 7.66 3.30 11.24
N ALA B 75 4.35 -19.29 24.12
CA ALA B 75 2.95 -19.49 23.78
C ALA B 75 2.06 -18.48 24.53
N CYS B 76 2.48 -18.10 25.72
CA CYS B 76 1.73 -17.19 26.57
C CYS B 76 2.55 -15.93 26.85
N THR B 77 2.01 -15.08 27.71
CA THR B 77 2.65 -13.87 28.23
C THR B 77 2.94 -12.82 27.14
N TYR B 78 2.34 -12.96 25.95
CA TYR B 78 2.35 -11.91 24.93
C TYR B 78 3.75 -11.62 24.38
N GLN B 79 4.74 -11.49 25.25
CA GLN B 79 6.11 -11.18 24.86
C GLN B 79 7.06 -11.92 25.79
N PRO B 80 8.28 -12.24 25.31
CA PRO B 80 9.25 -12.92 26.19
C PRO B 80 9.80 -12.00 27.27
N ARG B 81 10.93 -12.38 27.86
CA ARG B 81 11.46 -11.60 28.97
C ARG B 81 12.14 -10.32 28.50
N GLN B 82 12.90 -10.39 27.39
CA GLN B 82 13.64 -9.26 26.86
C GLN B 82 14.56 -8.65 27.90
N TYR B 83 15.77 -9.19 28.04
CA TYR B 83 16.72 -8.65 29.00
C TYR B 83 17.32 -7.34 28.49
N ILE B 84 17.96 -6.62 29.40
CA ILE B 84 18.60 -5.34 29.10
C ILE B 84 19.96 -5.32 29.79
N ALA B 85 21.00 -4.99 29.03
CA ALA B 85 22.37 -5.02 29.52
C ALA B 85 23.00 -3.64 29.39
N PRO B 86 23.06 -2.86 30.48
CA PRO B 86 23.68 -1.53 30.39
C PRO B 86 25.19 -1.59 30.49
N PHE B 87 25.82 -0.44 30.69
CA PHE B 87 27.27 -0.37 30.78
C PHE B 87 27.74 -0.76 32.17
N ASP B 88 29.06 -0.80 32.35
CA ASP B 88 29.67 -0.82 33.67
C ASP B 88 30.33 0.51 34.02
N ARG B 89 30.77 1.26 33.02
CA ARG B 89 31.25 2.62 33.17
C ARG B 89 30.70 3.45 32.02
N GLN B 90 30.01 4.54 32.34
CA GLN B 90 29.34 5.31 31.32
C GLN B 90 30.34 6.10 30.49
N PRO B 91 30.12 6.21 29.17
CA PRO B 91 30.93 7.13 28.37
C PRO B 91 30.70 8.57 28.83
N GLU B 92 31.77 9.37 28.77
CA GLU B 92 31.75 10.70 29.38
C GLU B 92 30.79 11.63 28.66
N GLY B 93 30.87 11.69 27.33
CA GLY B 93 30.11 12.65 26.55
C GLY B 93 28.92 12.12 25.80
N ARG B 94 28.45 10.91 26.11
CA ARG B 94 27.33 10.30 25.41
C ARG B 94 26.09 10.32 26.29
N VAL B 95 24.98 10.79 25.73
CA VAL B 95 23.67 10.69 26.36
C VAL B 95 22.96 9.47 25.77
N PRO B 96 22.61 8.47 26.56
CA PRO B 96 22.01 7.24 26.02
C PRO B 96 20.74 7.54 25.24
N GLY B 97 20.64 6.96 24.04
CA GLY B 97 19.51 7.20 23.17
C GLY B 97 19.63 8.42 22.28
N ILE B 98 20.76 9.12 22.31
CA ILE B 98 20.99 10.28 21.45
C ILE B 98 22.12 9.97 20.48
N PRO B 99 21.87 9.91 19.18
CA PRO B 99 22.97 9.68 18.24
C PRO B 99 23.89 10.89 18.17
N GLN B 100 25.14 10.61 17.85
CA GLN B 100 26.17 11.64 17.71
C GLN B 100 26.75 11.59 16.30
N TYR B 101 27.44 12.67 15.93
CA TYR B 101 28.05 12.78 14.61
C TYR B 101 29.54 13.01 14.76
N PHE B 102 30.31 12.35 13.90
CA PHE B 102 31.76 12.49 13.87
C PHE B 102 32.20 12.82 12.45
N ALA B 103 33.28 13.59 12.35
CA ALA B 103 33.83 14.04 11.08
C ALA B 103 34.98 13.12 10.68
N SER B 104 34.79 12.37 9.59
CA SER B 104 35.82 11.49 9.08
C SER B 104 36.06 11.75 7.60
N THR B 105 36.74 10.84 6.91
CA THR B 105 37.05 10.99 5.50
C THR B 105 36.97 9.64 4.82
N LEU B 106 36.37 9.62 3.63
CA LEU B 106 36.25 8.42 2.83
C LEU B 106 36.95 8.64 1.50
N THR B 107 37.80 7.70 1.10
CA THR B 107 38.58 7.82 -0.12
C THR B 107 38.00 6.92 -1.20
N LEU B 108 37.97 7.43 -2.43
CA LEU B 108 37.48 6.65 -3.57
C LEU B 108 38.64 6.06 -4.34
N GLY B 109 39.37 6.91 -5.07
CA GLY B 109 40.54 6.46 -5.81
C GLY B 109 41.81 7.02 -5.23
N GLY B 110 41.90 7.05 -3.90
CA GLY B 110 43.01 7.64 -3.20
C GLY B 110 42.78 9.08 -2.76
N TYR B 111 41.79 9.75 -3.33
CA TYR B 111 41.46 11.11 -2.96
C TYR B 111 40.36 11.11 -1.91
N GLY B 112 40.52 11.95 -0.89
CA GLY B 112 39.61 11.92 0.24
C GLY B 112 38.33 12.74 0.01
N THR B 113 37.34 12.45 0.85
CA THR B 113 36.07 13.16 0.83
C THR B 113 35.56 13.25 2.26
N GLY B 114 35.39 14.47 2.76
CA GLY B 114 34.96 14.65 4.14
C GLY B 114 33.52 14.21 4.32
N VAL B 115 33.27 13.36 5.31
CA VAL B 115 31.94 12.83 5.56
C VAL B 115 31.58 13.05 7.03
N LEU B 116 30.30 13.31 7.26
CA LEU B 116 29.75 13.41 8.62
C LEU B 116 28.98 12.12 8.89
N VAL B 117 29.54 11.25 9.72
CA VAL B 117 29.01 9.92 9.96
C VAL B 117 28.36 9.87 11.34
N ARG B 118 27.22 9.19 11.43
CA ARG B 118 26.40 9.16 12.63
C ARG B 118 26.66 7.87 13.42
N SER B 119 26.98 8.03 14.69
CA SER B 119 27.16 6.91 15.62
C SER B 119 25.98 6.89 16.58
N ASN B 120 25.21 5.80 16.56
CA ASN B 120 24.03 5.71 17.41
C ASN B 120 24.42 5.45 18.87
N GLU B 121 25.07 4.32 19.12
CA GLU B 121 25.58 3.97 20.44
C GLU B 121 27.01 3.47 20.34
N GLY B 122 27.82 4.20 19.58
CA GLY B 122 29.18 3.78 19.28
C GLY B 122 29.32 2.96 18.01
N ARG B 123 28.30 2.93 17.16
CA ARG B 123 28.32 2.15 15.93
C ARG B 123 27.97 3.06 14.76
N PRO B 124 28.74 3.03 13.67
CA PRO B 124 28.36 3.82 12.49
C PRO B 124 27.12 3.24 11.83
N THR B 125 26.21 4.14 11.45
CA THR B 125 24.95 3.74 10.82
C THR B 125 24.64 4.53 9.56
N LYS B 126 24.92 5.83 9.54
CA LYS B 126 24.60 6.67 8.41
C LYS B 126 25.78 7.56 8.09
N VAL B 127 25.97 7.83 6.79
CA VAL B 127 27.03 8.72 6.30
C VAL B 127 26.37 9.85 5.52
N GLU B 128 26.76 11.08 5.82
CA GLU B 128 26.25 12.25 5.12
C GLU B 128 27.41 13.19 4.81
N GLY B 129 27.10 14.29 4.12
CA GLY B 129 28.13 15.20 3.69
C GLY B 129 28.63 16.10 4.81
N ASN B 130 29.87 16.56 4.64
CA ASN B 130 30.50 17.47 5.59
C ASN B 130 30.49 18.87 5.00
N PRO B 131 29.57 19.74 5.42
CA PRO B 131 29.47 21.07 4.79
C PRO B 131 30.75 21.89 4.88
N ARG B 132 31.65 21.57 5.81
CA ARG B 132 32.88 22.33 5.98
C ARG B 132 34.01 21.84 5.08
N HIS B 133 33.81 20.74 4.36
CA HIS B 133 34.87 20.13 3.57
C HIS B 133 34.65 20.41 2.10
N PRO B 134 35.66 20.93 1.39
CA PRO B 134 35.55 21.01 -0.07
C PRO B 134 35.46 19.62 -0.66
N ALA B 135 34.80 19.53 -1.81
CA ALA B 135 34.51 18.28 -2.52
C ALA B 135 33.44 17.46 -1.83
N SER B 136 32.75 18.02 -0.82
CA SER B 136 31.63 17.35 -0.18
C SER B 136 30.78 18.38 0.56
N LEU B 137 30.42 19.45 -0.12
CA LEU B 137 29.67 20.53 0.52
C LEU B 137 28.25 20.08 0.89
N GLY B 138 28.14 19.20 1.87
CA GLY B 138 26.83 18.68 2.21
C GLY B 138 26.33 17.59 1.28
N GLY B 139 27.22 16.93 0.54
CA GLY B 139 26.81 15.92 -0.42
C GLY B 139 27.80 14.77 -0.44
N THR B 140 27.29 13.61 -0.85
CA THR B 140 28.09 12.39 -0.92
C THR B 140 27.79 11.66 -2.22
N ASP B 141 28.68 10.73 -2.57
CA ASP B 141 28.47 9.83 -3.68
C ASP B 141 27.96 8.49 -3.16
N LEU B 142 27.54 7.64 -4.10
CA LEU B 142 26.93 6.36 -3.74
C LEU B 142 27.90 5.47 -2.96
N PHE B 143 29.21 5.61 -3.20
CA PHE B 143 30.17 4.77 -2.50
C PHE B 143 30.32 5.19 -1.04
N ALA B 144 30.24 6.49 -0.77
CA ALA B 144 30.29 6.96 0.61
C ALA B 144 29.06 6.52 1.39
N GLN B 145 27.91 6.40 0.72
CA GLN B 145 26.72 5.91 1.39
C GLN B 145 26.78 4.40 1.62
N ALA B 146 27.37 3.67 0.67
CA ALA B 146 27.43 2.22 0.75
C ALA B 146 28.59 1.70 1.61
N GLU B 147 29.51 2.58 2.00
CA GLU B 147 30.59 2.15 2.88
C GLU B 147 30.08 1.66 4.23
N ILE B 148 28.85 2.04 4.59
CA ILE B 148 28.25 1.53 5.83
C ILE B 148 28.09 0.02 5.75
N LEU B 149 27.41 -0.45 4.69
CA LEU B 149 27.20 -1.89 4.52
C LEU B 149 28.50 -2.62 4.18
N THR B 150 29.44 -1.93 3.52
CA THR B 150 30.73 -2.55 3.20
C THR B 150 31.49 -2.88 4.47
N MET B 151 31.38 -2.02 5.50
CA MET B 151 32.04 -2.30 6.76
C MET B 151 31.37 -3.45 7.49
N TYR B 152 30.04 -3.57 7.38
CA TYR B 152 29.28 -4.61 8.04
C TYR B 152 29.16 -5.88 7.21
N ASP B 153 30.07 -6.11 6.27
CA ASP B 153 30.04 -7.34 5.48
C ASP B 153 30.45 -8.52 6.36
N PRO B 154 29.69 -9.61 6.34
CA PRO B 154 30.08 -10.79 7.12
C PRO B 154 31.25 -11.56 6.51
N ASP B 155 31.75 -11.16 5.34
CA ASP B 155 32.84 -11.82 4.67
C ASP B 155 34.16 -11.08 4.80
N ARG B 156 34.22 -10.05 5.65
CA ARG B 156 35.47 -9.35 5.87
C ARG B 156 36.44 -10.23 6.64
N SER B 157 37.73 -10.04 6.36
CA SER B 157 38.76 -10.86 6.97
C SER B 157 38.80 -10.63 8.48
N THR B 158 38.95 -11.74 9.23
CA THR B 158 38.94 -11.69 10.69
C THR B 158 40.24 -12.12 11.34
N THR B 159 41.11 -12.83 10.62
CA THR B 159 42.33 -13.36 11.22
C THR B 159 43.47 -13.32 10.21
N VAL B 160 44.69 -13.36 10.73
CA VAL B 160 45.88 -13.42 9.90
C VAL B 160 46.04 -14.84 9.37
N LEU B 161 46.35 -14.96 8.08
CA LEU B 161 46.52 -16.25 7.42
C LEU B 161 47.92 -16.35 6.85
N ARG B 162 48.74 -17.25 7.41
CA ARG B 162 50.08 -17.45 6.88
C ARG B 162 50.05 -18.07 5.50
N GLN B 163 49.28 -19.14 5.34
CA GLN B 163 49.12 -19.80 4.04
C GLN B 163 47.71 -20.36 3.95
N GLY B 164 46.71 -19.49 4.17
CA GLY B 164 45.36 -19.91 4.46
C GLY B 164 45.18 -20.43 5.87
N VAL B 165 46.26 -20.64 6.60
CA VAL B 165 46.17 -21.13 7.97
C VAL B 165 45.97 -19.94 8.91
N PRO B 166 45.04 -20.02 9.86
CA PRO B 166 44.94 -18.96 10.87
C PRO B 166 46.23 -18.85 11.68
N SER B 167 46.78 -17.64 11.73
CA SER B 167 48.00 -17.41 12.48
C SER B 167 47.85 -16.19 13.40
N THR B 168 48.97 -15.68 13.92
CA THR B 168 48.96 -14.56 14.84
C THR B 168 49.72 -13.37 14.26
N TRP B 169 49.59 -12.24 14.95
CA TRP B 169 50.27 -11.01 14.52
C TRP B 169 51.72 -10.97 14.98
N ALA B 170 52.02 -11.59 16.12
CA ALA B 170 53.40 -11.61 16.61
C ALA B 170 54.27 -12.52 15.75
N GLU B 171 53.70 -13.63 15.26
CA GLU B 171 54.45 -14.52 14.38
C GLU B 171 54.78 -13.83 13.06
N PHE B 172 53.83 -13.07 12.51
CA PHE B 172 54.08 -12.32 11.29
C PHE B 172 55.11 -11.23 11.51
N THR B 173 55.07 -10.58 12.67
CA THR B 173 56.05 -9.54 12.98
C THR B 173 57.46 -10.12 13.07
N THR B 174 57.61 -11.27 13.73
CA THR B 174 58.92 -11.90 13.80
C THR B 174 59.42 -12.35 12.44
N THR B 175 58.52 -12.86 11.60
CA THR B 175 58.91 -13.28 10.26
C THR B 175 59.29 -12.08 9.40
N LEU B 176 58.57 -10.97 9.56
CA LEU B 176 58.91 -9.77 8.80
C LEU B 176 60.26 -9.20 9.23
N GLY B 177 60.53 -9.19 10.54
CA GLY B 177 61.81 -8.70 11.01
C GLY B 177 62.97 -9.58 10.59
N ASN B 178 62.76 -10.89 10.54
CA ASN B 178 63.80 -11.79 10.07
C ASN B 178 64.02 -11.64 8.57
N ALA B 179 62.94 -11.44 7.81
CA ALA B 179 63.08 -11.25 6.37
C ALA B 179 63.75 -9.92 6.06
N LEU B 180 63.43 -8.88 6.83
CA LEU B 180 64.06 -7.58 6.61
C LEU B 180 65.50 -7.55 7.08
N THR B 181 65.88 -8.43 8.01
CA THR B 181 67.29 -8.55 8.37
C THR B 181 68.11 -9.06 7.20
N ALA B 182 67.58 -10.04 6.45
CA ALA B 182 68.25 -10.48 5.24
C ALA B 182 68.34 -9.35 4.22
N ALA B 183 67.29 -8.53 4.12
CA ALA B 183 67.33 -7.38 3.23
C ALA B 183 68.36 -6.35 3.69
N ARG B 184 68.61 -6.27 5.00
CA ARG B 184 69.59 -5.32 5.50
C ARG B 184 71.00 -5.68 5.03
N ALA B 185 71.25 -6.95 4.74
CA ALA B 185 72.54 -7.33 4.16
C ALA B 185 72.71 -6.73 2.77
N THR B 186 71.65 -6.76 1.97
CA THR B 186 71.59 -5.94 0.75
C THR B 186 71.17 -4.53 1.15
N GLN B 187 70.65 -3.76 0.20
CA GLN B 187 70.08 -2.45 0.52
C GLN B 187 68.57 -2.43 0.26
N GLY B 188 67.92 -3.59 0.39
CA GLY B 188 66.51 -3.71 0.08
C GLY B 188 66.20 -3.93 -1.39
N ALA B 189 67.16 -4.44 -2.16
CA ALA B 189 66.94 -4.63 -3.59
C ALA B 189 65.81 -5.61 -3.86
N GLY B 190 65.72 -6.66 -3.04
CA GLY B 190 64.62 -7.61 -3.18
C GLY B 190 63.30 -7.13 -2.62
N VAL B 191 63.32 -6.12 -1.74
CA VAL B 191 62.11 -5.60 -1.13
C VAL B 191 61.38 -4.71 -2.12
N ARG B 192 60.09 -4.99 -2.31
CA ARG B 192 59.26 -4.22 -3.23
C ARG B 192 57.92 -3.93 -2.58
N LEU B 193 57.39 -2.75 -2.82
CA LEU B 193 56.07 -2.35 -2.35
C LEU B 193 55.08 -2.34 -3.51
N LEU B 194 53.80 -2.24 -3.17
CA LEU B 194 52.76 -2.20 -4.20
C LEU B 194 51.47 -1.67 -3.53
N THR B 195 51.30 -0.36 -3.54
CA THR B 195 50.13 0.30 -2.99
C THR B 195 49.28 0.86 -4.13
N THR B 196 48.22 1.57 -3.76
CA THR B 196 47.36 2.24 -4.71
C THR B 196 47.77 3.71 -4.80
N THR B 197 46.86 4.56 -5.27
CA THR B 197 47.12 6.00 -5.34
C THR B 197 47.18 6.55 -3.92
N ILE B 198 48.39 6.82 -3.44
CA ILE B 198 48.62 7.23 -2.06
C ILE B 198 48.61 8.75 -1.98
N THR B 199 47.76 9.29 -1.12
CA THR B 199 47.74 10.73 -0.84
C THR B 199 47.88 11.05 0.63
N SER B 200 47.91 10.05 1.51
CA SER B 200 48.03 10.29 2.94
C SER B 200 49.43 10.80 3.27
N PRO B 201 49.56 11.98 3.88
CA PRO B 201 50.89 12.48 4.23
C PRO B 201 51.65 11.60 5.22
N SER B 202 50.94 10.97 6.17
CA SER B 202 51.61 10.12 7.14
C SER B 202 52.19 8.87 6.47
N LEU B 203 51.38 8.21 5.63
CA LEU B 203 51.88 7.03 4.93
C LEU B 203 52.99 7.37 3.96
N ALA B 204 52.87 8.52 3.27
CA ALA B 204 53.92 8.93 2.34
C ALA B 204 55.22 9.24 3.06
N ALA B 205 55.13 9.85 4.25
CA ALA B 205 56.34 10.15 5.01
C ALA B 205 56.99 8.89 5.55
N GLN B 206 56.18 7.91 5.96
CA GLN B 206 56.73 6.66 6.46
C GLN B 206 57.32 5.81 5.35
N ILE B 207 56.71 5.86 4.15
CA ILE B 207 57.28 5.15 3.01
C ILE B 207 58.59 5.78 2.59
N GLU B 208 58.67 7.11 2.61
CA GLU B 208 59.93 7.77 2.28
C GLU B 208 61.00 7.46 3.30
N GLN B 209 60.63 7.39 4.59
CA GLN B 209 61.59 7.02 5.62
C GLN B 209 62.06 5.58 5.43
N PHE B 210 61.15 4.68 5.06
CA PHE B 210 61.53 3.31 4.77
C PHE B 210 62.44 3.23 3.55
N LEU B 211 62.23 4.11 2.56
CA LEU B 211 63.11 4.14 1.40
C LEU B 211 64.48 4.69 1.73
N GLN B 212 64.56 5.66 2.66
CA GLN B 212 65.86 6.12 3.12
C GLN B 212 66.61 5.03 3.89
N ALA B 213 65.88 4.20 4.63
CA ALA B 213 66.51 3.09 5.34
C ALA B 213 66.96 1.99 4.39
N TYR B 214 66.20 1.75 3.32
CA TYR B 214 66.50 0.72 2.32
C TYR B 214 66.60 1.40 0.96
N PRO B 215 67.80 1.83 0.56
CA PRO B 215 67.91 2.65 -0.67
C PRO B 215 67.46 1.93 -1.93
N GLN B 216 67.75 0.65 -2.08
CA GLN B 216 67.42 -0.08 -3.30
C GLN B 216 65.97 -0.54 -3.35
N ALA B 217 65.13 -0.11 -2.42
CA ALA B 217 63.72 -0.48 -2.47
C ALA B 217 62.95 0.43 -3.43
N ARG B 218 61.83 -0.08 -3.93
CA ARG B 218 61.00 0.66 -4.87
C ARG B 218 59.55 0.68 -4.37
N TRP B 219 58.87 1.79 -4.66
CA TRP B 219 57.51 1.98 -4.18
C TRP B 219 56.49 1.28 -5.08
N TYR B 220 56.41 1.70 -6.35
CA TYR B 220 55.51 1.10 -7.34
C TYR B 220 54.05 1.12 -6.88
N GLN B 221 53.35 2.20 -7.18
CA GLN B 221 51.93 2.32 -6.87
C GLN B 221 51.10 2.13 -8.14
N TYR B 222 49.97 1.42 -8.00
CA TYR B 222 49.11 1.16 -9.14
C TYR B 222 47.70 0.87 -8.65
N GLU B 223 46.72 1.27 -9.46
CA GLU B 223 45.32 0.91 -9.27
C GLU B 223 44.65 0.96 -10.63
N PRO B 224 43.63 0.14 -10.87
CA PRO B 224 43.05 0.06 -12.22
C PRO B 224 42.42 1.37 -12.71
N ILE B 225 41.84 2.15 -11.81
CA ILE B 225 41.22 3.43 -12.18
C ILE B 225 42.19 4.49 -11.66
N ASN B 226 43.09 4.93 -12.53
CA ASN B 226 44.12 5.89 -12.17
C ASN B 226 44.02 7.10 -13.07
N ARG B 227 44.98 8.02 -12.91
CA ARG B 227 45.04 9.24 -13.69
C ARG B 227 46.38 9.38 -14.40
N ASP B 228 46.84 8.30 -15.04
CA ASP B 228 48.14 8.32 -15.70
C ASP B 228 48.15 9.27 -16.90
N ASN B 229 47.03 9.34 -17.64
CA ASN B 229 46.97 10.22 -18.79
C ASN B 229 46.98 11.68 -18.39
N VAL B 230 46.46 12.01 -17.20
CA VAL B 230 46.42 13.39 -16.75
C VAL B 230 47.82 13.90 -16.44
N VAL B 231 48.59 13.10 -15.69
CA VAL B 231 49.95 13.51 -15.34
C VAL B 231 50.86 13.45 -16.55
N ALA B 232 50.59 12.54 -17.49
CA ALA B 232 51.39 12.48 -18.71
C ALA B 232 51.14 13.70 -19.58
N GLY B 233 49.88 14.12 -19.71
CA GLY B 233 49.58 15.34 -20.44
C GLY B 233 50.12 16.58 -19.76
N ALA B 234 50.16 16.58 -18.43
CA ALA B 234 50.71 17.72 -17.70
C ALA B 234 52.22 17.81 -17.89
N ARG B 235 52.90 16.65 -17.92
CA ARG B 235 54.34 16.65 -18.17
C ARG B 235 54.66 17.03 -19.61
N LEU B 236 53.80 16.65 -20.55
CA LEU B 236 54.03 16.98 -21.95
C LEU B 236 53.84 18.47 -22.21
N ALA B 237 52.89 19.10 -21.52
CA ALA B 237 52.55 20.49 -21.77
C ALA B 237 53.42 21.45 -20.96
N PHE B 238 53.46 21.28 -19.65
CA PHE B 238 54.15 22.20 -18.76
C PHE B 238 55.56 21.75 -18.39
N GLY B 239 55.94 20.52 -18.71
CA GLY B 239 57.24 20.01 -18.30
C GLY B 239 57.36 19.67 -16.84
N ARG B 240 56.26 19.66 -16.10
CA ARG B 240 56.28 19.36 -14.67
C ARG B 240 54.93 18.79 -14.28
N ASP B 241 54.82 18.36 -13.03
CA ASP B 241 53.57 17.82 -12.50
C ASP B 241 52.74 18.95 -11.93
N VAL B 242 51.49 19.07 -12.40
CA VAL B 242 50.55 20.07 -11.92
C VAL B 242 49.20 19.41 -11.70
N THR B 243 48.36 20.08 -10.90
CA THR B 243 47.02 19.62 -10.60
C THR B 243 46.04 20.64 -11.14
N THR B 244 45.14 20.19 -12.01
CA THR B 244 44.19 21.06 -12.71
C THR B 244 42.86 21.05 -11.99
N ARG B 245 42.39 22.22 -11.55
CA ARG B 245 41.12 22.39 -10.88
C ARG B 245 40.21 23.28 -11.74
N TYR B 246 38.93 22.94 -11.76
CA TYR B 246 37.95 23.66 -12.57
C TYR B 246 36.93 24.33 -11.68
N ASP B 247 36.74 25.64 -11.86
CA ASP B 247 35.74 26.40 -11.12
C ASP B 247 34.56 26.65 -12.07
N LEU B 248 33.64 25.69 -12.11
CA LEU B 248 32.50 25.76 -13.02
C LEU B 248 31.53 26.88 -12.68
N SER B 249 31.62 27.46 -11.49
CA SER B 249 30.70 28.52 -11.09
C SER B 249 30.85 29.77 -11.95
N ALA B 250 31.98 29.93 -12.65
CA ALA B 250 32.21 31.06 -13.53
C ALA B 250 32.42 30.62 -14.97
N ALA B 251 31.87 29.46 -15.34
CA ALA B 251 32.01 28.90 -16.67
C ALA B 251 30.64 28.91 -17.35
N GLN B 252 30.46 29.83 -18.30
CA GLN B 252 29.22 29.89 -19.06
C GLN B 252 29.17 28.84 -20.15
N VAL B 253 30.32 28.44 -20.68
CA VAL B 253 30.42 27.41 -21.71
C VAL B 253 31.43 26.38 -21.25
N VAL B 254 31.01 25.13 -21.15
CA VAL B 254 31.88 24.02 -20.74
C VAL B 254 31.84 22.95 -21.83
N VAL B 255 33.02 22.50 -22.23
CA VAL B 255 33.16 21.48 -23.28
C VAL B 255 33.90 20.29 -22.67
N SER B 256 33.31 19.11 -22.83
CA SER B 256 33.88 17.87 -22.32
C SER B 256 34.28 16.98 -23.48
N LEU B 257 35.55 16.54 -23.48
CA LEU B 257 36.08 15.64 -24.49
C LEU B 257 36.23 14.27 -23.83
N ASP B 258 35.13 13.51 -23.84
CA ASP B 258 35.05 12.22 -23.17
C ASP B 258 35.43 12.34 -21.69
N ALA B 259 34.98 13.42 -21.07
CA ALA B 259 35.26 13.72 -19.66
C ALA B 259 33.97 13.57 -18.87
N ASP B 260 33.87 12.49 -18.09
CA ASP B 260 32.68 12.22 -17.28
C ASP B 260 32.85 12.85 -15.89
N PHE B 261 32.94 14.18 -15.88
CA PHE B 261 33.18 14.91 -14.64
C PHE B 261 31.96 14.97 -13.73
N LEU B 262 30.78 14.58 -14.21
CA LEU B 262 29.59 14.47 -13.39
C LEU B 262 29.38 13.05 -12.87
N ALA B 263 30.45 12.26 -12.79
CA ALA B 263 30.44 10.91 -12.26
C ALA B 263 31.36 10.84 -11.04
N PRO B 264 31.17 9.86 -10.16
CA PRO B 264 32.04 9.74 -8.98
C PRO B 264 33.52 9.70 -9.32
N GLY B 265 34.23 10.78 -9.02
CA GLY B 265 35.65 10.87 -9.27
C GLY B 265 36.29 11.97 -8.44
N PRO B 266 37.46 12.44 -8.85
CA PRO B 266 38.14 13.52 -8.11
C PRO B 266 37.34 14.81 -8.22
N GLY B 267 36.87 15.30 -7.07
CA GLY B 267 36.10 16.53 -7.04
C GLY B 267 34.75 16.45 -7.69
N PHE B 268 34.10 15.28 -7.64
CA PHE B 268 32.82 15.10 -8.32
C PHE B 268 31.73 15.93 -7.66
N VAL B 269 31.66 15.93 -6.34
CA VAL B 269 30.57 16.62 -5.64
C VAL B 269 30.66 18.12 -5.85
N ALA B 270 31.89 18.67 -5.80
CA ALA B 270 32.04 20.11 -5.94
C ALA B 270 31.72 20.57 -7.36
N TYR B 271 32.15 19.80 -8.37
CA TYR B 271 31.84 20.16 -9.75
C TYR B 271 30.35 20.04 -10.03
N ALA B 272 29.72 18.96 -9.54
CA ALA B 272 28.29 18.77 -9.78
C ALA B 272 27.47 19.85 -9.09
N ARG B 273 27.89 20.27 -7.89
CA ARG B 273 27.17 21.32 -7.20
C ARG B 273 27.26 22.65 -7.93
N ALA B 274 28.48 23.06 -8.30
CA ALA B 274 28.66 24.32 -9.03
C ALA B 274 27.90 24.31 -10.34
N PHE B 275 27.97 23.19 -11.09
CA PHE B 275 27.24 23.09 -12.35
C PHE B 275 25.74 23.21 -12.15
N ALA B 276 25.20 22.53 -11.13
CA ALA B 276 23.77 22.56 -10.89
C ALA B 276 23.30 23.95 -10.49
N GLU B 277 24.01 24.60 -9.56
CA GLU B 277 23.64 25.96 -9.15
C GLU B 277 23.72 26.94 -10.31
N ARG B 278 24.50 26.63 -11.35
CA ARG B 278 24.51 27.46 -12.55
C ARG B 278 23.36 27.11 -13.50
N ARG B 279 22.74 25.95 -13.34
CA ARG B 279 21.65 25.51 -14.19
C ARG B 279 20.28 25.75 -13.57
N LYS B 280 20.21 26.09 -12.28
CA LYS B 280 18.93 26.31 -11.61
C LYS B 280 18.40 27.67 -12.03
N VAL B 281 17.40 27.67 -12.91
CA VAL B 281 16.85 28.91 -13.47
C VAL B 281 15.58 29.26 -12.72
N ARG B 282 15.33 30.56 -12.58
CA ARG B 282 14.15 31.07 -11.89
C ARG B 282 13.45 32.14 -12.74
N LYS B 283 12.52 32.87 -12.13
CA LYS B 283 11.89 33.99 -12.81
C LYS B 283 12.88 35.13 -13.03
N ASP B 284 13.59 35.51 -11.97
CA ASP B 284 14.57 36.59 -12.06
C ASP B 284 15.86 36.17 -12.77
N SER B 285 16.01 34.88 -13.08
CA SER B 285 17.24 34.42 -13.71
C SER B 285 17.40 35.03 -15.09
N THR B 286 18.66 35.25 -15.48
CA THR B 286 18.97 35.86 -16.77
C THR B 286 20.02 35.12 -17.57
N THR B 287 20.86 34.29 -16.95
CA THR B 287 21.90 33.56 -17.65
C THR B 287 21.77 32.07 -17.35
N MET B 288 22.35 31.26 -18.24
CA MET B 288 22.33 29.81 -18.07
C MET B 288 23.50 29.22 -18.85
N ASN B 289 24.29 28.38 -18.19
CA ASN B 289 25.46 27.81 -18.83
C ASN B 289 25.04 26.71 -19.82
N ARG B 290 25.95 26.42 -20.75
CA ARG B 290 25.73 25.41 -21.79
C ARG B 290 26.84 24.38 -21.73
N LEU B 291 26.48 23.12 -21.96
CA LEU B 291 27.42 22.00 -21.85
C LEU B 291 27.52 21.28 -23.19
N TYR B 292 28.74 21.13 -23.69
CA TYR B 292 29.04 20.31 -24.85
C TYR B 292 29.82 19.08 -24.39
N VAL B 293 29.38 17.90 -24.81
CA VAL B 293 30.06 16.65 -24.47
C VAL B 293 30.24 15.83 -25.74
N VAL B 294 31.38 15.15 -25.83
CA VAL B 294 31.70 14.25 -26.93
C VAL B 294 32.18 12.96 -26.29
N GLU B 295 31.36 11.91 -26.36
CA GLU B 295 31.65 10.67 -25.66
C GLU B 295 31.29 9.49 -26.55
N ALA B 296 31.92 8.35 -26.25
CA ALA B 296 31.62 7.11 -26.98
C ALA B 296 30.40 6.41 -26.39
N SER B 297 30.42 6.16 -25.09
CA SER B 297 29.26 5.60 -24.40
C SER B 297 28.58 6.68 -23.59
N PRO B 298 27.25 6.80 -23.66
CA PRO B 298 26.56 7.82 -22.88
C PRO B 298 26.72 7.59 -21.38
N SER B 299 26.65 8.67 -20.62
CA SER B 299 26.87 8.62 -19.19
C SER B 299 25.99 9.66 -18.51
N THR B 300 26.26 9.91 -17.23
CA THR B 300 25.49 10.91 -16.49
C THR B 300 25.77 12.31 -17.01
N THR B 301 27.01 12.58 -17.40
CA THR B 301 27.35 13.90 -17.93
C THR B 301 26.62 14.19 -19.23
N GLY B 302 26.53 13.20 -20.12
CA GLY B 302 25.81 13.37 -21.36
C GLY B 302 24.33 13.64 -21.17
N THR B 303 23.76 13.22 -20.04
CA THR B 303 22.35 13.50 -19.77
C THR B 303 22.11 14.98 -19.59
N ALA B 304 22.92 15.65 -18.76
CA ALA B 304 22.78 17.06 -18.50
C ALA B 304 23.34 17.95 -19.60
N ALA B 305 23.65 17.38 -20.76
CA ALA B 305 24.25 18.12 -21.86
C ALA B 305 23.18 18.67 -22.78
N ASP B 306 23.32 19.94 -23.17
CA ASP B 306 22.40 20.53 -24.13
C ASP B 306 22.65 19.99 -25.53
N HIS B 307 23.89 19.62 -25.84
CA HIS B 307 24.25 19.02 -27.11
C HIS B 307 25.21 17.88 -26.86
N ARG B 308 24.90 16.70 -27.40
CA ARG B 308 25.71 15.51 -27.20
C ARG B 308 26.05 14.91 -28.56
N LEU B 309 27.32 14.58 -28.75
CA LEU B 309 27.80 14.01 -30.01
C LEU B 309 28.35 12.62 -29.78
N PRO B 310 27.69 11.56 -30.27
CA PRO B 310 28.19 10.18 -30.09
C PRO B 310 29.32 9.82 -31.05
N LEU B 311 30.51 10.31 -30.74
CA LEU B 311 31.70 10.02 -31.51
C LEU B 311 32.38 8.76 -30.98
N ARG B 312 33.20 8.14 -31.84
CA ARG B 312 33.93 6.96 -31.42
C ARG B 312 35.01 7.34 -30.40
N ALA B 313 35.46 6.34 -29.64
CA ALA B 313 36.42 6.61 -28.58
C ALA B 313 37.80 6.97 -29.12
N ASP B 314 38.16 6.46 -30.29
CA ASP B 314 39.48 6.74 -30.85
C ASP B 314 39.52 8.08 -31.59
N ALA B 315 38.40 8.50 -32.18
CA ALA B 315 38.37 9.73 -32.96
C ALA B 315 38.30 10.99 -32.10
N ILE B 316 38.33 10.86 -30.78
CA ILE B 316 38.23 12.03 -29.92
C ILE B 316 39.57 12.79 -29.89
N ALA B 317 40.69 12.08 -30.02
CA ALA B 317 41.97 12.76 -30.11
C ALA B 317 42.06 13.60 -31.38
N ALA B 318 41.62 13.04 -32.51
CA ALA B 318 41.57 13.82 -33.75
C ALA B 318 40.53 14.92 -33.67
N PHE B 319 39.45 14.70 -32.91
CA PHE B 319 38.45 15.74 -32.71
C PHE B 319 39.05 16.93 -31.96
N THR B 320 39.85 16.65 -30.91
CA THR B 320 40.51 17.72 -30.17
C THR B 320 41.51 18.45 -31.03
N GLY B 321 42.22 17.72 -31.90
CA GLY B 321 43.16 18.37 -32.81
C GLY B 321 42.46 19.28 -33.81
N ALA B 322 41.31 18.85 -34.32
CA ALA B 322 40.55 19.68 -35.23
C ALA B 322 39.96 20.90 -34.50
N LEU B 323 39.57 20.72 -33.24
CA LEU B 323 39.06 21.85 -32.47
C LEU B 323 40.14 22.89 -32.22
N ALA B 324 41.35 22.44 -31.84
CA ALA B 324 42.46 23.37 -31.66
C ALA B 324 42.83 24.05 -32.97
N ASN B 325 42.71 23.34 -34.09
CA ASN B 325 43.06 23.92 -35.38
C ASN B 325 42.06 24.98 -35.81
N GLU B 326 40.77 24.80 -35.47
CA GLU B 326 39.76 25.75 -35.91
C GLU B 326 39.86 27.07 -35.17
N LEU B 327 40.26 27.04 -33.90
CA LEU B 327 40.38 28.26 -33.10
C LEU B 327 41.62 29.07 -33.46
N GLY B 328 42.38 28.66 -34.46
CA GLY B 328 43.59 29.36 -34.85
C GLY B 328 44.82 28.97 -34.08
N VAL B 329 44.78 27.87 -33.34
CA VAL B 329 45.91 27.41 -32.54
C VAL B 329 46.48 26.15 -33.19
N GLY B 330 47.74 25.88 -32.90
CA GLY B 330 48.43 24.73 -33.45
C GLY B 330 47.74 23.40 -33.23
N GLY B 331 47.44 22.70 -34.31
CA GLY B 331 46.79 21.41 -34.24
C GLY B 331 46.91 20.68 -35.56
N ALA B 332 45.91 19.86 -35.86
CA ALA B 332 45.92 19.09 -37.09
C ALA B 332 44.49 18.88 -37.59
N PRO B 333 44.18 19.27 -38.83
CA PRO B 333 42.84 19.00 -39.36
C PRO B 333 42.59 17.51 -39.53
N ALA B 334 41.33 17.13 -39.37
CA ALA B 334 40.93 15.73 -39.44
C ALA B 334 39.69 15.59 -40.30
N THR B 335 39.64 14.51 -41.09
CA THR B 335 38.46 14.20 -41.89
C THR B 335 37.39 13.63 -40.97
N LEU B 336 36.31 14.38 -40.77
CA LEU B 336 35.26 14.01 -39.84
C LEU B 336 33.91 14.03 -40.55
N SER B 337 32.91 13.44 -39.89
CA SER B 337 31.57 13.40 -40.43
C SER B 337 30.96 14.80 -40.47
N PRO B 338 29.96 15.03 -41.33
CA PRO B 338 29.31 16.35 -41.35
C PRO B 338 28.68 16.73 -40.02
N LYS B 339 28.17 15.76 -39.25
CA LYS B 339 27.66 16.08 -37.93
C LYS B 339 28.77 16.56 -37.00
N ALA B 340 29.92 15.87 -37.04
CA ALA B 340 31.06 16.31 -36.23
C ALA B 340 31.60 17.65 -36.72
N GLU B 341 31.48 17.94 -38.02
CA GLU B 341 31.92 19.23 -38.53
C GLU B 341 31.02 20.35 -38.03
N GLU B 342 29.70 20.14 -38.03
CA GLU B 342 28.78 21.14 -37.49
C GLU B 342 28.96 21.29 -35.99
N PHE B 343 29.35 20.21 -35.30
CA PHE B 343 29.58 20.29 -33.86
C PHE B 343 30.85 21.07 -33.56
N LEU B 344 31.91 20.84 -34.34
CA LEU B 344 33.12 21.67 -34.22
C LEU B 344 32.82 23.13 -34.50
N ARG B 345 31.96 23.39 -35.50
CA ARG B 345 31.59 24.77 -35.82
C ARG B 345 30.97 25.46 -34.61
N ALA B 346 29.97 24.82 -33.99
CA ALA B 346 29.25 25.44 -32.89
C ALA B 346 30.13 25.58 -31.66
N ILE B 347 30.92 24.56 -31.34
CA ILE B 347 31.84 24.65 -30.21
C ILE B 347 32.79 25.84 -30.40
N ALA B 348 33.38 25.96 -31.59
CA ALA B 348 34.30 27.06 -31.84
C ALA B 348 33.60 28.42 -31.83
N ARG B 349 32.33 28.47 -32.24
CA ARG B 349 31.63 29.75 -32.27
C ARG B 349 31.19 30.20 -30.88
N ASP B 350 30.72 29.26 -30.05
CA ASP B 350 30.38 29.62 -28.67
C ASP B 350 31.63 29.95 -27.87
N LEU B 351 32.71 29.18 -28.07
CA LEU B 351 34.02 29.62 -27.62
C LEU B 351 34.42 30.86 -28.41
N GLU B 352 35.47 31.54 -27.96
CA GLU B 352 35.97 32.77 -28.58
C GLU B 352 35.01 33.93 -28.35
N GLU B 353 33.73 33.62 -28.09
CA GLU B 353 32.74 34.61 -27.68
C GLU B 353 32.54 34.61 -26.18
N HIS B 354 33.11 33.63 -25.46
CA HIS B 354 33.05 33.53 -24.01
C HIS B 354 34.47 33.25 -23.51
N ARG B 355 35.33 34.26 -23.63
CA ARG B 355 36.74 34.12 -23.26
C ARG B 355 36.91 34.43 -21.78
N GLY B 356 37.58 33.53 -21.06
CA GLY B 356 37.61 33.59 -19.61
C GLY B 356 36.34 33.13 -18.94
N GLN B 357 35.29 32.83 -19.71
CA GLN B 357 34.04 32.29 -19.20
C GLN B 357 33.80 30.89 -19.74
N SER B 358 34.87 30.18 -20.10
CA SER B 358 34.76 28.87 -20.73
C SER B 358 35.80 27.93 -20.12
N VAL B 359 35.61 26.64 -20.38
CA VAL B 359 36.55 25.62 -19.91
C VAL B 359 36.42 24.40 -20.83
N VAL B 360 37.56 23.81 -21.16
CA VAL B 360 37.63 22.58 -21.95
C VAL B 360 38.22 21.50 -21.05
N ILE B 361 37.47 20.43 -20.85
CA ILE B 361 37.83 19.35 -19.93
C ILE B 361 38.12 18.09 -20.73
N ALA B 362 39.23 17.45 -20.43
CA ALA B 362 39.63 16.21 -21.08
C ALA B 362 39.52 15.06 -20.07
N GLY B 363 38.90 13.97 -20.50
CA GLY B 363 38.72 12.83 -19.62
C GLY B 363 40.02 12.08 -19.38
N ASP B 364 40.07 11.42 -18.23
CA ASP B 364 41.25 10.62 -17.89
C ASP B 364 41.47 9.49 -18.87
N GLN B 365 40.40 9.02 -19.52
CA GLN B 365 40.53 7.93 -20.49
C GLN B 365 41.22 8.39 -21.77
N GLN B 366 41.09 9.67 -22.12
CA GLN B 366 41.65 10.15 -23.37
C GLN B 366 43.18 10.18 -23.30
N PRO B 367 43.85 10.08 -24.44
CA PRO B 367 45.33 10.00 -24.45
C PRO B 367 45.95 11.29 -23.94
N PRO B 368 47.24 11.24 -23.58
CA PRO B 368 47.88 12.44 -23.01
C PRO B 368 47.87 13.66 -23.91
N ILE B 369 47.89 13.46 -25.23
CA ILE B 369 47.92 14.61 -26.15
C ILE B 369 46.62 15.41 -26.03
N VAL B 370 45.50 14.73 -25.75
CA VAL B 370 44.22 15.42 -25.63
C VAL B 370 44.25 16.35 -24.42
N HIS B 371 44.85 15.91 -23.32
CA HIS B 371 45.00 16.77 -22.15
C HIS B 371 45.84 17.99 -22.47
N ALA B 372 46.97 17.78 -23.17
CA ALA B 372 47.87 18.87 -23.47
C ALA B 372 47.22 19.89 -24.42
N LEU B 373 46.49 19.41 -25.42
CA LEU B 373 45.78 20.32 -26.32
C LEU B 373 44.71 21.09 -25.58
N ALA B 374 44.07 20.46 -24.58
CA ALA B 374 43.06 21.15 -23.79
C ALA B 374 43.67 22.26 -22.95
N HIS B 375 44.83 22.00 -22.33
CA HIS B 375 45.53 23.04 -21.60
C HIS B 375 45.90 24.20 -22.53
N LEU B 376 46.34 23.88 -23.74
CA LEU B 376 46.70 24.91 -24.71
C LEU B 376 45.49 25.73 -25.13
N ILE B 377 44.36 25.06 -25.40
CA ILE B 377 43.14 25.77 -25.78
C ILE B 377 42.69 26.69 -24.65
N ASN B 378 42.73 26.19 -23.40
CA ASN B 378 42.28 26.99 -22.27
C ASN B 378 43.19 28.20 -22.05
N ALA B 379 44.50 28.02 -22.23
CA ALA B 379 45.44 29.12 -22.05
C ALA B 379 45.21 30.21 -23.09
N GLU B 380 45.06 29.82 -24.35
CA GLU B 380 44.86 30.81 -25.42
C GLU B 380 43.56 31.57 -25.23
N LEU B 381 42.49 30.88 -24.85
CA LEU B 381 41.19 31.52 -24.63
C LEU B 381 41.19 32.46 -23.44
N GLY B 382 42.22 32.43 -22.59
CA GLY B 382 42.25 33.24 -21.40
C GLY B 382 41.55 32.65 -20.19
N ASN B 383 41.17 31.37 -20.25
CA ASN B 383 40.44 30.76 -19.15
C ASN B 383 41.32 30.55 -17.93
N VAL B 384 42.62 30.39 -18.13
CA VAL B 384 43.53 30.14 -17.02
C VAL B 384 43.46 31.29 -16.03
N GLY B 385 43.37 30.94 -14.75
CA GLY B 385 43.20 31.94 -13.70
C GLY B 385 41.78 32.36 -13.45
N GLN B 386 40.85 32.02 -14.35
CA GLN B 386 39.43 32.32 -14.18
C GLN B 386 38.58 31.07 -14.00
N THR B 387 38.72 30.08 -14.89
CA THR B 387 38.02 28.82 -14.77
C THR B 387 38.93 27.62 -14.64
N VAL B 388 40.20 27.73 -15.02
CA VAL B 388 41.17 26.65 -14.90
C VAL B 388 42.30 27.12 -14.00
N PHE B 389 42.53 26.40 -12.91
CA PHE B 389 43.56 26.74 -11.95
C PHE B 389 44.56 25.59 -11.84
N TYR B 390 45.82 25.96 -11.64
CA TYR B 390 46.92 25.01 -11.54
C TYR B 390 47.52 25.06 -10.14
N HIS B 391 47.62 23.92 -9.50
CA HIS B 391 48.18 23.80 -8.16
C HIS B 391 49.36 22.83 -8.17
N GLU B 392 50.08 22.79 -7.06
CA GLU B 392 51.11 21.79 -6.89
C GLU B 392 50.48 20.41 -6.78
N PRO B 393 51.20 19.35 -7.15
CA PRO B 393 50.62 18.01 -7.14
C PRO B 393 50.18 17.60 -5.73
N VAL B 394 49.02 16.96 -5.65
CA VAL B 394 48.44 16.51 -4.39
C VAL B 394 48.39 15.00 -4.29
N GLU B 395 49.10 14.30 -5.18
CA GLU B 395 49.08 12.84 -5.24
C GLU B 395 50.33 12.22 -4.65
N ALA B 396 51.00 12.92 -3.73
CA ALA B 396 52.30 12.50 -3.22
C ALA B 396 53.28 12.31 -4.37
N ARG B 397 53.46 11.07 -4.82
CA ARG B 397 54.30 10.79 -5.97
C ARG B 397 53.42 10.63 -7.20
N PRO B 398 53.41 11.58 -8.13
CA PRO B 398 52.66 11.38 -9.38
C PRO B 398 53.48 10.61 -10.40
N THR B 399 52.91 9.54 -10.95
CA THR B 399 53.67 8.69 -11.86
C THR B 399 52.71 7.91 -12.74
N ASN B 400 53.26 7.37 -13.84
CA ASN B 400 52.54 6.47 -14.72
C ASN B 400 52.45 5.12 -14.04
N GLN B 401 51.27 4.79 -13.52
CA GLN B 401 51.13 3.59 -12.69
C GLN B 401 51.24 2.32 -13.52
N THR B 402 50.68 2.32 -14.72
CA THR B 402 50.73 1.11 -15.55
C THR B 402 52.15 0.79 -16.00
N GLU B 403 52.98 1.82 -16.21
CA GLU B 403 54.38 1.57 -16.56
C GLU B 403 55.15 0.99 -15.38
N GLU B 404 54.85 1.47 -14.17
CA GLU B 404 55.50 0.91 -12.98
C GLU B 404 55.01 -0.52 -12.71
N LEU B 405 53.77 -0.83 -13.09
CA LEU B 405 53.29 -2.19 -12.94
C LEU B 405 53.98 -3.12 -13.93
N VAL B 406 54.22 -2.63 -15.16
CA VAL B 406 54.96 -3.42 -16.13
C VAL B 406 56.40 -3.65 -15.67
N ALA B 407 57.01 -2.62 -15.06
CA ALA B 407 58.35 -2.78 -14.55
C ALA B 407 58.39 -3.77 -13.39
N LEU B 408 57.35 -3.81 -12.57
CA LEU B 408 57.32 -4.72 -11.43
C LEU B 408 57.13 -6.16 -11.88
N VAL B 409 56.24 -6.39 -12.85
CA VAL B 409 56.04 -7.76 -13.33
C VAL B 409 57.23 -8.22 -14.15
N SER B 410 57.99 -7.28 -14.73
CA SER B 410 59.22 -7.65 -15.42
C SER B 410 60.29 -8.07 -14.42
N GLU B 411 60.40 -7.35 -13.30
CA GLU B 411 61.34 -7.74 -12.25
C GLU B 411 60.93 -9.06 -11.62
N MET B 412 59.63 -9.33 -11.55
CA MET B 412 59.17 -10.61 -10.99
C MET B 412 59.46 -11.76 -11.94
N ALA B 413 59.28 -11.54 -13.25
CA ALA B 413 59.56 -12.59 -14.22
C ALA B 413 61.04 -12.91 -14.28
N ALA B 414 61.90 -11.89 -14.12
CA ALA B 414 63.33 -12.11 -14.09
C ALA B 414 63.80 -12.76 -12.79
N GLY B 415 62.95 -12.82 -11.77
CA GLY B 415 63.31 -13.45 -10.52
C GLY B 415 64.16 -12.60 -9.59
N ARG B 416 64.21 -11.29 -9.82
CA ARG B 416 65.04 -10.42 -8.99
C ARG B 416 64.42 -10.14 -7.64
N VAL B 417 63.09 -10.11 -7.56
CA VAL B 417 62.41 -9.76 -6.32
C VAL B 417 62.41 -10.95 -5.38
N GLU B 418 62.59 -10.67 -4.08
CA GLU B 418 62.55 -11.69 -3.05
C GLU B 418 61.43 -11.48 -2.04
N THR B 419 60.93 -10.26 -1.87
CA THR B 419 59.83 -9.97 -0.96
C THR B 419 58.95 -8.91 -1.59
N LEU B 420 57.64 -9.16 -1.63
CA LEU B 420 56.68 -8.25 -2.24
C LEU B 420 55.58 -7.94 -1.23
N ILE B 421 55.50 -6.68 -0.80
CA ILE B 421 54.48 -6.22 0.13
C ILE B 421 53.46 -5.40 -0.65
N MET B 422 52.19 -5.76 -0.52
CA MET B 422 51.11 -5.07 -1.22
C MET B 422 50.13 -4.53 -0.19
N ILE B 423 49.71 -3.28 -0.38
CA ILE B 423 48.75 -2.65 0.53
C ILE B 423 47.45 -2.37 -0.23
N GLY B 424 46.57 -3.36 -0.30
CA GLY B 424 45.32 -3.21 -1.01
C GLY B 424 45.50 -3.17 -2.52
N GLY B 425 44.38 -2.96 -3.21
CA GLY B 425 44.38 -2.81 -4.64
C GLY B 425 44.03 -4.06 -5.42
N ASN B 426 44.18 -5.23 -4.82
CA ASN B 426 43.88 -6.51 -5.46
C ASN B 426 44.60 -6.63 -6.80
N PRO B 427 45.92 -6.81 -6.80
CA PRO B 427 46.66 -6.80 -8.06
C PRO B 427 46.36 -7.99 -8.95
N VAL B 428 46.04 -9.16 -8.37
CA VAL B 428 45.81 -10.36 -9.18
C VAL B 428 44.58 -10.17 -10.06
N TYR B 429 43.57 -9.48 -9.54
CA TYR B 429 42.33 -9.29 -10.29
C TYR B 429 42.33 -8.00 -11.11
N ASN B 430 43.06 -6.97 -10.67
CA ASN B 430 43.00 -5.67 -11.32
C ASN B 430 44.03 -5.48 -12.42
N ALA B 431 45.14 -6.22 -12.38
CA ALA B 431 46.17 -6.06 -13.38
C ALA B 431 45.66 -6.51 -14.75
N PRO B 432 46.16 -5.91 -15.83
CA PRO B 432 45.75 -6.33 -17.18
C PRO B 432 46.10 -7.79 -17.43
N GLY B 433 45.37 -8.38 -18.39
CA GLY B 433 45.53 -9.79 -18.66
C GLY B 433 46.85 -10.17 -19.30
N ASP B 434 47.43 -9.26 -20.08
CA ASP B 434 48.67 -9.55 -20.78
C ASP B 434 49.90 -9.48 -19.87
N LEU B 435 49.73 -9.15 -18.59
CA LEU B 435 50.85 -9.05 -17.68
C LEU B 435 51.11 -10.35 -16.89
N ARG B 436 50.07 -11.19 -16.73
CA ARG B 436 50.19 -12.46 -16.03
C ARG B 436 50.73 -12.27 -14.61
N PHE B 437 49.99 -11.49 -13.82
CA PHE B 437 50.43 -11.18 -12.46
C PHE B 437 50.41 -12.42 -11.57
N ALA B 438 49.38 -13.26 -11.73
CA ALA B 438 49.26 -14.43 -10.87
C ALA B 438 50.38 -15.43 -11.12
N ASP B 439 50.78 -15.61 -12.38
CA ASP B 439 51.85 -16.55 -12.69
C ASP B 439 53.20 -16.05 -12.20
N ARG B 440 53.49 -14.77 -12.41
CA ARG B 440 54.75 -14.20 -11.95
C ARG B 440 54.78 -14.01 -10.44
N MET B 441 53.60 -13.98 -9.79
CA MET B 441 53.56 -13.81 -8.35
C MET B 441 54.20 -14.98 -7.62
N ALA B 442 54.25 -16.16 -8.27
CA ALA B 442 54.89 -17.31 -7.64
C ALA B 442 56.40 -17.14 -7.55
N SER B 443 56.98 -16.33 -8.43
CA SER B 443 58.44 -16.20 -8.47
C SER B 443 58.98 -15.58 -7.19
N VAL B 444 58.29 -14.58 -6.65
CA VAL B 444 58.70 -13.99 -5.38
C VAL B 444 58.29 -14.90 -4.23
N PRO B 445 59.22 -15.29 -3.36
CA PRO B 445 58.87 -16.27 -2.32
C PRO B 445 57.90 -15.73 -1.28
N LEU B 446 58.11 -14.51 -0.81
CA LEU B 446 57.31 -13.94 0.27
C LEU B 446 56.38 -12.89 -0.30
N THR B 447 55.08 -13.16 -0.22
CA THR B 447 54.04 -12.22 -0.63
C THR B 447 53.19 -11.89 0.59
N ILE B 448 52.91 -10.61 0.80
CA ILE B 448 52.16 -10.13 1.96
C ILE B 448 51.11 -9.13 1.47
N HIS B 449 49.90 -9.23 2.01
CA HIS B 449 48.81 -8.40 1.52
C HIS B 449 47.88 -8.00 2.65
N LEU B 450 47.41 -6.74 2.57
CA LEU B 450 46.32 -6.23 3.40
C LEU B 450 45.17 -5.88 2.47
N SER B 451 44.04 -6.59 2.61
CA SER B 451 42.97 -6.43 1.66
C SER B 451 41.61 -6.08 2.24
N GLN B 452 41.44 -6.11 3.58
CA GLN B 452 40.16 -5.86 4.23
C GLN B 452 39.16 -6.98 3.88
N PHE B 453 39.53 -7.84 2.94
CA PHE B 453 38.78 -9.04 2.57
C PHE B 453 39.80 -10.13 2.29
N VAL B 454 39.33 -11.36 2.17
CA VAL B 454 40.21 -12.42 1.66
C VAL B 454 40.12 -12.39 0.14
N ASP B 455 40.79 -11.42 -0.47
CA ASP B 455 40.68 -11.21 -1.91
C ASP B 455 41.44 -12.30 -2.67
N GLU B 456 41.32 -12.23 -4.00
CA GLU B 456 41.96 -13.22 -4.85
C GLU B 456 43.47 -13.23 -4.65
N THR B 457 44.07 -12.05 -4.51
CA THR B 457 45.52 -11.97 -4.35
C THR B 457 45.96 -12.55 -3.00
N SER B 458 45.16 -12.34 -1.95
CA SER B 458 45.55 -12.83 -0.64
C SER B 458 45.49 -14.35 -0.57
N ALA B 459 44.57 -14.97 -1.32
CA ALA B 459 44.49 -16.44 -1.32
C ALA B 459 45.72 -17.06 -1.94
N ARG B 460 46.32 -16.41 -2.93
CA ARG B 460 47.52 -16.90 -3.58
C ARG B 460 48.80 -16.31 -2.97
N ALA B 461 48.69 -15.69 -1.80
CA ALA B 461 49.82 -15.07 -1.12
C ALA B 461 49.97 -15.66 0.28
N THR B 462 51.16 -15.46 0.84
CA THR B 462 51.40 -15.79 2.23
C THR B 462 51.02 -14.61 3.11
N TRP B 463 51.01 -14.85 4.42
CA TRP B 463 50.88 -13.83 5.45
C TRP B 463 49.85 -12.75 5.10
N HIS B 464 48.61 -13.18 4.95
CA HIS B 464 47.53 -12.22 4.74
C HIS B 464 47.19 -11.53 6.06
N ILE B 465 47.15 -10.21 6.03
CA ILE B 465 46.88 -9.39 7.20
C ILE B 465 45.54 -8.69 6.98
N PRO B 466 44.56 -8.89 7.86
CA PRO B 466 43.29 -8.15 7.71
C PRO B 466 43.49 -6.66 7.91
N GLN B 467 42.87 -5.87 7.04
CA GLN B 467 42.99 -4.42 7.09
C GLN B 467 41.75 -3.82 7.77
N ALA B 468 41.99 -2.79 8.58
CA ALA B 468 40.91 -2.11 9.28
C ALA B 468 40.11 -1.24 8.32
N HIS B 469 38.79 -1.27 8.47
CA HIS B 469 37.93 -0.46 7.64
C HIS B 469 38.15 1.03 7.94
N PRO B 470 37.94 1.90 6.94
CA PRO B 470 38.08 3.34 7.20
C PRO B 470 37.18 3.89 8.29
N LEU B 471 36.11 3.18 8.63
CA LEU B 471 35.20 3.60 9.70
C LEU B 471 35.63 3.06 11.06
N GLU B 472 36.75 2.34 11.14
CA GLU B 472 37.22 1.80 12.41
C GLU B 472 38.73 1.97 12.59
N SER B 473 39.34 2.97 11.94
CA SER B 473 40.79 3.11 11.94
C SER B 473 41.17 4.59 12.00
N TRP B 474 42.38 4.85 12.51
CA TRP B 474 42.95 6.18 12.50
C TRP B 474 43.71 6.38 11.19
N GLY B 475 43.70 7.61 10.68
CA GLY B 475 44.43 7.90 9.46
C GLY B 475 44.14 9.29 8.97
N ASP B 476 44.58 9.55 7.74
CA ASP B 476 44.38 10.84 7.10
C ASP B 476 44.36 10.63 5.59
N ALA B 477 43.97 11.68 4.87
CA ALA B 477 43.87 11.63 3.42
C ALA B 477 43.82 13.05 2.90
N ARG B 478 44.03 13.18 1.58
CA ARG B 478 44.00 14.48 0.91
C ARG B 478 42.98 14.43 -0.21
N ALA B 479 42.14 15.46 -0.28
CA ALA B 479 41.16 15.58 -1.35
C ALA B 479 41.77 16.30 -2.54
N PHE B 480 41.00 16.45 -3.61
CA PHE B 480 41.44 17.28 -4.73
C PHE B 480 41.61 18.71 -4.26
N ASP B 481 42.58 19.41 -4.86
CA ASP B 481 43.07 20.72 -4.45
C ASP B 481 43.82 20.65 -3.12
N GLY B 482 43.90 19.48 -2.49
CA GLY B 482 44.65 19.32 -1.26
C GLY B 482 43.98 19.94 -0.05
N THR B 483 43.61 19.11 0.92
CA THR B 483 43.01 19.61 2.16
C THR B 483 43.51 18.88 3.40
N ALA B 484 43.90 17.62 3.31
CA ALA B 484 44.48 16.86 4.43
C ALA B 484 43.50 16.78 5.61
N SER B 485 42.44 16.00 5.39
CA SER B 485 41.46 15.73 6.43
C SER B 485 41.84 14.46 7.19
N ILE B 486 41.29 14.34 8.40
CA ILE B 486 41.63 13.25 9.30
C ILE B 486 40.56 12.17 9.21
N VAL B 487 40.99 10.91 9.09
CA VAL B 487 40.09 9.77 9.11
C VAL B 487 39.92 9.36 10.56
N GLN B 488 38.80 9.75 11.16
CA GLN B 488 38.54 9.51 12.58
C GLN B 488 37.74 8.22 12.75
N PRO B 489 38.17 7.30 13.61
CA PRO B 489 37.42 6.07 13.81
C PRO B 489 36.18 6.29 14.66
N LEU B 490 35.24 5.36 14.52
CA LEU B 490 34.01 5.38 15.30
C LEU B 490 33.83 4.18 16.20
N ILE B 491 34.68 3.16 16.06
CA ILE B 491 34.58 1.93 16.84
C ILE B 491 35.94 1.25 16.79
N GLU B 492 36.27 0.52 17.84
CA GLU B 492 37.44 -0.32 17.80
C GLU B 492 37.25 -1.38 16.70
N PRO B 493 38.33 -1.76 16.02
CA PRO B 493 38.20 -2.73 14.93
C PRO B 493 37.50 -4.00 15.39
N LEU B 494 36.44 -4.37 14.66
CA LEU B 494 35.60 -5.50 15.06
C LEU B 494 36.40 -6.79 15.14
N TYR B 495 37.03 -7.17 14.03
CA TYR B 495 37.82 -8.40 13.96
C TYR B 495 39.31 -8.13 14.11
N GLY B 496 39.68 -7.01 14.72
CA GLY B 496 41.05 -6.57 14.69
C GLY B 496 41.40 -5.97 13.34
N GLY B 497 42.65 -6.14 12.93
CA GLY B 497 43.08 -5.64 11.64
C GLY B 497 43.83 -4.32 11.74
N LYS B 498 44.99 -4.26 11.10
CA LYS B 498 45.87 -3.10 11.18
C LYS B 498 45.68 -2.20 9.97
N THR B 499 46.22 -0.99 10.09
CA THR B 499 46.18 0.00 9.01
C THR B 499 47.49 -0.05 8.23
N ALA B 500 47.58 0.81 7.21
CA ALA B 500 48.78 0.82 6.36
C ALA B 500 49.98 1.38 7.10
N ASN B 501 49.80 2.48 7.83
CA ASN B 501 50.92 3.08 8.55
C ASN B 501 51.39 2.21 9.71
N GLU B 502 50.50 1.37 10.26
CA GLU B 502 50.93 0.41 11.27
C GLU B 502 51.88 -0.62 10.69
N LEU B 503 51.62 -1.07 9.47
CA LEU B 503 52.55 -1.98 8.81
C LEU B 503 53.85 -1.27 8.48
N LEU B 504 53.77 -0.05 7.94
CA LEU B 504 54.98 0.71 7.61
C LEU B 504 55.84 0.95 8.85
N ALA B 505 55.21 1.16 10.02
CA ALA B 505 55.98 1.24 11.24
C ALA B 505 56.57 -0.11 11.62
N ALA B 506 55.88 -1.21 11.31
CA ALA B 506 56.43 -2.53 11.58
C ALA B 506 57.65 -2.81 10.72
N MET B 507 57.62 -2.42 9.45
CA MET B 507 58.80 -2.56 8.60
C MET B 507 59.89 -1.57 8.98
N LEU B 508 59.56 -0.52 9.74
CA LEU B 508 60.54 0.42 10.25
C LEU B 508 61.03 0.06 11.65
N GLY B 509 61.04 -1.23 11.99
CA GLY B 509 61.53 -1.66 13.28
C GLY B 509 60.76 -1.11 14.46
N GLN B 510 59.45 -0.92 14.30
CA GLN B 510 58.60 -0.37 15.36
C GLN B 510 57.31 -1.19 15.41
N PRO B 511 57.37 -2.42 15.91
CA PRO B 511 56.16 -3.23 16.01
C PRO B 511 55.23 -2.74 17.10
N GLU B 512 54.09 -3.40 17.27
CA GLU B 512 53.02 -3.04 18.21
C GLU B 512 52.83 -1.54 18.34
N ALA B 513 52.86 -0.83 17.21
CA ALA B 513 52.68 0.62 17.21
C ALA B 513 51.22 0.94 17.00
N GLU B 514 50.69 1.82 17.84
CA GLU B 514 49.29 2.20 17.78
C GLU B 514 49.03 3.16 16.62
N SER B 515 47.94 2.92 15.90
CA SER B 515 47.59 3.78 14.77
C SER B 515 47.24 5.19 15.22
N TYR B 516 46.74 5.34 16.46
CA TYR B 516 46.48 6.67 16.99
C TYR B 516 47.77 7.46 17.17
N ASP B 517 48.76 6.85 17.80
CA ASP B 517 50.01 7.55 18.09
C ASP B 517 50.80 7.87 16.83
N LEU B 518 50.64 7.06 15.78
CA LEU B 518 51.40 7.29 14.56
C LEU B 518 50.92 8.56 13.84
N VAL B 519 49.61 8.64 13.55
CA VAL B 519 49.09 9.83 12.89
C VAL B 519 49.16 11.04 13.81
N ARG B 520 49.07 10.83 15.13
CA ARG B 520 49.16 11.95 16.06
C ARG B 520 50.59 12.46 16.17
N SER B 521 51.58 11.57 16.03
CA SER B 521 52.97 12.01 16.09
C SER B 521 53.36 12.77 14.84
N PHE B 522 52.87 12.34 13.67
CA PHE B 522 53.20 13.03 12.44
C PHE B 522 52.49 14.37 12.33
N TRP B 523 51.20 14.41 12.68
CA TRP B 523 50.44 15.65 12.56
C TRP B 523 50.79 16.65 13.65
N LEU B 524 51.30 16.19 14.79
CA LEU B 524 51.92 17.11 15.73
C LEU B 524 53.23 17.62 15.16
N GLU B 525 53.87 18.54 15.88
CA GLU B 525 55.11 19.21 15.48
C GLU B 525 54.99 19.86 14.10
N GLN B 526 53.78 19.90 13.55
CA GLN B 526 53.48 20.54 12.28
C GLN B 526 52.31 21.51 12.39
N ILE B 527 51.23 21.13 13.05
CA ILE B 527 50.10 22.03 13.29
C ILE B 527 49.84 22.28 14.77
N GLY B 528 50.44 21.50 15.66
CA GLY B 528 50.28 21.70 17.09
C GLY B 528 49.16 20.86 17.69
N GLU B 529 49.13 20.85 19.02
CA GLU B 529 48.10 20.10 19.73
C GLU B 529 46.74 20.78 19.59
N THR B 530 46.71 22.11 19.70
CA THR B 530 45.46 22.84 19.49
C THR B 530 44.99 22.73 18.05
N GLY B 531 45.92 22.60 17.10
CA GLY B 531 45.52 22.38 15.72
C GLY B 531 44.95 21.01 15.50
N TRP B 532 45.50 20.00 16.19
CA TRP B 532 44.95 18.65 16.11
C TRP B 532 43.55 18.58 16.71
N GLN B 533 43.31 19.33 17.80
CA GLN B 533 41.99 19.34 18.41
C GLN B 533 40.98 20.05 17.52
N VAL B 534 41.38 21.15 16.89
CA VAL B 534 40.48 21.84 15.96
C VAL B 534 40.22 21.00 14.73
N ALA B 535 41.25 20.27 14.26
CA ALA B 535 41.08 19.42 13.09
C ALA B 535 40.11 18.28 13.36
N LEU B 536 40.18 17.69 14.56
CA LEU B 536 39.23 16.63 14.92
C LEU B 536 37.83 17.18 15.10
N ALA B 537 37.71 18.40 15.64
CA ALA B 537 36.40 19.01 15.85
C ALA B 537 35.70 19.23 14.51
N ASN B 538 36.33 19.99 13.62
CA ASN B 538 35.80 20.16 12.27
C ASN B 538 36.15 18.94 11.42
N GLY B 539 36.06 19.06 10.11
CA GLY B 539 36.38 17.95 9.23
C GLY B 539 37.58 18.23 8.35
N VAL B 540 38.20 19.40 8.51
CA VAL B 540 39.27 19.85 7.63
C VAL B 540 40.45 20.30 8.48
N ILE B 541 41.59 20.47 7.82
CA ILE B 541 42.78 21.09 8.40
C ILE B 541 43.04 22.39 7.63
N ALA B 542 42.99 23.52 8.34
CA ALA B 542 43.02 24.82 7.68
C ALA B 542 44.40 25.17 7.11
N GLU B 543 45.46 24.50 7.57
CA GLU B 543 46.80 24.90 7.15
C GLU B 543 47.20 24.29 5.82
N THR B 544 46.66 23.12 5.46
CA THR B 544 47.10 22.38 4.29
C THR B 544 46.18 22.69 3.11
N VAL B 545 46.77 23.26 2.06
CA VAL B 545 46.07 23.48 0.79
C VAL B 545 47.13 23.62 -0.29
N ALA B 546 46.83 23.08 -1.47
CA ALA B 546 47.80 23.11 -2.57
C ALA B 546 48.03 24.54 -3.02
N PRO B 547 49.27 25.02 -3.00
CA PRO B 547 49.52 26.42 -3.40
C PRO B 547 49.25 26.63 -4.89
N VAL B 548 48.90 27.87 -5.22
CA VAL B 548 48.63 28.24 -6.61
C VAL B 548 49.94 28.56 -7.30
N ILE B 549 50.23 27.85 -8.39
CA ILE B 549 51.44 28.05 -9.17
C ILE B 549 51.06 28.42 -10.60
N GLU B 550 52.03 29.00 -11.31
CA GLU B 550 51.85 29.43 -12.70
C GLU B 550 52.91 28.75 -13.55
N PRO B 551 52.62 27.59 -14.13
CA PRO B 551 53.59 26.92 -14.99
C PRO B 551 53.62 27.54 -16.38
N THR B 552 54.64 27.19 -17.13
CA THR B 552 54.82 27.67 -18.50
C THR B 552 54.45 26.57 -19.49
N LEU B 553 53.89 26.98 -20.62
CA LEU B 553 53.42 26.05 -21.65
C LEU B 553 54.47 25.88 -22.73
N ASN B 554 54.69 24.63 -23.13
CA ASN B 554 55.67 24.28 -24.16
C ASN B 554 54.94 24.01 -25.46
N GLU B 555 55.04 24.95 -26.41
CA GLU B 555 54.32 24.81 -27.66
C GLU B 555 54.93 23.74 -28.55
N GLY B 556 56.26 23.67 -28.60
CA GLY B 556 56.91 22.78 -29.55
C GLY B 556 56.66 21.32 -29.25
N ALA B 557 56.56 20.96 -27.97
CA ALA B 557 56.36 19.58 -27.59
C ALA B 557 54.95 19.11 -27.89
N ILE B 558 53.94 19.93 -27.57
CA ILE B 558 52.56 19.56 -27.82
C ILE B 558 52.20 19.68 -29.31
N ARG B 559 52.98 20.44 -30.08
CA ARG B 559 52.71 20.56 -31.51
C ARG B 559 53.30 19.39 -32.29
N ALA B 560 54.45 18.88 -31.85
CA ALA B 560 55.11 17.75 -32.50
C ALA B 560 54.71 16.47 -31.78
N THR B 561 53.49 16.02 -32.07
CA THR B 561 52.92 14.82 -31.47
C THR B 561 52.16 14.07 -32.57
N PRO B 562 52.32 12.73 -32.64
CA PRO B 562 51.64 11.98 -33.71
C PRO B 562 50.14 12.20 -33.80
N ILE B 563 49.45 12.31 -32.67
CA ILE B 563 48.00 12.44 -32.61
C ILE B 563 47.36 11.26 -33.33
N PRO B 564 47.11 10.15 -32.64
CA PRO B 564 46.63 8.95 -33.33
C PRO B 564 45.23 9.11 -33.89
N GLN B 565 44.98 8.41 -35.02
CA GLN B 565 43.73 8.40 -35.76
C GLN B 565 42.96 7.10 -35.51
N PRO B 566 41.64 7.12 -35.64
CA PRO B 566 40.85 5.91 -35.44
C PRO B 566 41.03 4.92 -36.59
N GLY B 567 40.50 3.72 -36.39
CA GLY B 567 40.55 2.70 -37.41
C GLY B 567 40.55 1.33 -36.77
N ASP B 568 40.98 0.35 -37.56
CA ASP B 568 41.12 -1.07 -37.21
C ASP B 568 39.79 -1.76 -36.95
N GLY B 569 38.66 -1.08 -37.10
CA GLY B 569 37.37 -1.73 -37.00
C GLY B 569 36.63 -1.50 -35.68
N VAL B 570 35.93 -2.53 -35.21
CA VAL B 570 35.12 -2.42 -34.00
C VAL B 570 36.04 -2.26 -32.79
N GLU B 571 35.74 -1.26 -31.96
CA GLU B 571 36.56 -0.93 -30.82
C GLU B 571 35.86 -1.37 -29.52
N ILE B 572 36.67 -1.55 -28.49
CA ILE B 572 36.19 -1.89 -27.15
C ILE B 572 36.56 -0.74 -26.22
N VAL B 573 35.58 -0.25 -25.47
CA VAL B 573 35.77 0.84 -24.53
C VAL B 573 35.59 0.30 -23.12
N PHE B 574 36.67 0.32 -22.34
CA PHE B 574 36.64 -0.16 -20.96
C PHE B 574 36.25 0.98 -20.04
N ARG B 575 35.08 0.84 -19.39
CA ARG B 575 34.58 1.88 -18.50
C ARG B 575 34.34 1.32 -17.11
N PRO B 576 34.57 2.10 -16.07
CA PRO B 576 34.24 1.62 -14.72
C PRO B 576 32.74 1.46 -14.55
N ASP B 577 32.35 0.41 -13.84
CA ASP B 577 30.93 0.19 -13.58
C ASP B 577 30.38 1.29 -12.70
N PRO B 578 29.18 1.81 -12.99
CA PRO B 578 28.65 2.93 -12.20
C PRO B 578 28.50 2.62 -10.72
N SER B 579 28.21 1.37 -10.37
CA SER B 579 27.94 0.99 -8.99
C SER B 579 29.05 0.17 -8.34
N LEU B 580 29.91 -0.48 -9.13
CA LEU B 580 30.93 -1.36 -8.58
C LEU B 580 32.34 -0.81 -8.66
N PHE B 581 32.57 0.26 -9.44
CA PHE B 581 33.89 0.90 -9.59
C PHE B 581 34.89 -0.14 -10.07
N ASP B 582 36.00 -0.36 -9.37
CA ASP B 582 37.03 -1.31 -9.79
C ASP B 582 36.72 -2.74 -9.38
N GLY B 583 35.54 -3.00 -8.83
CA GLY B 583 35.20 -4.32 -8.33
C GLY B 583 35.37 -4.51 -6.84
N PHE B 584 35.82 -3.48 -6.12
CA PHE B 584 35.94 -3.60 -4.66
C PHE B 584 34.58 -3.81 -4.02
N TYR B 585 33.57 -3.08 -4.48
CA TYR B 585 32.23 -3.13 -3.91
C TYR B 585 31.36 -4.22 -4.54
N ALA B 586 31.97 -5.28 -5.07
CA ALA B 586 31.18 -6.36 -5.66
C ALA B 586 30.47 -7.20 -4.60
N ASN B 587 30.92 -7.13 -3.35
CA ASN B 587 30.25 -7.83 -2.26
C ASN B 587 29.15 -6.99 -1.62
N ASN B 588 29.11 -5.68 -1.89
CA ASN B 588 28.10 -4.82 -1.31
C ASN B 588 26.74 -5.06 -1.97
N GLY B 589 25.76 -5.48 -1.18
CA GLY B 589 24.45 -5.77 -1.73
C GLY B 589 23.72 -4.53 -2.20
N TRP B 590 23.91 -3.41 -1.51
CA TRP B 590 23.23 -2.17 -1.89
C TRP B 590 23.68 -1.72 -3.28
N LEU B 591 24.97 -1.80 -3.56
CA LEU B 591 25.48 -1.35 -4.86
C LEU B 591 25.24 -2.37 -5.96
N GLN B 592 25.30 -3.67 -5.64
CA GLN B 592 25.06 -4.68 -6.64
C GLN B 592 23.60 -4.70 -7.08
N GLU B 593 22.68 -4.35 -6.18
CA GLU B 593 21.26 -4.30 -6.51
C GLU B 593 20.84 -2.96 -7.10
N LEU B 594 21.61 -1.91 -6.88
CA LEU B 594 21.29 -0.59 -7.41
C LEU B 594 21.19 -0.64 -8.94
N PRO B 595 20.05 -0.28 -9.52
CA PRO B 595 19.94 -0.27 -10.98
C PRO B 595 20.89 0.75 -11.59
N ARG B 596 21.70 0.28 -12.54
CA ARG B 596 22.70 1.14 -13.16
C ARG B 596 22.01 2.23 -13.99
N PRO B 597 22.60 3.43 -14.04
CA PRO B 597 22.00 4.51 -14.83
C PRO B 597 22.03 4.19 -16.31
N LEU B 598 21.00 4.65 -17.01
CA LEU B 598 20.88 4.55 -18.46
C LEU B 598 20.70 3.11 -18.93
N THR B 599 20.97 2.14 -18.06
CA THR B 599 20.87 0.73 -18.40
C THR B 599 19.86 -0.03 -17.56
N LYS B 600 19.72 0.33 -16.28
CA LYS B 600 18.73 -0.26 -15.37
C LYS B 600 18.97 -1.75 -15.12
N LEU B 601 20.16 -2.24 -15.44
CA LEU B 601 20.52 -3.62 -15.13
C LEU B 601 20.95 -3.75 -13.68
N VAL B 602 20.75 -4.94 -13.10
CA VAL B 602 21.20 -5.21 -11.75
C VAL B 602 21.84 -6.60 -11.71
N TRP B 603 22.76 -6.79 -10.77
CA TRP B 603 23.39 -8.07 -10.45
C TRP B 603 24.13 -8.69 -11.63
N ASP B 604 24.36 -7.94 -12.71
CA ASP B 604 24.94 -8.53 -13.91
C ASP B 604 25.80 -7.50 -14.63
N ASN B 605 26.48 -7.98 -15.68
CA ASN B 605 27.31 -7.16 -16.54
C ASN B 605 26.97 -7.51 -17.99
N ALA B 606 27.04 -6.50 -18.87
CA ALA B 606 26.66 -6.70 -20.25
C ALA B 606 27.54 -5.85 -21.16
N ALA B 607 27.61 -6.26 -22.42
CA ALA B 607 28.30 -5.50 -23.46
C ALA B 607 27.31 -4.52 -24.07
N LEU B 608 27.49 -3.24 -23.78
CA LEU B 608 26.56 -2.21 -24.21
C LEU B 608 26.91 -1.75 -25.62
N MET B 609 25.91 -1.74 -26.51
CA MET B 609 26.10 -1.33 -27.89
C MET B 609 24.83 -0.68 -28.40
N SER B 610 25.00 0.19 -29.39
CA SER B 610 23.85 0.85 -30.00
C SER B 610 23.03 -0.17 -30.80
N PRO B 611 21.75 0.12 -31.04
CA PRO B 611 20.93 -0.81 -31.84
C PRO B 611 21.49 -1.07 -33.22
N ARG B 612 21.96 -0.03 -33.92
CA ARG B 612 22.54 -0.22 -35.25
C ARG B 612 23.75 -1.14 -35.20
N THR B 613 24.59 -0.99 -34.16
CA THR B 613 25.78 -1.84 -34.04
C THR B 613 25.39 -3.30 -33.83
N ALA B 614 24.37 -3.55 -33.00
CA ALA B 614 23.93 -4.92 -32.76
C ALA B 614 23.32 -5.52 -34.02
N ILE B 615 22.58 -4.71 -34.79
CA ILE B 615 21.97 -5.20 -36.02
C ILE B 615 23.05 -5.60 -37.02
N LYS B 616 24.06 -4.75 -37.19
CA LYS B 616 25.07 -4.98 -38.21
C LYS B 616 26.03 -6.11 -37.81
N LEU B 617 26.34 -6.24 -36.53
CA LEU B 617 27.39 -7.16 -36.10
C LEU B 617 26.87 -8.53 -35.74
N LEU B 618 25.71 -8.62 -35.06
CA LEU B 618 25.17 -9.91 -34.65
C LEU B 618 24.23 -10.51 -35.69
N GLY B 619 23.99 -9.84 -36.80
CA GLY B 619 23.09 -10.35 -37.82
C GLY B 619 21.65 -10.51 -37.37
N LEU B 620 21.11 -9.50 -36.68
CA LEU B 620 19.74 -9.53 -36.18
C LEU B 620 18.78 -9.00 -37.23
N PRO B 621 17.59 -9.60 -37.35
CA PRO B 621 16.65 -9.23 -38.44
C PRO B 621 15.83 -7.99 -38.11
N PHE B 622 16.48 -6.83 -38.13
CA PHE B 622 15.82 -5.55 -37.93
C PHE B 622 16.44 -4.53 -38.87
N ASN B 623 15.63 -3.55 -39.27
CA ASN B 623 16.10 -2.54 -40.22
C ASN B 623 16.96 -1.48 -39.56
N ALA B 624 16.65 -1.13 -38.30
CA ALA B 624 17.37 -0.11 -37.53
C ALA B 624 17.20 1.28 -38.11
N ASP B 625 16.69 1.37 -39.34
CA ASP B 625 16.35 2.65 -39.95
C ASP B 625 14.91 3.06 -39.69
N ARG B 626 14.06 2.13 -39.23
CA ARG B 626 12.68 2.47 -38.88
C ARG B 626 12.61 3.27 -37.59
N LEU B 627 13.67 3.28 -36.80
CA LEU B 627 13.72 4.13 -35.62
C LEU B 627 13.85 5.61 -35.98
N ILE B 628 14.22 5.91 -37.21
CA ILE B 628 14.29 7.29 -37.69
C ILE B 628 12.92 7.73 -38.16
N GLY B 629 12.53 8.94 -37.81
CA GLY B 629 11.23 9.46 -38.24
C GLY B 629 10.97 10.81 -37.62
N THR B 630 9.79 11.33 -37.92
CA THR B 630 9.34 12.63 -37.45
C THR B 630 8.31 12.45 -36.32
N GLU B 631 7.65 13.55 -35.95
CA GLU B 631 6.64 13.51 -34.92
C GLU B 631 5.40 12.73 -35.35
N ALA B 632 5.15 12.62 -36.65
CA ALA B 632 3.92 11.99 -37.12
C ALA B 632 3.89 10.50 -36.81
N ASP B 633 5.05 9.84 -36.74
CA ASP B 633 5.13 8.41 -36.51
C ASP B 633 5.96 8.07 -35.28
N ASP B 634 5.91 8.94 -34.26
CA ASP B 634 6.72 8.72 -33.07
C ASP B 634 6.29 7.47 -32.31
N ARG B 635 4.98 7.27 -32.15
CA ARG B 635 4.48 6.10 -31.43
C ARG B 635 4.83 4.80 -32.15
N GLU B 636 4.79 4.82 -33.48
CA GLU B 636 5.16 3.63 -34.24
C GLU B 636 6.64 3.31 -34.07
N ARG B 637 7.49 4.34 -34.00
CA ARG B 637 8.92 4.12 -33.77
C ARG B 637 9.17 3.59 -32.36
N GLN B 638 8.39 4.06 -31.38
CA GLN B 638 8.53 3.54 -30.03
C GLN B 638 8.11 2.08 -29.94
N GLN B 639 7.09 1.70 -30.72
CA GLN B 639 6.69 0.29 -30.77
C GLN B 639 7.77 -0.57 -31.41
N TYR B 640 8.44 -0.04 -32.44
CA TYR B 640 9.52 -0.79 -33.07
C TYR B 640 10.72 -0.90 -32.13
N LEU B 641 10.98 0.12 -31.33
CA LEU B 641 12.04 0.03 -30.34
C LEU B 641 11.72 -1.01 -29.28
N GLU B 642 10.43 -1.14 -28.92
CA GLU B 642 10.02 -2.21 -28.01
C GLU B 642 10.28 -3.58 -28.62
N GLN B 643 9.94 -3.74 -29.90
CA GLN B 643 10.20 -5.01 -30.57
C GLN B 643 11.69 -5.28 -30.69
N LEU B 644 12.49 -4.23 -30.88
CA LEU B 644 13.94 -4.41 -31.02
C LEU B 644 14.60 -4.75 -29.69
N SER B 645 14.03 -4.28 -28.57
CA SER B 645 14.59 -4.57 -27.26
C SER B 645 14.49 -6.05 -26.89
N LYS B 646 13.82 -6.86 -27.70
CA LYS B 646 13.71 -8.29 -27.42
C LYS B 646 15.00 -9.04 -27.72
N VAL B 647 16.00 -8.40 -28.32
CA VAL B 647 17.27 -9.07 -28.62
C VAL B 647 18.25 -8.96 -27.46
N ASN B 648 17.88 -8.33 -26.35
CA ASN B 648 18.76 -8.23 -25.20
C ASN B 648 18.99 -9.61 -24.59
N GLY B 649 20.25 -9.93 -24.31
CA GLY B 649 20.62 -11.18 -23.70
C GLY B 649 21.38 -12.13 -24.61
N THR B 650 21.46 -11.85 -25.90
CA THR B 650 22.19 -12.73 -26.81
C THR B 650 23.69 -12.68 -26.49
N ILE B 651 24.27 -13.86 -26.27
CA ILE B 651 25.68 -13.95 -25.91
C ILE B 651 26.54 -13.67 -27.13
N ALA B 652 27.61 -12.89 -26.93
CA ALA B 652 28.53 -12.53 -27.99
C ALA B 652 29.96 -12.89 -27.59
N ARG B 653 30.66 -13.59 -28.48
CA ARG B 653 32.04 -14.02 -28.26
C ARG B 653 32.98 -12.94 -28.79
N ILE B 654 33.29 -11.97 -27.94
CA ILE B 654 34.15 -10.86 -28.33
C ILE B 654 35.61 -11.31 -28.29
N GLU B 655 36.28 -11.24 -29.43
CA GLU B 655 37.69 -11.55 -29.54
C GLU B 655 38.47 -10.26 -29.72
N TYR B 656 39.29 -9.90 -28.74
CA TYR B 656 39.98 -8.62 -28.73
C TYR B 656 41.44 -8.79 -29.12
N ARG B 657 42.27 -9.32 -28.21
CA ARG B 657 43.68 -9.57 -28.47
C ARG B 657 44.03 -10.94 -27.88
N GLY B 658 43.58 -12.00 -28.54
CA GLY B 658 43.84 -13.35 -28.10
C GLY B 658 42.90 -13.86 -27.02
N GLY B 659 41.84 -13.11 -26.72
CA GLY B 659 40.93 -13.49 -25.66
C GLY B 659 39.50 -13.52 -26.15
N ILE B 660 38.75 -14.51 -25.64
CA ILE B 660 37.31 -14.60 -25.88
C ILE B 660 36.59 -14.37 -24.56
N ILE B 661 35.63 -13.45 -24.55
CA ILE B 661 34.95 -13.04 -23.32
C ILE B 661 33.55 -13.63 -23.19
N GLU B 662 32.81 -13.82 -24.29
CA GLU B 662 31.49 -14.46 -24.26
C GLU B 662 30.57 -13.82 -23.22
N ILE B 663 30.26 -12.54 -23.44
CA ILE B 663 29.45 -11.75 -22.51
C ILE B 663 28.13 -11.42 -23.20
N PRO B 664 27.01 -11.46 -22.50
CA PRO B 664 25.74 -11.08 -23.12
C PRO B 664 25.72 -9.60 -23.49
N ILE B 665 24.87 -9.28 -24.47
CA ILE B 665 24.79 -7.94 -25.01
C ILE B 665 23.60 -7.21 -24.40
N TRP B 666 23.65 -5.88 -24.46
CA TRP B 666 22.55 -5.02 -24.06
C TRP B 666 22.50 -3.82 -25.00
N LEU B 667 21.30 -3.31 -25.23
CA LEU B 667 21.08 -2.23 -26.18
C LEU B 667 21.06 -0.89 -25.45
N LEU B 668 22.02 -0.04 -25.76
CA LEU B 668 22.08 1.33 -25.24
C LEU B 668 22.00 2.29 -26.42
N PRO B 669 20.88 2.99 -26.60
CA PRO B 669 20.68 3.75 -27.85
C PRO B 669 21.75 4.80 -28.12
N GLY B 670 22.17 5.53 -27.09
CA GLY B 670 23.09 6.64 -27.31
C GLY B 670 24.51 6.24 -27.70
N HIS B 671 24.81 4.94 -27.71
CA HIS B 671 26.17 4.49 -27.97
C HIS B 671 26.60 4.84 -29.38
N ALA B 672 27.89 5.14 -29.54
CA ALA B 672 28.45 5.38 -30.86
C ALA B 672 28.55 4.07 -31.63
N GLU B 673 28.35 4.17 -32.95
CA GLU B 673 28.34 2.98 -33.80
C GLU B 673 29.75 2.39 -33.88
N ASP B 674 29.79 1.06 -34.06
CA ASP B 674 31.04 0.31 -34.15
C ASP B 674 31.86 0.39 -32.88
N SER B 675 31.20 0.59 -31.74
CA SER B 675 31.85 0.64 -30.44
C SER B 675 31.03 -0.15 -29.43
N ILE B 676 31.73 -0.93 -28.61
CA ILE B 676 31.10 -1.76 -27.58
C ILE B 676 31.72 -1.39 -26.25
N THR B 677 30.87 -1.09 -25.27
CA THR B 677 31.32 -0.72 -23.94
C THR B 677 31.23 -1.92 -23.00
N LEU B 678 32.33 -2.22 -22.35
CA LEU B 678 32.42 -3.32 -21.40
C LEU B 678 32.73 -2.73 -20.03
N ASN B 679 31.93 -3.10 -19.02
CA ASN B 679 32.02 -2.51 -17.69
C ASN B 679 32.90 -3.39 -16.80
N LEU B 680 33.82 -2.74 -16.10
CA LEU B 680 34.79 -3.43 -15.26
C LEU B 680 34.18 -3.77 -13.89
N GLY B 681 34.86 -4.66 -13.18
CA GLY B 681 34.50 -4.98 -11.82
C GLY B 681 33.61 -6.19 -11.62
N TYR B 682 33.63 -7.15 -12.53
CA TYR B 682 32.80 -8.33 -12.44
C TYR B 682 33.64 -9.59 -12.61
N GLY B 683 33.02 -10.73 -12.34
CA GLY B 683 33.69 -12.01 -12.52
C GLY B 683 34.59 -12.43 -11.39
N ARG B 684 34.51 -11.77 -10.23
CA ARG B 684 35.35 -12.15 -9.10
C ARG B 684 35.04 -13.57 -8.65
N THR B 685 36.04 -14.25 -8.09
CA THR B 685 35.88 -15.62 -7.60
C THR B 685 36.06 -15.75 -6.09
N HIS B 686 36.76 -14.82 -5.44
CA HIS B 686 36.97 -14.86 -4.00
C HIS B 686 36.30 -13.69 -3.30
N ALA B 687 35.23 -13.17 -3.90
CA ALA B 687 34.41 -12.16 -3.25
C ALA B 687 33.46 -12.83 -2.26
N GLY B 688 32.69 -12.02 -1.56
CA GLY B 688 31.80 -12.51 -0.53
C GLY B 688 30.62 -13.27 -1.11
N ARG B 689 29.72 -13.65 -0.20
CA ARG B 689 28.52 -14.40 -0.60
C ARG B 689 27.69 -13.64 -1.61
N VAL B 690 27.68 -12.31 -1.53
CA VAL B 690 27.04 -11.47 -2.52
C VAL B 690 28.05 -11.19 -3.62
N GLY B 691 27.67 -11.48 -4.87
CA GLY B 691 28.54 -11.22 -5.99
C GLY B 691 29.68 -12.19 -6.17
N ASN B 692 29.56 -13.42 -5.65
CA ASN B 692 30.68 -14.36 -5.71
C ASN B 692 30.93 -14.86 -7.13
N ASN B 693 29.90 -14.86 -7.97
CA ASN B 693 30.04 -15.25 -9.37
C ASN B 693 29.04 -14.48 -10.22
N VAL B 694 29.19 -13.15 -10.27
CA VAL B 694 28.30 -12.29 -11.05
C VAL B 694 29.12 -11.60 -12.12
N GLY B 695 28.53 -11.51 -13.32
CA GLY B 695 29.18 -10.83 -14.43
C GLY B 695 30.28 -11.66 -15.07
N ILE B 696 30.84 -11.11 -16.14
CA ILE B 696 31.94 -11.71 -16.88
C ILE B 696 33.15 -10.81 -16.75
N ASP B 697 34.29 -11.39 -16.36
CA ASP B 697 35.48 -10.60 -16.13
C ASP B 697 36.02 -10.03 -17.43
N VAL B 698 36.20 -8.71 -17.46
CA VAL B 698 36.75 -8.02 -18.62
C VAL B 698 38.24 -7.72 -18.47
N TYR B 699 38.77 -7.86 -17.26
CA TYR B 699 40.19 -7.59 -17.04
C TYR B 699 41.13 -8.51 -17.82
N PRO B 700 40.82 -9.80 -18.05
CA PRO B 700 41.73 -10.61 -18.88
C PRO B 700 41.93 -10.06 -20.27
N ILE B 701 40.87 -9.61 -20.93
CA ILE B 701 41.02 -9.04 -22.27
C ILE B 701 41.60 -7.63 -22.22
N ARG B 702 41.64 -7.00 -21.06
CA ARG B 702 42.23 -5.68 -20.95
C ARG B 702 43.75 -5.75 -21.15
N THR B 703 44.30 -4.77 -21.85
CA THR B 703 45.70 -4.77 -22.24
C THR B 703 46.43 -3.56 -21.68
N SER B 704 47.75 -3.70 -21.50
CA SER B 704 48.54 -2.62 -20.93
C SER B 704 48.76 -1.49 -21.92
N ASP B 705 48.87 -1.81 -23.21
CA ASP B 705 49.17 -0.78 -24.21
C ASP B 705 48.04 0.25 -24.30
N SER B 706 46.79 -0.22 -24.24
CA SER B 706 45.63 0.66 -24.22
C SER B 706 44.64 0.16 -23.18
N PRO B 707 44.52 0.83 -22.04
CA PRO B 707 43.65 0.34 -20.97
C PRO B 707 42.21 0.82 -21.02
N TRP B 708 41.90 1.82 -21.86
CA TRP B 708 40.55 2.37 -21.95
C TRP B 708 39.93 2.24 -23.33
N PHE B 709 40.73 2.11 -24.40
CA PHE B 709 40.23 2.02 -25.76
C PHE B 709 40.63 0.69 -26.38
N GLY B 710 39.98 0.36 -27.50
CA GLY B 710 40.26 -0.86 -28.21
C GLY B 710 40.48 -0.59 -29.70
N ALA B 711 40.99 -1.62 -30.38
CA ALA B 711 41.33 -1.49 -31.80
C ALA B 711 40.33 -2.24 -32.67
N GLY B 712 40.52 -3.54 -32.78
CA GLY B 712 39.64 -4.37 -33.62
C GLY B 712 39.15 -5.58 -32.85
N ALA B 713 37.90 -5.95 -33.11
CA ALA B 713 37.25 -7.02 -32.36
C ALA B 713 36.37 -7.85 -33.27
N ARG B 714 36.12 -9.08 -32.85
CA ARG B 714 35.24 -10.02 -33.54
C ARG B 714 34.09 -10.36 -32.61
N VAL B 715 32.87 -9.98 -33.01
CA VAL B 715 31.71 -10.09 -32.11
C VAL B 715 31.26 -11.54 -31.97
N THR B 716 31.08 -12.25 -33.09
CA THR B 716 30.73 -13.67 -33.11
C THR B 716 29.51 -13.96 -32.25
N ASN B 717 28.32 -13.72 -32.80
CA ASN B 717 27.09 -14.09 -32.10
C ASN B 717 26.98 -15.61 -32.00
N THR B 718 26.60 -16.09 -30.82
CA THR B 718 26.60 -17.52 -30.53
C THR B 718 25.20 -18.09 -30.28
N GLY B 719 24.16 -17.27 -30.39
CA GLY B 719 22.87 -17.71 -29.87
C GLY B 719 22.97 -17.82 -28.37
N ARG B 720 22.45 -18.91 -27.82
CA ARG B 720 22.64 -19.26 -26.41
C ARG B 720 22.36 -18.07 -25.49
N THR B 721 21.08 -17.72 -25.42
CA THR B 721 20.69 -16.51 -24.70
C THR B 721 20.93 -16.66 -23.20
N TYR B 722 21.15 -15.52 -22.55
CA TYR B 722 21.34 -15.44 -21.11
C TYR B 722 20.37 -14.42 -20.55
N LEU B 723 19.86 -14.69 -19.35
CA LEU B 723 18.81 -13.85 -18.76
C LEU B 723 19.43 -12.61 -18.14
N LEU B 724 19.11 -11.45 -18.73
CA LEU B 724 19.50 -10.15 -18.18
C LEU B 724 18.29 -9.51 -17.53
N VAL B 725 18.50 -8.86 -16.39
CA VAL B 725 17.41 -8.38 -15.55
C VAL B 725 17.44 -6.85 -15.47
N SER B 726 16.29 -6.23 -15.71
CA SER B 726 16.16 -4.78 -15.76
C SER B 726 14.98 -4.36 -14.90
N THR B 727 15.11 -3.18 -14.28
CA THR B 727 14.11 -2.68 -13.36
C THR B 727 13.04 -1.83 -14.04
N GLN B 728 13.14 -1.59 -15.35
CA GLN B 728 12.18 -0.76 -16.06
C GLN B 728 11.49 -1.48 -17.20
N ASP B 729 12.25 -2.11 -18.10
CA ASP B 729 11.73 -2.94 -19.18
C ASP B 729 10.98 -2.15 -20.24
N HIS B 730 10.77 -0.85 -20.04
CA HIS B 730 10.20 0.03 -21.06
C HIS B 730 10.99 1.32 -21.10
N TRP B 731 11.54 1.65 -22.26
CA TRP B 731 12.51 2.74 -22.39
C TRP B 731 11.92 3.98 -23.04
N THR B 732 10.61 4.04 -23.24
CA THR B 732 10.00 5.16 -23.93
C THR B 732 8.69 5.55 -23.27
N LEU B 733 8.50 6.84 -23.03
CA LEU B 733 7.21 7.35 -22.55
C LEU B 733 6.25 7.47 -23.72
N GLU B 734 5.09 6.83 -23.60
CA GLU B 734 4.16 6.68 -24.72
C GLU B 734 3.30 7.95 -24.87
N GLY B 735 3.97 9.01 -25.29
CA GLY B 735 3.32 10.28 -25.60
C GLY B 735 2.45 10.81 -24.47
N ARG B 736 3.02 10.92 -23.28
CA ARG B 736 2.28 11.37 -22.11
C ARG B 736 3.03 12.55 -21.48
N ASP B 737 2.37 13.20 -20.53
CA ASP B 737 2.93 14.37 -19.87
C ASP B 737 3.71 13.98 -18.61
N ILE B 738 4.70 13.11 -18.80
CA ILE B 738 5.54 12.66 -17.70
C ILE B 738 6.74 13.59 -17.51
N TYR B 739 7.41 13.95 -18.61
CA TYR B 739 8.61 14.77 -18.57
C TYR B 739 8.39 16.01 -19.43
N ARG B 740 8.70 17.18 -18.86
CA ARG B 740 8.48 18.46 -19.52
C ARG B 740 9.82 19.13 -19.79
N VAL B 741 10.01 19.57 -21.04
CA VAL B 741 11.26 20.19 -21.47
C VAL B 741 10.92 21.49 -22.20
N GLY B 742 11.77 22.51 -21.99
CA GLY B 742 11.61 23.78 -22.65
C GLY B 742 12.95 24.37 -23.05
N GLU B 743 12.90 25.58 -23.62
CA GLU B 743 14.07 26.33 -24.02
C GLU B 743 14.23 27.55 -23.13
N PHE B 744 15.49 27.95 -22.91
CA PHE B 744 15.76 29.07 -22.02
C PHE B 744 15.37 30.41 -22.65
N LYS B 745 15.49 30.53 -23.98
CA LYS B 745 15.14 31.79 -24.64
C LYS B 745 13.65 32.06 -24.52
N LYS B 746 12.81 31.03 -24.63
CA LYS B 746 11.38 31.20 -24.44
C LYS B 746 11.00 31.24 -22.96
N PHE B 747 11.80 30.58 -22.11
CA PHE B 747 11.52 30.60 -20.67
C PHE B 747 11.74 31.98 -20.08
N LYS B 748 12.68 32.74 -20.62
CA LYS B 748 12.95 34.08 -20.09
C LYS B 748 11.75 35.00 -20.25
N GLU B 749 11.12 34.97 -21.44
CA GLU B 749 9.98 35.84 -21.69
C GLU B 749 8.76 35.42 -20.85
N ASP B 750 8.57 34.12 -20.69
CA ASP B 750 7.45 33.61 -19.89
C ASP B 750 7.82 32.27 -19.27
N PRO B 751 7.99 32.20 -17.95
CA PRO B 751 8.35 30.92 -17.32
C PRO B 751 7.23 29.89 -17.32
N LYS B 752 6.02 30.26 -17.72
CA LYS B 752 4.86 29.38 -17.68
C LYS B 752 4.50 28.81 -19.04
N TYR B 753 5.37 28.95 -20.03
CA TYR B 753 4.99 28.60 -21.40
C TYR B 753 4.90 27.10 -21.62
N ILE B 754 5.70 26.31 -20.90
CA ILE B 754 5.63 24.86 -21.04
C ILE B 754 4.29 24.34 -20.58
N ALA B 755 3.78 24.86 -19.45
CA ALA B 755 2.48 24.42 -18.95
C ALA B 755 1.35 24.88 -19.85
N LYS B 756 1.48 26.05 -20.48
CA LYS B 756 0.42 26.51 -21.38
C LYS B 756 0.33 25.61 -22.60
N GLU B 757 1.48 25.13 -23.10
CA GLU B 757 1.48 24.03 -24.04
C GLU B 757 0.97 22.76 -23.35
N VAL B 758 0.81 21.71 -24.14
CA VAL B 758 0.23 20.45 -23.69
C VAL B 758 -1.25 20.67 -23.37
N TYR B 759 -1.56 21.56 -22.43
CA TYR B 759 -2.95 21.80 -22.06
C TYR B 759 -3.76 22.34 -23.24
N GLN B 760 -3.11 23.08 -24.15
CA GLN B 760 -3.79 23.47 -25.37
C GLN B 760 -4.02 22.27 -26.29
N GLU B 761 -3.00 21.41 -26.44
CA GLU B 761 -3.15 20.24 -27.28
C GLU B 761 -4.04 19.18 -26.67
N GLU B 762 -4.23 19.21 -25.34
CA GLU B 762 -5.10 18.24 -24.67
C GLU B 762 -6.52 18.76 -24.50
N TYR B 763 -6.69 20.05 -24.24
CA TYR B 763 -8.00 20.61 -23.93
C TYR B 763 -8.42 21.78 -24.80
N GLY B 764 -7.49 22.43 -25.52
CA GLY B 764 -7.80 23.60 -26.30
C GLY B 764 -7.67 24.92 -25.55
N ARG B 765 -7.50 24.87 -24.24
CA ARG B 765 -7.33 26.06 -23.42
C ARG B 765 -5.97 26.01 -22.74
N GLU B 766 -5.57 27.15 -22.17
CA GLU B 766 -4.27 27.28 -21.51
C GLU B 766 -4.29 26.86 -20.05
N THR B 767 -5.45 26.48 -19.51
CA THR B 767 -5.56 26.13 -18.10
C THR B 767 -6.49 24.93 -17.95
N PRO B 768 -6.04 23.85 -17.29
CA PRO B 768 -6.91 22.68 -17.07
C PRO B 768 -7.78 22.89 -15.84
N ASN B 769 -9.07 23.13 -16.09
CA ASN B 769 -10.02 23.43 -15.01
C ASN B 769 -10.45 22.12 -14.33
N TYR B 770 -9.48 21.49 -13.67
CA TYR B 770 -9.76 20.26 -12.94
C TYR B 770 -10.71 20.54 -11.79
N GLN B 771 -11.74 19.71 -11.67
CA GLN B 771 -12.74 19.84 -10.62
C GLN B 771 -12.84 18.52 -9.86
N SER B 772 -12.97 18.63 -8.54
CA SER B 772 -12.98 17.49 -7.65
C SER B 772 -14.30 17.41 -6.89
N LEU B 773 -14.63 16.21 -6.44
CA LEU B 773 -15.82 15.95 -5.63
C LEU B 773 -15.50 15.75 -4.16
N GLN B 774 -14.23 15.75 -3.78
CA GLN B 774 -13.82 15.53 -2.41
C GLN B 774 -13.31 16.82 -1.77
N PRO B 775 -13.63 17.06 -0.50
CA PRO B 775 -13.22 18.32 0.14
C PRO B 775 -11.74 18.35 0.51
N GLY B 776 -11.23 17.22 1.00
CA GLY B 776 -9.87 17.19 1.51
C GLY B 776 -9.76 17.83 2.88
N ASP B 777 -8.54 18.29 3.19
CA ASP B 777 -8.26 18.98 4.43
C ASP B 777 -7.73 20.37 4.14
N ASP B 778 -7.65 21.19 5.19
CA ASP B 778 -7.37 22.61 5.01
C ASP B 778 -5.86 22.89 4.88
N TYR B 779 -5.11 22.60 5.94
CA TYR B 779 -3.67 22.87 6.00
C TYR B 779 -3.39 24.37 5.81
N THR B 780 -3.94 25.19 6.70
CA THR B 780 -3.71 26.63 6.65
C THR B 780 -2.71 27.09 7.69
N GLY B 781 -3.05 26.97 8.97
CA GLY B 781 -2.18 27.40 10.04
C GLY B 781 -1.22 26.35 10.55
N ARG B 782 -1.15 25.19 9.90
CA ARG B 782 -0.30 24.10 10.35
C ARG B 782 0.85 23.88 9.37
N ASN B 783 1.83 23.11 9.82
CA ASN B 783 2.95 22.75 8.97
C ASN B 783 2.49 21.83 7.85
N ALA B 784 3.02 22.06 6.65
CA ALA B 784 2.71 21.23 5.48
C ALA B 784 4.02 20.83 4.82
N TRP B 785 4.41 19.57 4.96
CA TRP B 785 5.67 19.11 4.43
C TRP B 785 5.55 18.84 2.93
N GLY B 786 6.49 19.39 2.15
CA GLY B 786 6.49 19.20 0.72
C GLY B 786 7.91 19.05 0.19
N MET B 787 8.00 18.57 -1.04
CA MET B 787 9.27 18.30 -1.69
C MET B 787 9.22 18.74 -3.15
N THR B 788 10.36 19.24 -3.64
CA THR B 788 10.48 19.69 -5.02
C THR B 788 11.72 19.08 -5.64
N ILE B 789 11.56 18.54 -6.85
CA ILE B 789 12.65 17.91 -7.58
C ILE B 789 12.92 18.74 -8.84
N ASN B 790 14.13 19.27 -8.95
CA ASN B 790 14.54 20.09 -10.08
C ASN B 790 15.16 19.18 -11.14
N LEU B 791 14.49 19.07 -12.29
CA LEU B 791 14.98 18.22 -13.37
C LEU B 791 16.24 18.77 -14.02
N ASN B 792 16.47 20.08 -13.94
CA ASN B 792 17.68 20.68 -14.50
C ASN B 792 18.93 20.33 -13.71
N ALA B 793 18.79 19.77 -12.51
CA ALA B 793 19.94 19.43 -11.68
C ALA B 793 20.14 17.93 -11.51
N CYS B 794 19.15 17.11 -11.83
CA CYS B 794 19.31 15.67 -11.67
C CYS B 794 20.22 15.10 -12.75
N ILE B 795 21.19 14.30 -12.34
CA ILE B 795 22.15 13.68 -13.24
C ILE B 795 22.13 12.17 -13.16
N GLY B 796 21.28 11.58 -12.33
CA GLY B 796 21.18 10.14 -12.25
C GLY B 796 22.31 9.45 -11.52
N CYS B 797 22.95 10.14 -10.57
CA CYS B 797 24.07 9.56 -9.84
C CYS B 797 23.63 8.44 -8.90
N ASN B 798 22.33 8.28 -8.66
CA ASN B 798 21.79 7.20 -7.83
C ASN B 798 22.30 7.27 -6.39
N ALA B 799 22.66 8.47 -5.93
CA ALA B 799 23.08 8.63 -4.54
C ALA B 799 21.88 8.69 -3.60
N CYS B 800 20.74 9.21 -4.07
CA CYS B 800 19.55 9.28 -3.24
C CYS B 800 18.98 7.90 -2.96
N VAL B 801 19.16 6.95 -3.88
CA VAL B 801 18.63 5.60 -3.66
C VAL B 801 19.41 4.88 -2.58
N VAL B 802 20.73 4.99 -2.60
CA VAL B 802 21.54 4.32 -1.59
C VAL B 802 21.37 5.00 -0.24
N ALA B 803 21.14 6.31 -0.23
CA ALA B 803 20.87 7.01 1.03
C ALA B 803 19.53 6.57 1.62
N CYS B 804 18.51 6.41 0.78
CA CYS B 804 17.22 5.95 1.26
C CYS B 804 17.32 4.52 1.78
N GLN B 805 18.11 3.67 1.11
CA GLN B 805 18.29 2.30 1.56
C GLN B 805 19.04 2.26 2.89
N ALA B 806 20.06 3.10 3.06
CA ALA B 806 20.85 3.08 4.29
C ALA B 806 20.09 3.72 5.46
N GLU B 807 19.16 4.63 5.17
CA GLU B 807 18.44 5.32 6.22
C GLU B 807 17.18 4.59 6.65
N ASN B 808 16.51 3.88 5.75
CA ASN B 808 15.19 3.31 6.01
C ASN B 808 15.19 1.78 6.06
N ASN B 809 16.35 1.16 6.28
CA ASN B 809 16.45 -0.28 6.51
C ASN B 809 15.79 -1.09 5.40
N ILE B 810 15.93 -0.62 4.16
CA ILE B 810 15.32 -1.29 3.02
C ILE B 810 16.05 -2.58 2.74
N ALA B 811 15.29 -3.68 2.58
CA ALA B 811 15.89 -4.99 2.42
C ALA B 811 16.50 -5.15 1.03
N VAL B 812 17.29 -6.22 0.88
CA VAL B 812 17.98 -6.54 -0.36
C VAL B 812 17.49 -7.91 -0.82
N VAL B 813 16.81 -7.93 -1.97
CA VAL B 813 16.30 -9.16 -2.54
C VAL B 813 17.30 -9.67 -3.57
N GLY B 814 17.18 -10.95 -3.91
CA GLY B 814 18.11 -11.55 -4.86
C GLY B 814 17.81 -11.16 -6.30
N LYS B 815 18.70 -11.60 -7.18
CA LYS B 815 18.49 -11.37 -8.61
C LYS B 815 17.21 -12.07 -9.09
N ASP B 816 16.92 -13.24 -8.53
CA ASP B 816 15.72 -13.97 -8.91
C ASP B 816 14.45 -13.18 -8.56
N GLN B 817 14.46 -12.52 -7.41
CA GLN B 817 13.29 -11.74 -7.01
C GLN B 817 13.16 -10.45 -7.81
N VAL B 818 14.27 -9.91 -8.30
CA VAL B 818 14.19 -8.74 -9.17
C VAL B 818 13.70 -9.14 -10.56
N SER B 819 14.06 -10.34 -11.03
CA SER B 819 13.58 -10.82 -12.32
C SER B 819 12.05 -10.89 -12.34
N ARG B 820 11.44 -11.25 -11.22
CA ARG B 820 9.99 -11.28 -11.09
C ARG B 820 9.40 -9.92 -10.73
N GLY B 821 10.20 -8.86 -10.78
CA GLY B 821 9.71 -7.52 -10.52
C GLY B 821 9.32 -7.28 -9.08
N ARG B 822 10.18 -7.66 -8.14
CA ARG B 822 9.90 -7.51 -6.71
C ARG B 822 11.03 -6.75 -6.03
N GLU B 823 11.63 -5.77 -6.71
CA GLU B 823 12.64 -4.95 -6.08
C GLU B 823 11.98 -4.01 -5.08
N MET B 824 12.67 -3.77 -3.97
CA MET B 824 12.18 -2.91 -2.90
C MET B 824 13.02 -1.63 -2.89
N HIS B 825 12.43 -0.54 -3.36
CA HIS B 825 13.10 0.75 -3.40
C HIS B 825 12.05 1.83 -3.26
N TRP B 826 12.25 2.74 -2.30
CA TRP B 826 11.29 3.80 -2.07
C TRP B 826 11.45 4.96 -3.06
N ILE B 827 12.59 5.05 -3.74
CA ILE B 827 12.83 6.07 -4.75
C ILE B 827 13.49 5.41 -5.95
N ARG B 828 13.12 5.86 -7.14
CA ARG B 828 13.65 5.29 -8.39
C ARG B 828 13.85 6.40 -9.41
N ILE B 829 14.89 6.24 -10.23
CA ILE B 829 15.20 7.17 -11.32
C ILE B 829 14.86 6.48 -12.63
N ASP B 830 14.11 7.18 -13.49
CA ASP B 830 13.63 6.63 -14.75
C ASP B 830 14.24 7.40 -15.91
N ARG B 831 14.83 6.68 -16.85
CA ARG B 831 15.26 7.26 -18.12
C ARG B 831 14.30 6.84 -19.21
N TYR B 832 14.11 7.72 -20.20
CA TYR B 832 13.00 7.57 -21.13
C TYR B 832 13.37 7.63 -22.61
N PHE B 833 14.67 7.74 -22.95
CA PHE B 833 15.18 7.69 -24.33
C PHE B 833 14.19 8.20 -25.37
N ALA B 834 14.02 9.52 -25.47
CA ALA B 834 12.99 10.08 -26.33
C ALA B 834 13.61 11.02 -27.36
N GLY B 835 12.86 11.21 -28.45
CA GLY B 835 13.28 12.07 -29.54
C GLY B 835 13.23 11.38 -30.88
N GLU B 836 13.67 12.11 -31.91
CA GLU B 836 13.79 11.52 -33.23
C GLU B 836 14.98 10.57 -33.27
N ASP B 837 15.05 9.78 -34.34
CA ASP B 837 16.09 8.79 -34.57
C ASP B 837 16.03 7.60 -33.62
N LEU B 838 15.88 7.84 -32.32
CA LEU B 838 15.92 6.82 -31.28
C LEU B 838 17.20 5.99 -31.32
N ASP B 839 18.15 6.37 -32.16
CA ASP B 839 19.51 5.86 -32.13
C ASP B 839 20.50 6.90 -31.65
N ASN B 840 20.08 8.17 -31.61
CA ASN B 840 20.82 9.26 -30.96
C ASN B 840 19.84 10.02 -30.09
N PRO B 841 19.36 9.40 -29.01
CA PRO B 841 18.24 10.00 -28.26
C PRO B 841 18.67 10.83 -27.06
N SER B 842 17.94 11.91 -26.80
CA SER B 842 18.09 12.62 -25.56
C SER B 842 17.58 11.76 -24.40
N ILE B 843 18.34 11.74 -23.31
CA ILE B 843 18.05 10.90 -22.15
C ILE B 843 17.47 11.77 -21.05
N TYR B 844 16.34 11.34 -20.48
CA TYR B 844 15.60 12.10 -19.49
C TYR B 844 15.54 11.30 -18.20
N MET B 845 16.31 11.72 -17.20
CA MET B 845 16.29 11.07 -15.90
C MET B 845 15.34 11.80 -14.97
N MET B 846 14.49 11.05 -14.27
CA MET B 846 13.47 11.59 -13.38
C MET B 846 13.35 10.77 -12.11
N PRO B 847 13.57 11.35 -10.95
CA PRO B 847 13.38 10.62 -9.70
C PRO B 847 11.91 10.58 -9.30
N VAL B 848 11.48 9.42 -8.80
CA VAL B 848 10.09 9.21 -8.39
C VAL B 848 10.07 8.54 -7.03
N ASN B 849 9.33 9.14 -6.09
CA ASN B 849 9.07 8.54 -4.80
C ASN B 849 7.58 8.71 -4.52
N CYS B 850 7.19 8.64 -3.24
CA CYS B 850 5.80 8.87 -2.87
C CYS B 850 5.48 10.35 -3.03
N MET B 851 4.48 10.65 -3.87
CA MET B 851 4.10 12.03 -4.10
C MET B 851 3.37 12.65 -2.90
N GLN B 852 2.92 11.84 -1.95
CA GLN B 852 2.20 12.31 -0.77
C GLN B 852 0.97 13.11 -1.18
N CYS B 853 0.07 12.43 -1.88
CA CYS B 853 -1.12 13.07 -2.43
C CYS B 853 -2.06 13.49 -1.31
N GLU B 854 -2.48 14.76 -1.33
CA GLU B 854 -3.42 15.23 -0.32
C GLU B 854 -4.71 14.43 -0.35
N LYS B 855 -5.18 14.07 -1.53
CA LYS B 855 -6.31 13.16 -1.70
C LYS B 855 -5.79 11.83 -2.21
N ALA B 856 -5.06 11.14 -1.34
CA ALA B 856 -4.34 9.93 -1.73
C ALA B 856 -5.30 8.79 -2.05
N PRO B 857 -5.29 8.27 -3.28
CA PRO B 857 -6.18 7.15 -3.61
C PRO B 857 -5.79 5.83 -2.95
N CYS B 858 -4.56 5.73 -2.43
CA CYS B 858 -4.13 4.52 -1.75
C CYS B 858 -4.73 4.38 -0.34
N GLU B 859 -5.36 5.43 0.18
CA GLU B 859 -5.92 5.41 1.52
C GLU B 859 -7.40 5.03 1.53
N VAL B 860 -8.09 5.20 0.42
CA VAL B 860 -9.53 4.95 0.36
C VAL B 860 -9.79 3.52 -0.09
N VAL B 861 -8.75 2.69 -0.09
CA VAL B 861 -8.92 1.31 -0.52
C VAL B 861 -8.43 0.29 0.50
N CYS B 862 -7.64 0.66 1.51
CA CYS B 862 -7.11 -0.30 2.46
C CYS B 862 -8.15 -0.56 3.54
N PRO B 863 -8.69 -1.77 3.65
CA PRO B 863 -9.84 -1.98 4.54
C PRO B 863 -9.50 -1.88 6.00
N VAL B 864 -8.24 -2.00 6.40
CA VAL B 864 -7.88 -1.98 7.81
C VAL B 864 -7.33 -0.62 8.24
N ALA B 865 -7.48 0.41 7.39
CA ALA B 865 -7.05 1.78 7.72
C ALA B 865 -5.57 1.85 8.05
N ALA B 866 -4.77 0.98 7.44
CA ALA B 866 -3.33 0.99 7.69
C ALA B 866 -2.62 2.14 6.99
N THR B 867 -3.24 2.72 5.96
CA THR B 867 -2.69 3.87 5.25
C THR B 867 -3.67 5.03 5.38
N VAL B 868 -3.33 6.02 6.20
CA VAL B 868 -4.18 7.18 6.41
C VAL B 868 -3.37 8.44 6.14
N HIS B 869 -3.93 9.60 6.45
CA HIS B 869 -3.27 10.86 6.22
C HIS B 869 -2.94 11.54 7.55
N ASP B 870 -1.93 12.40 7.52
CA ASP B 870 -1.38 13.01 8.72
C ASP B 870 -1.90 14.45 8.87
N TYR B 871 -1.78 14.98 10.09
CA TYR B 871 -2.16 16.36 10.35
C TYR B 871 -1.34 17.31 9.48
N GLU B 872 -0.07 17.01 9.26
CA GLU B 872 0.81 17.85 8.45
C GLU B 872 0.73 17.53 6.96
N GLY B 873 -0.26 16.76 6.53
CA GLY B 873 -0.41 16.40 5.13
C GLY B 873 0.40 15.21 4.68
N LEU B 874 1.14 14.58 5.58
CA LEU B 874 1.92 13.39 5.25
C LEU B 874 1.01 12.18 5.08
N ASN B 875 1.52 11.17 4.37
CA ASN B 875 0.80 9.93 4.13
C ASN B 875 1.36 8.86 5.05
N ASN B 876 0.60 8.51 6.09
CA ASN B 876 1.07 7.55 7.08
C ASN B 876 0.84 6.13 6.56
N MET B 877 1.93 5.36 6.46
CA MET B 877 1.87 3.93 6.12
C MET B 877 2.35 3.15 7.33
N VAL B 878 1.44 2.45 7.99
CA VAL B 878 1.71 1.78 9.26
C VAL B 878 1.88 0.30 8.99
N TYR B 879 3.06 -0.23 9.31
CA TYR B 879 3.39 -1.60 8.94
C TYR B 879 2.62 -2.61 9.77
N ASN B 880 2.50 -2.38 11.08
CA ASN B 880 1.90 -3.38 11.95
C ASN B 880 0.41 -3.54 11.71
N ARG B 881 -0.21 -2.63 10.94
CA ARG B 881 -1.66 -2.77 10.62
C ARG B 881 -1.86 -3.42 9.25
N CYS B 882 -0.89 -3.33 8.33
CA CYS B 882 -1.16 -3.88 6.97
C CYS B 882 -1.40 -5.39 7.08
N VAL B 883 -2.49 -5.84 6.47
CA VAL B 883 -2.79 -7.29 6.44
C VAL B 883 -2.21 -7.78 5.13
N GLY B 884 -1.96 -6.86 4.20
CA GLY B 884 -1.34 -7.22 2.95
C GLY B 884 -2.29 -7.48 1.79
N THR B 885 -3.40 -6.75 1.71
CA THR B 885 -4.36 -6.97 0.62
C THR B 885 -3.78 -6.61 -0.75
N LYS B 886 -2.67 -5.89 -0.79
CA LYS B 886 -2.02 -5.46 -2.04
C LYS B 886 -2.94 -4.61 -2.92
N TYR B 887 -4.02 -4.08 -2.34
CA TYR B 887 -4.95 -3.20 -3.07
C TYR B 887 -4.42 -1.77 -3.00
N CYS B 888 -3.64 -1.46 -1.97
CA CYS B 888 -3.11 -0.08 -1.78
C CYS B 888 -2.12 0.26 -2.89
N SER B 889 -1.68 -0.73 -3.65
CA SER B 889 -0.64 -0.54 -4.66
C SER B 889 -1.33 -0.42 -6.01
N ASN B 890 -2.38 -1.21 -6.23
CA ASN B 890 -3.09 -1.17 -7.51
C ASN B 890 -3.78 0.16 -7.73
N ASN B 891 -4.18 0.85 -6.66
CA ASN B 891 -4.79 2.17 -6.77
C ASN B 891 -3.76 3.29 -6.76
N CYS B 892 -2.48 2.99 -6.57
CA CYS B 892 -1.46 4.02 -6.60
C CYS B 892 -1.10 4.34 -8.05
N PRO B 893 -1.36 5.57 -8.53
CA PRO B 893 -1.12 5.85 -9.96
C PRO B 893 0.35 5.80 -10.33
N TYR B 894 1.25 6.09 -9.41
CA TYR B 894 2.68 6.15 -9.69
C TYR B 894 3.40 4.85 -9.37
N LYS B 895 2.73 3.90 -8.72
CA LYS B 895 3.31 2.60 -8.37
C LYS B 895 4.61 2.77 -7.59
N VAL B 896 4.49 3.42 -6.44
CA VAL B 896 5.63 3.73 -5.59
C VAL B 896 5.58 2.91 -4.30
N ARG B 897 4.77 1.86 -4.26
CA ARG B 897 4.61 1.03 -3.07
C ARG B 897 5.18 -0.35 -3.33
N ARG B 898 6.02 -0.82 -2.40
CA ARG B 898 6.68 -2.11 -2.53
C ARG B 898 6.19 -3.05 -1.44
N PHE B 899 6.03 -4.32 -1.80
CA PHE B 899 5.45 -5.32 -0.93
C PHE B 899 6.47 -6.41 -0.60
N ASN B 900 6.45 -6.86 0.65
CA ASN B 900 7.31 -7.97 1.09
C ASN B 900 6.60 -9.28 0.79
N PHE B 901 6.70 -9.70 -0.47
CA PHE B 901 6.07 -10.94 -0.90
C PHE B 901 6.61 -12.14 -0.13
N LEU B 902 7.89 -12.12 0.22
CA LEU B 902 8.50 -13.15 1.05
C LEU B 902 9.23 -12.49 2.21
N GLN B 903 10.02 -13.26 2.95
CA GLN B 903 10.83 -12.70 4.03
C GLN B 903 12.13 -12.19 3.43
N TYR B 904 12.22 -10.87 3.27
CA TYR B 904 13.37 -10.24 2.62
C TYR B 904 14.40 -9.71 3.60
N SER B 905 13.98 -9.26 4.78
CA SER B 905 14.92 -8.70 5.73
C SER B 905 15.78 -9.78 6.36
N ASP B 906 17.07 -9.49 6.51
CA ASP B 906 18.00 -10.45 7.07
C ASP B 906 17.78 -10.59 8.57
N THR B 907 17.92 -11.82 9.07
CA THR B 907 17.66 -12.11 10.48
C THR B 907 18.83 -12.82 11.14
N THR B 908 19.55 -13.64 10.37
CA THR B 908 20.60 -14.49 10.95
C THR B 908 21.94 -13.77 11.05
N THR B 909 22.34 -13.03 10.02
CA THR B 909 23.63 -12.36 10.02
C THR B 909 23.68 -11.27 11.08
N GLU B 910 24.67 -11.36 11.98
CA GLU B 910 24.73 -10.40 13.08
C GLU B 910 25.20 -9.03 12.60
N THR B 911 26.14 -9.00 11.66
CA THR B 911 26.67 -7.71 11.20
C THR B 911 25.61 -6.90 10.47
N PHE B 912 24.78 -7.56 9.67
CA PHE B 912 23.68 -6.85 9.02
C PHE B 912 22.67 -6.33 10.03
N LYS B 913 22.47 -7.07 11.13
CA LYS B 913 21.61 -6.58 12.21
C LYS B 913 22.21 -5.35 12.88
N LEU B 914 23.54 -5.25 12.91
CA LEU B 914 24.20 -4.08 13.47
C LEU B 914 24.12 -2.86 12.54
N ALA B 915 23.85 -3.07 11.25
CA ALA B 915 23.78 -1.97 10.32
C ALA B 915 22.41 -1.30 10.28
N PHE B 916 21.39 -1.95 10.83
CA PHE B 916 20.03 -1.40 10.79
C PHE B 916 19.95 -0.09 11.56
N ASN B 917 19.14 0.83 11.05
CA ASN B 917 18.91 2.09 11.73
C ASN B 917 17.84 1.90 12.80
N PRO B 918 18.16 2.12 14.08
CA PRO B 918 17.19 1.78 15.15
C PRO B 918 15.94 2.64 15.17
N ASP B 919 15.90 3.74 14.42
CA ASP B 919 14.73 4.62 14.40
C ASP B 919 13.68 4.19 13.37
N VAL B 920 13.93 3.13 12.61
CA VAL B 920 13.01 2.65 11.59
C VAL B 920 12.78 1.16 11.82
N THR B 921 11.51 0.76 11.85
CA THR B 921 11.19 -0.65 12.01
C THR B 921 11.61 -1.44 10.78
N VAL B 922 12.10 -2.66 11.00
CA VAL B 922 12.49 -3.54 9.91
C VAL B 922 11.28 -4.38 9.54
N ARG B 923 10.86 -4.28 8.28
CA ARG B 923 9.60 -4.88 7.85
C ARG B 923 9.70 -6.40 7.76
N ILE B 924 8.60 -7.07 8.09
CA ILE B 924 8.51 -8.52 8.02
C ILE B 924 7.74 -8.90 6.76
N ARG B 925 7.58 -10.20 6.51
CA ARG B 925 6.85 -10.66 5.34
C ARG B 925 5.38 -10.28 5.43
N GLY B 926 4.83 -9.76 4.34
CA GLY B 926 3.41 -9.51 4.23
C GLY B 926 2.96 -8.09 4.44
N VAL B 927 3.86 -7.12 4.43
CA VAL B 927 3.52 -5.72 4.65
C VAL B 927 4.01 -4.89 3.46
N MET B 928 3.55 -3.64 3.43
CA MET B 928 3.86 -2.71 2.35
C MET B 928 4.81 -1.62 2.82
N GLU B 929 5.58 -1.08 1.89
CA GLU B 929 6.51 0.00 2.15
C GLU B 929 6.37 1.07 1.08
N LYS B 930 6.77 2.30 1.44
CA LYS B 930 6.78 3.42 0.52
C LYS B 930 7.51 4.58 1.20
N CYS B 931 7.75 5.63 0.42
CA CYS B 931 8.51 6.78 0.91
C CYS B 931 7.73 7.53 1.97
N THR B 932 8.39 7.80 3.11
CA THR B 932 7.77 8.40 4.28
C THR B 932 8.30 9.78 4.60
N TYR B 933 8.92 10.46 3.62
CA TYR B 933 9.59 11.74 3.85
C TYR B 933 10.58 11.67 5.01
N CYS B 934 11.13 10.49 5.26
CA CYS B 934 12.03 10.25 6.40
C CYS B 934 11.38 10.73 7.69
N VAL B 935 10.27 10.08 8.04
CA VAL B 935 9.45 10.54 9.15
C VAL B 935 10.20 10.55 10.47
N GLN B 936 11.23 9.71 10.61
CA GLN B 936 12.00 9.70 11.85
C GLN B 936 12.67 11.05 12.09
N ARG B 937 13.11 11.71 11.02
CA ARG B 937 13.72 13.03 11.13
C ARG B 937 12.68 14.12 11.35
N ILE B 938 11.47 13.95 10.80
CA ILE B 938 10.41 14.90 11.04
C ILE B 938 9.93 14.81 12.48
N SER B 939 9.81 13.59 13.01
CA SER B 939 9.38 13.42 14.40
C SER B 939 10.43 13.96 15.37
N GLY B 940 11.71 13.74 15.07
CA GLY B 940 12.75 14.25 15.94
C GLY B 940 12.79 15.76 15.98
N ALA B 941 12.62 16.41 14.82
CA ALA B 941 12.64 17.87 14.79
C ALA B 941 11.39 18.46 15.44
N ARG B 942 10.24 17.80 15.27
CA ARG B 942 9.02 18.29 15.92
C ARG B 942 9.12 18.16 17.43
N ILE B 943 9.63 17.02 17.92
CA ILE B 943 9.79 16.84 19.35
C ILE B 943 10.79 17.85 19.91
N ALA B 944 11.90 18.07 19.20
CA ALA B 944 12.89 19.04 19.64
C ALA B 944 12.31 20.46 19.65
N ALA B 945 11.45 20.76 18.67
CA ALA B 945 10.83 22.08 18.62
C ALA B 945 9.84 22.27 19.75
N LYS B 946 9.05 21.25 20.06
CA LYS B 946 8.10 21.33 21.16
C LYS B 946 8.82 21.43 22.50
N ARG B 947 9.91 20.67 22.66
CA ARG B 947 10.65 20.71 23.92
C ARG B 947 11.33 22.06 24.11
N ALA B 948 11.87 22.63 23.04
CA ALA B 948 12.49 23.95 23.15
C ALA B 948 11.45 25.04 23.39
N ALA B 949 10.21 24.82 22.94
CA ALA B 949 9.17 25.81 23.14
C ALA B 949 8.63 25.78 24.57
N VAL B 950 8.52 24.60 25.16
CA VAL B 950 8.00 24.51 26.53
C VAL B 950 9.08 24.85 27.55
N GLN B 951 10.35 24.53 27.25
CA GLN B 951 11.43 24.84 28.18
C GLN B 951 11.64 26.34 28.30
N ALA B 952 11.30 27.10 27.27
CA ALA B 952 11.35 28.55 27.33
C ALA B 952 10.03 29.18 27.78
N GLY B 953 8.96 28.39 27.83
CA GLY B 953 7.67 28.92 28.26
C GLY B 953 6.94 29.72 27.19
N GLN B 954 7.12 29.37 25.92
CA GLN B 954 6.50 30.10 24.83
C GLN B 954 5.25 29.45 24.28
N SER B 955 5.16 28.12 24.33
CA SER B 955 4.09 27.35 23.68
C SER B 955 3.99 27.67 22.20
N SER B 956 5.13 27.98 21.58
CA SER B 956 5.13 28.39 20.18
C SER B 956 5.15 27.19 19.25
N TYR B 957 6.13 26.31 19.42
CA TYR B 957 6.35 25.17 18.53
C TYR B 957 6.53 25.67 17.10
N VAL B 958 7.75 26.10 16.78
CA VAL B 958 8.09 26.60 15.44
C VAL B 958 9.34 25.86 14.98
N ILE B 959 9.31 25.37 13.73
CA ILE B 959 10.39 24.60 13.17
C ILE B 959 11.14 25.46 12.16
N SER B 960 12.47 25.43 12.23
CA SER B 960 13.29 26.19 11.30
C SER B 960 13.17 25.59 9.89
N ASP B 961 13.69 26.33 8.91
CA ASP B 961 13.62 25.87 7.53
C ASP B 961 14.55 24.70 7.28
N GLY B 962 15.84 24.87 7.58
CA GLY B 962 16.81 23.82 7.39
C GLY B 962 16.91 22.80 8.50
N ALA B 963 15.93 22.76 9.41
CA ALA B 963 16.00 21.83 10.54
C ALA B 963 15.84 20.39 10.08
N ILE B 964 14.95 20.14 9.11
CA ILE B 964 14.70 18.80 8.60
C ILE B 964 15.36 18.68 7.23
N GLN B 965 16.08 17.59 7.01
CA GLN B 965 16.70 17.28 5.73
C GLN B 965 16.60 15.77 5.51
N THR B 966 15.80 15.37 4.52
CA THR B 966 15.66 13.96 4.20
C THR B 966 16.97 13.40 3.66
N ALA B 967 17.10 12.08 3.72
CA ALA B 967 18.35 11.44 3.32
C ALA B 967 18.64 11.66 1.84
N CYS B 968 17.61 11.62 1.00
CA CYS B 968 17.81 11.88 -0.43
C CYS B 968 18.17 13.33 -0.69
N GLU B 969 17.77 14.24 0.20
CA GLU B 969 18.14 15.65 0.04
C GLU B 969 19.60 15.87 0.39
N GLN B 970 20.09 15.22 1.46
CA GLN B 970 21.47 15.40 1.88
C GLN B 970 22.44 14.69 0.94
N ALA B 971 22.04 13.56 0.36
CA ALA B 971 22.95 12.80 -0.47
C ALA B 971 23.23 13.50 -1.81
N CYS B 972 22.19 14.08 -2.41
CA CYS B 972 22.28 14.69 -3.73
C CYS B 972 23.38 15.73 -3.81
N PRO B 973 24.45 15.47 -4.57
CA PRO B 973 25.51 16.48 -4.69
C PRO B 973 25.12 17.69 -5.53
N THR B 974 24.08 17.58 -6.36
CA THR B 974 23.62 18.69 -7.16
C THR B 974 22.60 19.56 -6.45
N GLY B 975 21.97 19.05 -5.40
CA GLY B 975 20.94 19.80 -4.71
C GLY B 975 19.63 19.87 -5.46
N ALA B 976 19.25 18.79 -6.15
CA ALA B 976 18.01 18.77 -6.91
C ALA B 976 16.79 18.55 -6.03
N ILE B 977 16.96 18.01 -4.83
CA ILE B 977 15.85 17.71 -3.94
C ILE B 977 15.81 18.76 -2.84
N VAL B 978 14.65 19.39 -2.67
CA VAL B 978 14.44 20.42 -1.66
C VAL B 978 13.18 20.04 -0.87
N PHE B 979 13.33 19.95 0.46
CA PHE B 979 12.25 19.59 1.36
C PHE B 979 12.05 20.69 2.39
N GLY B 980 10.80 20.93 2.77
CA GLY B 980 10.51 21.97 3.73
C GLY B 980 9.02 22.18 3.88
N ASP B 981 8.67 23.26 4.58
CA ASP B 981 7.29 23.58 4.88
C ASP B 981 6.64 24.29 3.70
N ILE B 982 5.44 23.83 3.32
CA ILE B 982 4.73 24.44 2.21
C ILE B 982 4.08 25.76 2.65
N ASN B 983 3.54 25.79 3.88
CA ASN B 983 2.78 26.96 4.31
C ASN B 983 3.69 28.15 4.60
N ASP B 984 4.89 27.91 5.11
CA ASP B 984 5.84 28.99 5.38
C ASP B 984 6.33 29.54 4.05
N SER B 985 5.90 30.77 3.73
CA SER B 985 6.15 31.32 2.40
C SER B 985 7.63 31.63 2.18
N ASN B 986 8.39 31.88 3.24
CA ASN B 986 9.80 32.21 3.10
C ASN B 986 10.69 30.98 2.98
N SER B 987 10.13 29.78 3.10
CA SER B 987 10.92 28.57 2.94
C SER B 987 11.37 28.41 1.49
N ARG B 988 12.45 27.63 1.31
CA ARG B 988 12.97 27.41 -0.05
C ARG B 988 11.98 26.64 -0.92
N VAL B 989 11.21 25.73 -0.33
CA VAL B 989 10.25 24.96 -1.11
C VAL B 989 9.08 25.85 -1.55
N ALA B 990 8.61 26.73 -0.66
CA ALA B 990 7.53 27.63 -1.01
C ALA B 990 7.94 28.58 -2.14
N LYS B 991 9.20 29.01 -2.15
CA LYS B 991 9.68 29.86 -3.24
C LYS B 991 9.85 29.06 -4.53
N TRP B 992 10.25 27.79 -4.43
CA TRP B 992 10.44 26.98 -5.62
C TRP B 992 9.11 26.56 -6.23
N LYS B 993 8.13 26.24 -5.39
CA LYS B 993 6.82 25.83 -5.89
C LYS B 993 6.06 26.97 -6.53
N ALA B 994 6.46 28.22 -6.27
CA ALA B 994 5.82 29.38 -6.86
C ALA B 994 6.32 29.70 -8.26
N GLU B 995 7.29 28.94 -8.77
CA GLU B 995 7.82 29.20 -10.10
C GLU B 995 6.81 28.82 -11.17
N GLY B 996 7.00 29.37 -12.37
CA GLY B 996 6.07 29.12 -13.45
C GLY B 996 6.14 27.70 -14.00
N HIS B 997 7.29 27.05 -13.85
CA HIS B 997 7.50 25.71 -14.41
C HIS B 997 7.34 24.61 -13.39
N ASN B 998 6.76 24.91 -12.23
CA ASN B 998 6.50 23.88 -11.22
C ASN B 998 5.21 23.14 -11.55
N TYR B 999 5.31 21.81 -11.64
CA TYR B 999 4.16 20.99 -12.00
C TYR B 999 4.20 19.68 -11.23
N GLY B 1000 3.06 19.01 -11.19
CA GLY B 1000 2.90 17.74 -10.49
C GLY B 1000 2.47 16.65 -11.44
N LEU B 1001 3.01 15.45 -11.24
CA LEU B 1001 2.77 14.35 -12.17
C LEU B 1001 1.33 13.86 -12.09
N LEU B 1002 0.77 13.52 -13.26
CA LEU B 1002 -0.56 12.92 -13.36
C LEU B 1002 -1.62 13.78 -12.66
N GLY B 1003 -1.65 15.06 -13.03
CA GLY B 1003 -2.60 15.97 -12.42
C GLY B 1003 -4.04 15.74 -12.80
N PHE B 1004 -4.29 15.01 -13.89
CA PHE B 1004 -5.66 14.74 -14.30
C PHE B 1004 -6.40 13.92 -13.25
N LEU B 1005 -5.70 13.02 -12.58
CA LEU B 1005 -6.21 12.42 -11.36
C LEU B 1005 -6.07 13.43 -10.23
N ASN B 1006 -7.21 13.80 -9.62
CA ASN B 1006 -7.20 14.83 -8.58
C ASN B 1006 -6.59 14.25 -7.30
N THR B 1007 -5.28 14.11 -7.32
CA THR B 1007 -4.52 13.64 -6.16
C THR B 1007 -3.88 14.77 -5.37
N VAL B 1008 -3.60 15.90 -6.00
CA VAL B 1008 -2.93 17.05 -5.37
C VAL B 1008 -1.63 16.59 -4.72
N PRO B 1009 -0.62 16.22 -5.49
CA PRO B 1009 0.62 15.73 -4.87
C PRO B 1009 1.38 16.86 -4.19
N ARG B 1010 2.07 16.50 -3.11
CA ARG B 1010 2.95 17.44 -2.42
C ARG B 1010 4.37 17.39 -2.95
N THR B 1011 4.75 16.33 -3.66
CA THR B 1011 6.05 16.24 -4.32
C THR B 1011 5.88 16.68 -5.77
N THR B 1012 6.44 17.84 -6.11
CA THR B 1012 6.30 18.40 -7.45
C THR B 1012 7.64 18.40 -8.17
N TYR B 1013 7.57 18.68 -9.47
CA TYR B 1013 8.75 18.72 -10.33
C TYR B 1013 8.87 20.08 -10.97
N LEU B 1014 10.11 20.50 -11.21
CA LEU B 1014 10.40 21.71 -11.96
C LEU B 1014 10.83 21.32 -13.36
N ALA B 1015 10.09 21.79 -14.36
CA ALA B 1015 10.32 21.37 -15.74
C ALA B 1015 11.74 21.67 -16.18
N ARG B 1016 12.29 20.78 -17.00
CA ARG B 1016 13.64 20.97 -17.50
C ARG B 1016 13.68 22.09 -18.53
N VAL B 1017 14.64 22.99 -18.39
CA VAL B 1017 14.87 24.06 -19.34
C VAL B 1017 16.22 23.82 -19.99
N ARG B 1018 16.27 23.96 -21.32
CA ARG B 1018 17.49 23.77 -22.09
C ARG B 1018 17.99 25.10 -22.64
N ASN B 1019 19.28 25.15 -22.96
CA ASN B 1019 19.93 26.33 -23.51
C ASN B 1019 20.71 25.92 -24.74
N PRO B 1020 20.04 25.68 -25.86
CA PRO B 1020 20.73 25.24 -27.08
C PRO B 1020 21.23 26.40 -27.91
N SER B 1021 22.27 26.11 -28.70
CA SER B 1021 22.85 27.12 -29.58
C SER B 1021 22.01 27.29 -30.83
N GLU B 1022 22.02 28.51 -31.37
CA GLU B 1022 21.23 28.80 -32.56
C GLU B 1022 21.85 28.18 -33.81
N GLU B 1023 23.17 28.01 -33.84
CA GLU B 1023 23.82 27.45 -35.02
C GLU B 1023 23.51 25.97 -35.17
N LEU B 1024 23.33 25.25 -34.06
CA LEU B 1024 23.00 23.83 -34.14
C LEU B 1024 21.50 23.61 -34.31
N GLU B 1025 20.68 24.40 -33.62
CA GLU B 1025 19.23 24.22 -33.72
C GLU B 1025 18.69 24.68 -35.07
N LYS B 1026 19.21 25.80 -35.57
CA LYS B 1026 18.74 26.35 -36.84
C LYS B 1026 19.68 25.98 -37.98
N GLU C 16 -43.83 -28.98 -25.16
CA GLU C 16 -43.13 -29.76 -24.15
C GLU C 16 -43.70 -29.49 -22.76
N ALA C 17 -43.42 -30.39 -21.83
CA ALA C 17 -43.91 -30.28 -20.47
C ALA C 17 -42.75 -30.44 -19.49
N TYR C 18 -42.89 -29.81 -18.32
CA TYR C 18 -41.88 -29.89 -17.28
C TYR C 18 -42.01 -31.14 -16.41
N LEU C 19 -43.08 -31.90 -16.57
CA LEU C 19 -43.26 -33.15 -15.85
C LEU C 19 -44.02 -34.10 -16.77
N LEU C 20 -43.33 -35.13 -17.28
CA LEU C 20 -43.85 -35.92 -18.39
C LEU C 20 -44.81 -37.02 -17.94
N PRO C 21 -44.37 -38.02 -17.20
CA PRO C 21 -45.19 -39.24 -17.03
C PRO C 21 -46.25 -39.04 -15.94
N GLY C 22 -47.00 -40.11 -15.69
CA GLY C 22 -48.00 -40.11 -14.65
C GLY C 22 -47.40 -40.44 -13.30
N GLU C 23 -46.58 -39.54 -12.77
CA GLU C 23 -45.94 -39.77 -11.48
C GLU C 23 -46.96 -39.70 -10.35
N THR C 24 -46.64 -40.41 -9.27
CA THR C 24 -47.44 -40.38 -8.04
C THR C 24 -46.62 -39.76 -6.93
N TYR C 25 -47.31 -39.30 -5.88
CA TYR C 25 -46.60 -38.75 -4.72
C TYR C 25 -45.63 -39.77 -4.14
N THR C 26 -46.04 -41.04 -4.08
CA THR C 26 -45.14 -42.08 -3.60
C THR C 26 -44.07 -42.40 -4.63
N SER C 27 -44.34 -42.15 -5.92
CA SER C 27 -43.32 -42.34 -6.94
C SER C 27 -42.19 -41.34 -6.77
N ILE C 28 -42.54 -40.07 -6.53
CA ILE C 28 -41.52 -39.06 -6.29
C ILE C 28 -40.78 -39.34 -4.98
N SER C 29 -41.52 -39.77 -3.95
CA SER C 29 -40.90 -40.00 -2.65
C SER C 29 -39.90 -41.14 -2.70
N ALA C 30 -40.27 -42.26 -3.33
CA ALA C 30 -39.39 -43.42 -3.36
C ALA C 30 -38.21 -43.20 -4.29
N LYS C 31 -38.45 -42.55 -5.44
CA LYS C 31 -37.38 -42.39 -6.43
C LYS C 31 -36.31 -41.42 -5.94
N ILE C 32 -36.71 -40.36 -5.23
CA ILE C 32 -35.71 -39.41 -4.73
C ILE C 32 -35.14 -39.88 -3.41
N GLY C 33 -35.90 -40.67 -2.64
CA GLY C 33 -35.41 -41.18 -1.38
C GLY C 33 -34.50 -42.39 -1.50
N ASP C 34 -34.52 -43.07 -2.66
CA ASP C 34 -33.68 -44.24 -2.85
C ASP C 34 -32.22 -43.88 -3.14
N VAL C 35 -31.95 -42.66 -3.60
CA VAL C 35 -30.58 -42.24 -3.86
C VAL C 35 -29.83 -42.13 -2.54
N PRO C 36 -30.39 -41.47 -1.48
CA PRO C 36 -29.79 -41.62 -0.16
C PRO C 36 -30.33 -42.86 0.53
N LEU C 37 -30.00 -43.04 1.81
CA LEU C 37 -30.43 -44.18 2.63
C LEU C 37 -29.95 -45.52 2.08
N THR C 38 -29.11 -45.50 1.04
CA THR C 38 -28.54 -46.73 0.52
C THR C 38 -27.47 -47.23 1.49
N PRO C 39 -27.43 -48.54 1.77
CA PRO C 39 -26.41 -49.05 2.67
C PRO C 39 -25.02 -48.72 2.16
N PRO C 40 -24.07 -48.47 3.06
CA PRO C 40 -22.72 -48.08 2.62
C PRO C 40 -22.06 -49.11 1.72
N LEU C 41 -22.34 -50.39 1.92
CA LEU C 41 -21.76 -51.43 1.07
C LEU C 41 -22.40 -51.48 -0.31
N LYS C 42 -23.52 -50.77 -0.51
CA LYS C 42 -24.22 -50.76 -1.79
C LYS C 42 -24.00 -49.46 -2.56
N THR C 43 -22.95 -48.72 -2.22
CA THR C 43 -22.66 -47.47 -2.90
C THR C 43 -22.22 -47.75 -4.34
N PRO C 44 -22.75 -47.04 -5.33
CA PRO C 44 -22.31 -47.27 -6.71
C PRO C 44 -20.83 -46.94 -6.89
N LYS C 45 -20.20 -47.66 -7.82
CA LYS C 45 -18.76 -47.51 -8.03
C LYS C 45 -18.42 -46.17 -8.66
N GLY C 46 -19.36 -45.57 -9.40
CA GLY C 46 -19.10 -44.27 -10.01
C GLY C 46 -18.93 -43.18 -8.97
N TRP C 47 -19.71 -43.24 -7.90
CA TRP C 47 -19.55 -42.27 -6.80
C TRP C 47 -18.18 -42.44 -6.14
N LEU C 48 -17.71 -43.68 -6.00
CA LEU C 48 -16.43 -43.92 -5.37
C LEU C 48 -15.28 -43.39 -6.22
N ALA C 49 -15.38 -43.55 -7.54
CA ALA C 49 -14.33 -43.04 -8.42
C ALA C 49 -14.30 -41.52 -8.42
N GLY C 50 -15.48 -40.88 -8.46
CA GLY C 50 -15.53 -39.43 -8.43
C GLY C 50 -15.05 -38.86 -7.11
N PHE C 51 -15.45 -39.48 -5.99
CA PHE C 51 -14.98 -39.03 -4.69
C PHE C 51 -13.48 -39.24 -4.51
N SER C 52 -12.93 -40.30 -5.12
CA SER C 52 -11.49 -40.52 -5.04
C SER C 52 -10.73 -39.44 -5.81
N VAL C 53 -11.24 -39.06 -6.99
CA VAL C 53 -10.62 -37.97 -7.74
C VAL C 53 -10.73 -36.66 -6.97
N ALA C 54 -11.89 -36.40 -6.38
CA ALA C 54 -12.08 -35.16 -5.62
C ALA C 54 -11.21 -35.13 -4.38
N PHE C 55 -11.02 -36.28 -3.73
CA PHE C 55 -10.17 -36.31 -2.54
C PHE C 55 -8.70 -36.14 -2.90
N PHE C 56 -8.28 -36.69 -4.05
CA PHE C 56 -6.90 -36.49 -4.52
C PHE C 56 -6.63 -35.01 -4.77
N MET C 57 -7.56 -34.33 -5.44
CA MET C 57 -7.41 -32.89 -5.65
C MET C 57 -7.51 -32.11 -4.35
N LEU C 58 -8.22 -32.66 -3.37
CA LEU C 58 -8.27 -32.02 -2.05
C LEU C 58 -6.93 -32.09 -1.35
N MET C 59 -6.23 -33.23 -1.49
CA MET C 59 -4.87 -33.32 -0.96
C MET C 59 -3.93 -32.36 -1.68
N ILE C 60 -4.15 -32.14 -2.98
CA ILE C 60 -3.40 -31.13 -3.70
C ILE C 60 -3.67 -29.75 -3.11
N PHE C 61 -4.93 -29.49 -2.74
CA PHE C 61 -5.28 -28.23 -2.09
C PHE C 61 -4.56 -28.08 -0.77
N PHE C 62 -4.51 -29.16 0.03
CA PHE C 62 -3.87 -29.09 1.34
C PHE C 62 -2.38 -28.82 1.21
N VAL C 63 -1.72 -29.45 0.23
CA VAL C 63 -0.30 -29.23 0.02
C VAL C 63 -0.05 -27.80 -0.44
N SER C 64 -0.91 -27.27 -1.30
CA SER C 64 -0.74 -25.91 -1.81
C SER C 64 -0.89 -24.88 -0.70
N VAL C 65 -1.94 -25.03 0.12
CA VAL C 65 -2.18 -24.09 1.21
C VAL C 65 -1.08 -24.17 2.26
N THR C 66 -0.63 -25.39 2.57
CA THR C 66 0.42 -25.56 3.56
C THR C 66 1.70 -24.87 3.11
N TRP C 67 2.09 -25.06 1.85
CA TRP C 67 3.30 -24.41 1.34
C TRP C 67 3.12 -22.90 1.23
N LEU C 68 1.91 -22.45 0.91
CA LEU C 68 1.66 -21.01 0.85
C LEU C 68 1.78 -20.37 2.22
N PHE C 69 1.33 -21.08 3.26
CA PHE C 69 1.45 -20.55 4.61
C PHE C 69 2.90 -20.57 5.10
N ILE C 70 3.65 -21.61 4.72
CA ILE C 70 5.02 -21.74 5.19
C ILE C 70 5.92 -20.68 4.55
N ARG C 71 5.85 -20.56 3.23
CA ARG C 71 6.74 -19.66 2.50
C ARG C 71 6.16 -18.25 2.39
N GLY C 72 4.95 -18.13 1.84
CA GLY C 72 4.33 -16.83 1.67
C GLY C 72 3.69 -16.64 0.32
N VAL C 73 3.03 -15.50 0.12
CA VAL C 73 2.32 -15.23 -1.13
C VAL C 73 3.31 -14.93 -2.24
N GLY C 74 4.61 -14.88 -1.91
CA GLY C 74 5.63 -14.72 -2.91
C GLY C 74 5.84 -15.92 -3.81
N ILE C 75 5.23 -17.06 -3.49
CA ILE C 75 5.33 -18.23 -4.35
C ILE C 75 4.50 -18.05 -5.62
N TRP C 76 3.57 -17.12 -5.64
CA TRP C 76 2.77 -16.83 -6.83
C TRP C 76 3.58 -15.96 -7.78
N GLY C 77 2.93 -15.46 -8.83
CA GLY C 77 3.62 -14.64 -9.81
C GLY C 77 3.32 -13.17 -9.68
N ILE C 78 2.75 -12.77 -8.54
CA ILE C 78 2.38 -11.37 -8.34
C ILE C 78 3.63 -10.53 -8.11
N ASN C 79 3.62 -9.31 -8.64
CA ASN C 79 4.75 -8.40 -8.52
C ASN C 79 4.23 -7.04 -8.05
N ILE C 80 4.99 -5.99 -8.34
CA ILE C 80 4.65 -4.65 -7.89
C ILE C 80 3.54 -4.05 -8.74
N PRO C 81 3.63 -4.05 -10.10
CA PRO C 81 2.52 -3.48 -10.89
C PRO C 81 1.26 -4.33 -10.81
N VAL C 82 1.40 -5.63 -11.06
CA VAL C 82 0.28 -6.57 -10.95
C VAL C 82 0.24 -7.16 -9.54
N GLY C 83 -0.32 -6.43 -8.58
CA GLY C 83 -0.45 -6.94 -7.23
C GLY C 83 -1.59 -7.92 -7.01
N TRP C 84 -2.47 -8.07 -8.00
CA TRP C 84 -3.60 -8.99 -7.94
C TRP C 84 -3.51 -9.92 -9.14
N GLY C 85 -3.27 -11.20 -8.88
CA GLY C 85 -3.16 -12.18 -9.94
C GLY C 85 -4.35 -13.13 -9.97
N MET C 86 -4.08 -14.43 -10.18
CA MET C 86 -5.17 -15.41 -10.20
C MET C 86 -5.80 -15.59 -8.82
N ASP C 87 -5.13 -15.14 -7.76
CA ASP C 87 -5.71 -15.20 -6.43
C ASP C 87 -6.99 -14.39 -6.33
N ILE C 88 -7.16 -13.41 -7.23
CA ILE C 88 -8.40 -12.65 -7.31
C ILE C 88 -9.28 -13.12 -8.48
N ILE C 89 -8.68 -13.62 -9.56
CA ILE C 89 -9.45 -14.10 -10.71
C ILE C 89 -10.30 -15.29 -10.32
N ASN C 90 -9.66 -16.31 -9.73
CA ASN C 90 -10.39 -17.49 -9.27
C ASN C 90 -11.42 -17.14 -8.21
N PHE C 91 -11.15 -16.10 -7.41
CA PHE C 91 -12.12 -15.66 -6.41
C PHE C 91 -13.39 -15.12 -7.07
N VAL C 92 -13.23 -14.23 -8.06
CA VAL C 92 -14.38 -13.67 -8.75
C VAL C 92 -15.09 -14.76 -9.56
N TRP C 93 -14.32 -15.69 -10.12
CA TRP C 93 -14.92 -16.80 -10.87
C TRP C 93 -15.78 -17.67 -9.97
N TRP C 94 -15.26 -18.06 -8.81
CA TRP C 94 -16.01 -18.91 -7.90
C TRP C 94 -17.23 -18.17 -7.35
N ILE C 95 -17.04 -16.94 -6.88
CA ILE C 95 -18.15 -16.18 -6.30
C ILE C 95 -19.22 -15.88 -7.33
N GLY C 96 -18.90 -15.96 -8.62
CA GLY C 96 -19.88 -15.73 -9.66
C GLY C 96 -20.62 -16.99 -10.04
N ILE C 97 -20.02 -18.15 -9.72
CA ILE C 97 -20.64 -19.42 -10.07
C ILE C 97 -21.98 -19.58 -9.36
N GLY C 98 -22.07 -19.13 -8.11
CA GLY C 98 -23.27 -19.29 -7.31
C GLY C 98 -24.38 -18.31 -7.57
N HIS C 99 -24.20 -17.33 -8.45
CA HIS C 99 -25.26 -16.37 -8.70
C HIS C 99 -26.45 -17.02 -9.40
N ALA C 100 -26.19 -17.94 -10.32
CA ALA C 100 -27.28 -18.60 -11.04
C ALA C 100 -28.10 -19.47 -10.12
N GLY C 101 -27.45 -20.22 -9.23
CA GLY C 101 -28.19 -21.04 -8.29
C GLY C 101 -29.01 -20.22 -7.32
N THR C 102 -28.47 -19.08 -6.87
CA THR C 102 -29.25 -18.16 -6.05
C THR C 102 -30.42 -17.57 -6.82
N LEU C 103 -30.25 -17.36 -8.13
CA LEU C 103 -31.35 -16.89 -8.96
C LEU C 103 -32.43 -17.96 -9.09
N ILE C 104 -32.02 -19.22 -9.28
CA ILE C 104 -32.99 -20.30 -9.44
C ILE C 104 -33.75 -20.53 -8.14
N SER C 105 -33.06 -20.48 -7.01
CA SER C 105 -33.67 -20.80 -5.73
C SER C 105 -34.45 -19.65 -5.12
N ALA C 106 -34.30 -18.43 -5.63
CA ALA C 106 -34.95 -17.27 -5.02
C ALA C 106 -35.73 -16.44 -6.02
N ILE C 107 -35.06 -16.01 -7.10
CA ILE C 107 -35.71 -15.14 -8.07
C ILE C 107 -36.86 -15.86 -8.77
N LEU C 108 -36.65 -17.12 -9.16
CA LEU C 108 -37.71 -17.87 -9.82
C LEU C 108 -38.88 -18.15 -8.88
N LEU C 109 -38.64 -18.16 -7.57
CA LEU C 109 -39.75 -18.32 -6.62
C LEU C 109 -40.68 -17.12 -6.67
N LEU C 110 -40.14 -15.91 -6.84
CA LEU C 110 -40.96 -14.72 -6.98
C LEU C 110 -41.59 -14.62 -8.37
N LEU C 111 -40.87 -15.07 -9.40
CA LEU C 111 -41.38 -15.02 -10.77
C LEU C 111 -42.46 -16.06 -11.03
N ASN C 112 -42.71 -16.96 -10.08
CA ASN C 112 -43.74 -18.02 -10.22
C ASN C 112 -43.45 -18.91 -11.42
N GLN C 113 -42.17 -19.23 -11.63
CA GLN C 113 -41.77 -20.12 -12.71
C GLN C 113 -41.75 -21.55 -12.19
N GLY C 114 -42.34 -22.46 -12.95
CA GLY C 114 -42.50 -23.84 -12.54
C GLY C 114 -41.34 -24.77 -12.79
N TRP C 115 -40.27 -24.30 -13.43
CA TRP C 115 -39.13 -25.14 -13.74
C TRP C 115 -38.01 -25.02 -12.71
N ARG C 116 -38.30 -24.42 -11.55
CA ARG C 116 -37.32 -24.32 -10.47
C ARG C 116 -37.50 -25.41 -9.43
N ASN C 117 -38.50 -26.27 -9.57
CA ASN C 117 -38.83 -27.23 -8.53
C ASN C 117 -37.87 -28.41 -8.49
N SER C 118 -37.26 -28.76 -9.63
CA SER C 118 -36.42 -29.94 -9.73
C SER C 118 -34.93 -29.63 -9.68
N ILE C 119 -34.53 -28.36 -9.71
CA ILE C 119 -33.12 -27.99 -9.77
C ILE C 119 -32.73 -26.97 -8.70
N ASN C 120 -33.66 -26.55 -7.84
CA ASN C 120 -33.31 -25.55 -6.83
C ASN C 120 -32.42 -26.12 -5.74
N ARG C 121 -32.59 -27.40 -5.41
CA ARG C 121 -31.77 -28.00 -4.35
C ARG C 121 -30.33 -28.17 -4.79
N PHE C 122 -30.12 -28.76 -5.97
CA PHE C 122 -28.76 -28.95 -6.47
C PHE C 122 -28.09 -27.60 -6.74
N ALA C 123 -28.84 -26.64 -7.30
CA ALA C 123 -28.26 -25.34 -7.61
C ALA C 123 -27.84 -24.62 -6.33
N GLU C 124 -28.72 -24.59 -5.32
CA GLU C 124 -28.37 -23.92 -4.07
C GLU C 124 -27.21 -24.61 -3.37
N ALA C 125 -27.12 -25.94 -3.48
CA ALA C 125 -25.96 -26.64 -2.95
C ALA C 125 -24.69 -26.19 -3.64
N MET C 126 -24.76 -25.95 -4.96
CA MET C 126 -23.61 -25.42 -5.69
C MET C 126 -23.24 -24.02 -5.21
N THR C 127 -24.25 -23.21 -4.87
CA THR C 127 -23.97 -21.87 -4.35
C THR C 127 -23.22 -21.93 -3.03
N LEU C 128 -23.70 -22.77 -2.10
CA LEU C 128 -23.04 -22.88 -0.80
C LEU C 128 -21.61 -23.39 -0.94
N PHE C 129 -21.39 -24.35 -1.83
CA PHE C 129 -20.04 -24.89 -1.99
C PHE C 129 -19.14 -23.92 -2.75
N ALA C 130 -19.70 -23.18 -3.71
CA ALA C 130 -18.89 -22.19 -4.43
C ALA C 130 -18.53 -21.02 -3.54
N VAL C 131 -19.45 -20.61 -2.65
CA VAL C 131 -19.14 -19.55 -1.70
C VAL C 131 -18.10 -20.03 -0.69
N ALA C 132 -18.18 -21.31 -0.30
CA ALA C 132 -17.19 -21.86 0.62
C ALA C 132 -15.82 -21.91 -0.02
N CYS C 133 -15.75 -22.19 -1.32
CA CYS C 133 -14.46 -22.20 -2.01
C CYS C 133 -13.96 -20.78 -2.25
N ALA C 134 -14.86 -19.86 -2.61
CA ALA C 134 -14.45 -18.48 -2.83
C ALA C 134 -14.11 -17.76 -1.53
N GLY C 135 -14.54 -18.30 -0.38
CA GLY C 135 -14.27 -17.64 0.88
C GLY C 135 -12.86 -17.84 1.41
N LEU C 136 -12.04 -18.62 0.71
CA LEU C 136 -10.66 -18.85 1.14
C LEU C 136 -9.68 -17.87 0.52
N TYR C 137 -9.94 -17.42 -0.71
CA TYR C 137 -9.01 -16.51 -1.37
C TYR C 137 -8.82 -15.18 -0.64
N PRO C 138 -9.86 -14.53 -0.10
CA PRO C 138 -9.61 -13.32 0.70
C PRO C 138 -8.72 -13.56 1.91
N ILE C 139 -8.61 -14.79 2.39
CA ILE C 139 -7.70 -15.10 3.48
C ILE C 139 -6.35 -15.59 2.95
N LEU C 140 -6.36 -16.37 1.87
CA LEU C 140 -5.12 -16.96 1.38
C LEU C 140 -4.22 -15.93 0.72
N HIS C 141 -4.80 -14.98 -0.02
CA HIS C 141 -4.00 -13.98 -0.72
C HIS C 141 -3.55 -12.84 0.18
N LEU C 142 -3.83 -12.92 1.48
CA LEU C 142 -3.59 -11.78 2.36
C LEU C 142 -2.11 -11.51 2.57
N GLY C 143 -1.26 -12.53 2.51
CA GLY C 143 0.15 -12.43 2.90
C GLY C 143 0.40 -12.48 4.39
N ARG C 144 -0.53 -11.96 5.18
CA ARG C 144 -0.60 -12.16 6.62
C ARG C 144 -1.99 -12.69 6.91
N PRO C 145 -2.25 -13.96 6.61
CA PRO C 145 -3.64 -14.44 6.62
C PRO C 145 -4.29 -14.45 7.99
N TRP C 146 -3.54 -14.77 9.05
CA TRP C 146 -4.12 -14.93 10.37
C TRP C 146 -4.69 -13.65 10.95
N LEU C 147 -4.49 -12.51 10.29
CA LEU C 147 -5.03 -11.23 10.74
C LEU C 147 -6.26 -10.81 9.95
N PHE C 148 -6.97 -11.77 9.33
CA PHE C 148 -8.14 -11.42 8.53
C PHE C 148 -9.25 -10.82 9.38
N TYR C 149 -9.31 -11.20 10.67
CA TYR C 149 -10.35 -10.67 11.55
C TYR C 149 -10.18 -9.19 11.83
N TRP C 150 -9.06 -8.58 11.44
CA TRP C 150 -8.90 -7.14 11.60
C TRP C 150 -9.83 -6.36 10.68
N LEU C 151 -10.32 -6.99 9.61
CA LEU C 151 -11.33 -6.37 8.76
C LEU C 151 -12.72 -6.40 9.37
N ILE C 152 -12.91 -7.12 10.46
CA ILE C 152 -14.20 -7.25 11.13
C ILE C 152 -14.22 -6.30 12.33
N PRO C 153 -15.30 -5.53 12.53
CA PRO C 153 -15.37 -4.66 13.71
C PRO C 153 -15.50 -5.45 15.00
N TYR C 154 -14.38 -5.72 15.65
CA TYR C 154 -14.35 -6.47 16.90
C TYR C 154 -13.73 -5.63 18.01
N PRO C 155 -14.18 -5.79 19.26
CA PRO C 155 -13.58 -5.04 20.38
C PRO C 155 -12.13 -5.46 20.58
N ASN C 156 -11.23 -4.48 20.50
CA ASN C 156 -9.80 -4.74 20.57
C ASN C 156 -9.18 -3.86 21.64
N THR C 157 -7.95 -4.22 22.03
CA THR C 157 -7.17 -3.46 23.00
C THR C 157 -6.58 -2.18 22.43
N HIS C 158 -6.84 -1.89 21.15
CA HIS C 158 -6.25 -0.74 20.46
C HIS C 158 -7.23 0.40 20.26
N GLY C 159 -8.43 0.10 19.77
CA GLY C 159 -9.38 1.11 19.39
C GLY C 159 -9.41 1.41 17.92
N MET C 160 -9.03 0.45 17.07
CA MET C 160 -8.97 0.64 15.63
C MET C 160 -10.23 0.06 14.97
N TRP C 161 -10.71 0.76 13.94
CA TRP C 161 -11.87 0.34 13.18
C TRP C 161 -11.46 0.05 11.74
N PRO C 162 -12.20 -0.82 11.05
CA PRO C 162 -12.05 -0.90 9.59
C PRO C 162 -12.47 0.42 8.93
N GLN C 163 -12.00 0.63 7.71
CA GLN C 163 -12.24 1.92 7.05
C GLN C 163 -13.70 2.07 6.64
N PHE C 164 -14.34 0.98 6.17
CA PHE C 164 -15.72 0.98 5.72
C PHE C 164 -15.94 1.84 4.47
N ARG C 165 -14.93 2.63 4.09
CA ARG C 165 -14.97 3.39 2.85
C ARG C 165 -14.28 2.67 1.71
N SER C 166 -13.61 1.56 1.99
CA SER C 166 -13.06 0.70 0.94
C SER C 166 -14.09 -0.36 0.56
N ALA C 167 -13.87 -0.97 -0.60
CA ALA C 167 -14.78 -2.00 -1.09
C ALA C 167 -14.51 -3.37 -0.49
N LEU C 168 -13.34 -3.57 0.13
CA LEU C 168 -13.08 -4.85 0.78
C LEU C 168 -13.83 -4.99 2.10
N ALA C 169 -14.12 -3.87 2.76
CA ALA C 169 -14.97 -3.92 3.95
C ALA C 169 -16.41 -4.24 3.58
N TRP C 170 -16.92 -3.62 2.51
CA TRP C 170 -18.22 -4.03 1.98
C TRP C 170 -18.18 -5.50 1.58
N ASP C 171 -17.04 -5.95 1.04
CA ASP C 171 -16.93 -7.32 0.56
C ASP C 171 -17.01 -8.32 1.71
N VAL C 172 -16.43 -7.97 2.86
CA VAL C 172 -16.49 -8.84 4.03
C VAL C 172 -17.92 -8.98 4.51
N PHE C 173 -18.63 -7.85 4.64
CA PHE C 173 -20.02 -7.89 5.06
C PHE C 173 -20.90 -8.60 4.05
N ALA C 174 -20.57 -8.47 2.76
CA ALA C 174 -21.41 -9.06 1.72
C ALA C 174 -21.29 -10.58 1.71
N ILE C 175 -20.07 -11.11 1.70
CA ILE C 175 -19.89 -12.56 1.68
C ILE C 175 -20.46 -13.19 2.95
N SER C 176 -20.24 -12.56 4.11
CA SER C 176 -20.77 -13.09 5.35
C SER C 176 -22.29 -13.17 5.32
N THR C 177 -22.93 -12.09 4.86
CA THR C 177 -24.39 -12.10 4.75
C THR C 177 -24.86 -13.10 3.70
N TYR C 178 -24.16 -13.14 2.56
CA TYR C 178 -24.54 -14.07 1.49
C TYR C 178 -24.44 -15.52 1.96
N ALA C 179 -23.35 -15.86 2.66
CA ALA C 179 -23.17 -17.23 3.10
C ALA C 179 -24.17 -17.63 4.18
N THR C 180 -24.42 -16.73 5.14
CA THR C 180 -25.33 -17.07 6.23
C THR C 180 -26.77 -17.18 5.75
N VAL C 181 -27.20 -16.24 4.89
CA VAL C 181 -28.59 -16.27 4.42
C VAL C 181 -28.81 -17.45 3.49
N SER C 182 -27.83 -17.77 2.64
CA SER C 182 -27.97 -18.94 1.77
C SER C 182 -27.99 -20.23 2.56
N LEU C 183 -27.29 -20.27 3.70
CA LEU C 183 -27.26 -21.48 4.51
C LEU C 183 -28.58 -21.68 5.24
N VAL C 184 -29.12 -20.62 5.84
CA VAL C 184 -30.37 -20.75 6.57
C VAL C 184 -31.53 -20.98 5.60
N PHE C 185 -31.47 -20.42 4.40
CA PHE C 185 -32.51 -20.68 3.41
C PHE C 185 -32.44 -22.11 2.91
N TRP C 186 -31.23 -22.65 2.74
CA TRP C 186 -31.08 -24.03 2.32
C TRP C 186 -31.59 -24.99 3.39
N LEU C 187 -31.31 -24.69 4.67
CA LEU C 187 -31.77 -25.54 5.75
C LEU C 187 -33.29 -25.48 5.92
N VAL C 188 -33.87 -24.30 5.72
CA VAL C 188 -35.33 -24.17 5.77
C VAL C 188 -35.96 -25.02 4.67
N GLY C 189 -35.35 -25.03 3.47
CA GLY C 189 -35.86 -25.86 2.40
C GLY C 189 -35.62 -27.33 2.62
N LEU C 190 -34.60 -27.68 3.40
CA LEU C 190 -34.28 -29.08 3.66
C LEU C 190 -35.12 -29.69 4.78
N ILE C 191 -35.79 -28.86 5.59
CA ILE C 191 -36.52 -29.39 6.75
C ILE C 191 -37.60 -30.39 6.34
N PRO C 192 -38.48 -30.11 5.37
CA PRO C 192 -39.45 -31.14 4.98
C PRO C 192 -38.80 -32.40 4.42
N ASP C 193 -37.73 -32.25 3.64
CA ASP C 193 -37.02 -33.43 3.15
C ASP C 193 -36.37 -34.21 4.29
N PHE C 194 -35.92 -33.52 5.34
CA PHE C 194 -35.44 -34.22 6.52
C PHE C 194 -36.56 -35.05 7.15
N ALA C 195 -37.78 -34.51 7.17
CA ALA C 195 -38.91 -35.24 7.73
C ALA C 195 -39.23 -36.48 6.89
N THR C 196 -39.18 -36.35 5.57
CA THR C 196 -39.45 -37.51 4.71
C THR C 196 -38.34 -38.54 4.82
N LEU C 197 -37.12 -38.12 5.17
CA LEU C 197 -36.02 -39.08 5.32
C LEU C 197 -36.11 -39.84 6.64
N ARG C 198 -36.38 -39.12 7.74
CA ARG C 198 -36.55 -39.80 9.02
C ARG C 198 -37.82 -40.63 9.09
N ASP C 199 -38.74 -40.45 8.13
CA ASP C 199 -39.91 -41.33 8.03
C ASP C 199 -39.61 -42.59 7.24
N ARG C 200 -38.56 -42.58 6.41
CA ARG C 200 -38.16 -43.72 5.59
C ARG C 200 -36.81 -44.27 6.00
N ALA C 201 -36.24 -43.80 7.11
CA ALA C 201 -34.87 -44.16 7.46
C ALA C 201 -34.73 -45.60 7.94
N LYS C 202 -35.85 -46.26 8.29
CA LYS C 202 -35.85 -47.66 8.70
C LYS C 202 -34.98 -47.89 9.94
N ASN C 203 -33.66 -47.75 9.80
CA ASN C 203 -32.76 -47.97 10.91
C ASN C 203 -33.00 -46.95 12.02
N ILE C 204 -32.78 -47.40 13.27
CA ILE C 204 -33.12 -46.56 14.41
C ILE C 204 -32.11 -45.43 14.61
N TRP C 205 -30.84 -45.68 14.28
CA TRP C 205 -29.83 -44.65 14.48
C TRP C 205 -29.65 -43.75 13.28
N VAL C 206 -30.08 -44.18 12.09
CA VAL C 206 -30.26 -43.24 10.99
C VAL C 206 -31.40 -42.28 11.32
N LYS C 207 -32.44 -42.79 11.98
CA LYS C 207 -33.42 -41.93 12.63
C LYS C 207 -32.77 -41.23 13.81
N ARG C 208 -33.51 -40.26 14.38
CA ARG C 208 -33.01 -39.41 15.46
C ARG C 208 -31.89 -38.50 15.00
N LEU C 209 -31.32 -38.78 13.82
CA LEU C 209 -30.32 -37.90 13.20
C LEU C 209 -31.00 -36.94 12.23
N TYR C 210 -31.78 -37.47 11.28
CA TYR C 210 -32.67 -36.62 10.49
C TYR C 210 -33.82 -36.10 11.33
N GLY C 211 -34.15 -36.77 12.44
CA GLY C 211 -35.25 -36.32 13.28
C GLY C 211 -34.98 -34.96 13.90
N ILE C 212 -33.80 -34.82 14.52
CA ILE C 212 -33.43 -33.52 15.08
C ILE C 212 -33.10 -32.53 13.97
N ALA C 213 -32.78 -33.00 12.77
CA ALA C 213 -32.58 -32.09 11.65
C ALA C 213 -33.92 -31.58 11.14
N ALA C 214 -34.93 -32.45 11.07
CA ALA C 214 -36.28 -32.02 10.72
C ALA C 214 -36.95 -31.27 11.86
N LEU C 215 -36.37 -31.28 13.07
CA LEU C 215 -36.93 -30.63 14.23
C LEU C 215 -38.34 -31.13 14.56
N GLY C 216 -38.64 -32.37 14.17
CA GLY C 216 -39.99 -32.88 14.29
C GLY C 216 -40.95 -32.03 13.49
N TRP C 217 -40.81 -32.08 12.17
CA TRP C 217 -41.55 -31.16 11.31
C TRP C 217 -43.05 -31.33 11.47
N ARG C 218 -43.54 -32.56 11.32
CA ARG C 218 -44.96 -32.87 11.41
C ARG C 218 -45.76 -31.99 10.44
N GLY C 219 -45.55 -32.27 9.16
CA GLY C 219 -46.12 -31.47 8.08
C GLY C 219 -47.62 -31.28 8.18
N SER C 220 -48.04 -30.11 8.64
CA SER C 220 -49.44 -29.84 8.88
C SER C 220 -49.77 -28.39 8.51
N ALA C 221 -51.06 -28.09 8.45
CA ALA C 221 -51.50 -26.72 8.29
C ALA C 221 -51.14 -25.92 9.54
N ARG C 222 -51.29 -24.60 9.44
CA ARG C 222 -50.82 -23.64 10.44
C ARG C 222 -49.30 -23.65 10.52
N HIS C 223 -48.67 -24.59 9.82
CA HIS C 223 -47.22 -24.67 9.67
C HIS C 223 -46.77 -24.44 8.24
N TRP C 224 -47.52 -24.95 7.26
CA TRP C 224 -47.20 -24.67 5.87
C TRP C 224 -47.46 -23.21 5.51
N HIS C 225 -48.44 -22.59 6.15
CA HIS C 225 -48.72 -21.18 5.89
C HIS C 225 -47.54 -20.30 6.26
N ARG C 226 -47.04 -20.46 7.49
CA ARG C 226 -45.87 -19.69 7.91
C ARG C 226 -44.63 -20.10 7.14
N TYR C 227 -44.56 -21.36 6.70
CA TYR C 227 -43.43 -21.81 5.90
C TYR C 227 -43.41 -21.12 4.53
N GLU C 228 -44.58 -21.04 3.88
CA GLU C 228 -44.64 -20.42 2.56
C GLU C 228 -44.38 -18.92 2.64
N MET C 229 -44.89 -18.25 3.67
CA MET C 229 -44.70 -16.82 3.78
C MET C 229 -43.24 -16.48 4.12
N ALA C 230 -42.62 -17.28 4.99
CA ALA C 230 -41.21 -17.05 5.31
C ALA C 230 -40.34 -17.32 4.11
N SER C 231 -40.68 -18.35 3.31
CA SER C 231 -39.91 -18.64 2.11
C SER C 231 -40.07 -17.55 1.06
N ILE C 232 -41.26 -16.97 0.95
CA ILE C 232 -41.47 -15.87 0.02
C ILE C 232 -40.67 -14.65 0.46
N LEU C 233 -40.69 -14.34 1.75
CA LEU C 233 -39.92 -13.22 2.26
C LEU C 233 -38.42 -13.46 2.10
N LEU C 234 -37.98 -14.70 2.33
CA LEU C 234 -36.56 -15.01 2.22
C LEU C 234 -36.07 -14.86 0.79
N ALA C 235 -36.87 -15.32 -0.18
CA ALA C 235 -36.49 -15.14 -1.57
C ALA C 235 -36.52 -13.67 -1.98
N GLY C 236 -37.51 -12.92 -1.49
CA GLY C 236 -37.58 -11.50 -1.82
C GLY C 236 -36.44 -10.71 -1.20
N LEU C 237 -35.86 -11.24 -0.13
CA LEU C 237 -34.73 -10.59 0.50
C LEU C 237 -33.40 -11.03 -0.12
N SER C 238 -33.30 -12.29 -0.51
CA SER C 238 -32.05 -12.80 -1.06
C SER C 238 -31.79 -12.35 -2.49
N THR C 239 -32.83 -11.90 -3.20
CA THR C 239 -32.62 -11.41 -4.56
C THR C 239 -31.77 -10.15 -4.59
N PRO C 240 -32.11 -9.07 -3.84
CA PRO C 240 -31.17 -7.94 -3.79
C PRO C 240 -29.89 -8.25 -3.07
N LEU C 241 -29.87 -9.29 -2.23
CA LEU C 241 -28.64 -9.67 -1.53
C LEU C 241 -27.58 -10.13 -2.52
N VAL C 242 -27.91 -11.13 -3.35
CA VAL C 242 -26.94 -11.65 -4.31
C VAL C 242 -26.61 -10.60 -5.37
N VAL C 243 -27.57 -9.75 -5.72
CA VAL C 243 -27.30 -8.67 -6.67
C VAL C 243 -26.30 -7.69 -6.07
N SER C 244 -26.50 -7.32 -4.79
CA SER C 244 -25.57 -6.39 -4.14
C SER C 244 -24.21 -7.02 -3.89
N VAL C 245 -24.17 -8.34 -3.66
CA VAL C 245 -22.89 -9.02 -3.45
C VAL C 245 -22.02 -8.89 -4.68
N HIS C 246 -22.53 -9.33 -5.83
CA HIS C 246 -21.75 -9.27 -7.07
C HIS C 246 -21.55 -7.84 -7.53
N SER C 247 -22.45 -6.94 -7.15
CA SER C 247 -22.24 -5.52 -7.44
C SER C 247 -21.08 -4.96 -6.62
N ILE C 248 -20.88 -5.48 -5.41
CA ILE C 248 -19.75 -5.07 -4.59
C ILE C 248 -18.46 -5.69 -5.10
N ILE C 249 -18.50 -6.96 -5.51
CA ILE C 249 -17.35 -7.57 -6.17
C ILE C 249 -17.02 -6.86 -7.47
N SER C 250 -17.98 -6.13 -8.05
CA SER C 250 -17.67 -5.25 -9.15
C SER C 250 -17.15 -3.89 -8.67
N LEU C 251 -17.62 -3.44 -7.50
CA LEU C 251 -17.21 -2.14 -7.00
C LEU C 251 -15.74 -2.12 -6.60
N ASP C 252 -15.18 -3.27 -6.19
CA ASP C 252 -13.78 -3.29 -5.76
C ASP C 252 -12.83 -2.87 -6.88
N PHE C 253 -13.16 -3.18 -8.14
CA PHE C 253 -12.40 -2.67 -9.27
C PHE C 253 -12.90 -1.29 -9.71
N ALA C 254 -14.21 -1.06 -9.64
CA ALA C 254 -14.78 0.19 -10.15
C ALA C 254 -14.45 1.38 -9.25
N ILE C 255 -14.17 1.15 -7.97
CA ILE C 255 -13.83 2.25 -7.08
C ILE C 255 -12.45 2.81 -7.40
N SER C 256 -11.54 1.96 -7.88
CA SER C 256 -10.18 2.37 -8.17
C SER C 256 -10.14 3.32 -9.37
N GLN C 257 -8.94 3.85 -9.63
CA GLN C 257 -8.72 4.79 -10.73
C GLN C 257 -8.07 4.15 -11.94
N VAL C 258 -7.85 2.84 -11.92
CA VAL C 258 -7.18 2.17 -13.04
C VAL C 258 -8.00 2.37 -14.31
N PRO C 259 -7.37 2.72 -15.45
CA PRO C 259 -8.16 3.02 -16.65
C PRO C 259 -9.13 1.92 -17.07
N GLY C 260 -8.67 0.66 -17.07
CA GLY C 260 -9.56 -0.43 -17.41
C GLY C 260 -10.51 -0.85 -16.32
N TRP C 261 -10.34 -0.32 -15.11
CA TRP C 261 -11.16 -0.71 -13.97
C TRP C 261 -12.28 0.27 -13.67
N GLN C 262 -12.04 1.58 -13.81
CA GLN C 262 -13.10 2.58 -13.59
C GLN C 262 -14.02 2.56 -14.81
N VAL C 263 -14.92 1.58 -14.82
CA VAL C 263 -15.96 1.48 -15.82
C VAL C 263 -17.29 1.45 -15.07
N THR C 264 -18.19 2.37 -15.43
CA THR C 264 -19.39 2.59 -14.64
C THR C 264 -20.40 1.45 -14.79
N VAL C 265 -20.32 0.66 -15.86
CA VAL C 265 -21.32 -0.36 -16.13
C VAL C 265 -20.89 -1.68 -15.50
N PHE C 266 -19.87 -1.64 -14.66
CA PHE C 266 -19.37 -2.87 -14.05
C PHE C 266 -20.38 -3.60 -13.15
N PRO C 267 -21.21 -2.94 -12.34
CA PRO C 267 -22.13 -3.69 -11.46
C PRO C 267 -23.08 -4.58 -12.25
N PRO C 268 -23.83 -4.07 -13.23
CA PRO C 268 -24.71 -4.99 -13.98
C PRO C 268 -23.96 -5.93 -14.89
N TYR C 269 -22.84 -5.49 -15.45
CA TYR C 269 -22.01 -6.36 -16.28
C TYR C 269 -21.47 -7.54 -15.47
N PHE C 270 -21.10 -7.29 -14.21
CA PHE C 270 -20.60 -8.37 -13.37
C PHE C 270 -21.72 -9.32 -12.95
N VAL C 271 -22.91 -8.77 -12.69
CA VAL C 271 -24.05 -9.60 -12.32
C VAL C 271 -24.44 -10.51 -13.48
N ALA C 272 -24.52 -9.95 -14.69
CA ALA C 272 -24.85 -10.74 -15.87
C ALA C 272 -23.79 -11.79 -16.14
N GLY C 273 -22.51 -11.44 -15.95
CA GLY C 273 -21.46 -12.40 -16.17
C GLY C 273 -21.46 -13.52 -15.13
N ALA C 274 -21.80 -13.18 -13.89
CA ALA C 274 -21.85 -14.19 -12.83
C ALA C 274 -22.92 -15.23 -13.14
N VAL C 275 -24.15 -14.77 -13.42
CA VAL C 275 -25.24 -15.70 -13.73
C VAL C 275 -24.99 -16.40 -15.06
N PHE C 276 -24.19 -15.79 -15.95
CA PHE C 276 -23.79 -16.44 -17.18
C PHE C 276 -22.95 -17.68 -16.89
N ALA C 277 -21.84 -17.51 -16.16
CA ALA C 277 -20.98 -18.64 -15.82
C ALA C 277 -21.69 -19.63 -14.91
N GLY C 278 -22.62 -19.15 -14.08
CA GLY C 278 -23.33 -20.06 -13.19
C GLY C 278 -24.22 -21.02 -13.94
N PHE C 279 -25.02 -20.51 -14.89
CA PHE C 279 -25.86 -21.39 -15.69
C PHE C 279 -25.03 -22.37 -16.51
N ALA C 280 -23.84 -21.96 -16.95
CA ALA C 280 -22.97 -22.88 -17.67
C ALA C 280 -22.49 -24.01 -16.77
N MET C 281 -22.08 -23.68 -15.54
CA MET C 281 -21.63 -24.72 -14.61
C MET C 281 -22.79 -25.60 -14.17
N VAL C 282 -23.98 -25.02 -14.01
CA VAL C 282 -25.13 -25.80 -13.56
C VAL C 282 -25.56 -26.79 -14.63
N LEU C 283 -25.61 -26.35 -15.89
CA LEU C 283 -25.90 -27.27 -16.99
C LEU C 283 -24.83 -28.35 -17.08
N LEU C 284 -23.56 -27.98 -16.92
CA LEU C 284 -22.47 -28.94 -17.03
C LEU C 284 -22.55 -30.01 -15.95
N LEU C 285 -23.07 -29.66 -14.77
CA LEU C 285 -23.12 -30.58 -13.65
C LEU C 285 -24.48 -31.26 -13.47
N MET C 286 -25.53 -30.73 -14.08
CA MET C 286 -26.85 -31.34 -13.94
C MET C 286 -27.18 -32.32 -15.05
N ILE C 287 -26.61 -32.15 -16.23
CA ILE C 287 -26.83 -33.11 -17.32
C ILE C 287 -26.35 -34.51 -16.94
N PRO C 288 -25.14 -34.70 -16.39
CA PRO C 288 -24.78 -36.05 -15.93
C PRO C 288 -25.63 -36.54 -14.77
N VAL C 289 -26.00 -35.64 -13.84
CA VAL C 289 -26.85 -36.03 -12.72
C VAL C 289 -28.21 -36.49 -13.23
N ARG C 290 -28.74 -35.82 -14.26
CA ARG C 290 -30.02 -36.22 -14.83
C ARG C 290 -29.92 -37.55 -15.55
N THR C 291 -28.86 -37.75 -16.33
CA THR C 291 -28.75 -38.96 -17.16
C THR C 291 -28.26 -40.17 -16.38
N PHE C 292 -27.72 -39.99 -15.18
CA PHE C 292 -27.21 -41.12 -14.40
C PHE C 292 -28.31 -41.73 -13.54
N TYR C 293 -28.92 -40.93 -12.67
CA TYR C 293 -30.06 -41.40 -11.90
C TYR C 293 -31.32 -41.36 -12.76
N GLY C 294 -32.32 -42.13 -12.35
CA GLY C 294 -33.58 -42.17 -13.07
C GLY C 294 -34.40 -40.90 -12.92
N PHE C 295 -33.79 -39.76 -13.24
CA PHE C 295 -34.41 -38.46 -13.04
C PHE C 295 -34.84 -37.82 -14.35
N GLU C 296 -34.92 -38.60 -15.43
CA GLU C 296 -35.37 -38.05 -16.71
C GLU C 296 -36.83 -37.61 -16.68
N ASN C 297 -37.61 -38.11 -15.71
CA ASN C 297 -39.00 -37.71 -15.57
C ASN C 297 -39.14 -36.36 -14.86
N TYR C 298 -38.14 -35.94 -14.10
CA TYR C 298 -38.17 -34.69 -13.35
C TYR C 298 -37.41 -33.57 -14.05
N ILE C 299 -36.20 -33.85 -14.52
CA ILE C 299 -35.41 -32.88 -15.27
C ILE C 299 -35.57 -33.24 -16.74
N THR C 300 -36.51 -32.59 -17.41
CA THR C 300 -36.85 -32.91 -18.79
C THR C 300 -35.98 -32.09 -19.74
N LEU C 301 -36.25 -32.20 -21.04
CA LEU C 301 -35.49 -31.44 -22.03
C LEU C 301 -35.92 -29.98 -22.06
N HIS C 302 -37.16 -29.68 -21.66
CA HIS C 302 -37.59 -28.29 -21.60
C HIS C 302 -36.85 -27.52 -20.52
N HIS C 303 -36.40 -28.21 -19.46
CA HIS C 303 -35.54 -27.57 -18.47
C HIS C 303 -34.25 -27.08 -19.10
N LEU C 304 -33.56 -27.96 -19.83
CA LEU C 304 -32.32 -27.57 -20.50
C LEU C 304 -32.58 -26.48 -21.54
N ASP C 305 -33.74 -26.49 -22.17
CA ASP C 305 -34.06 -25.49 -23.19
C ASP C 305 -34.16 -24.09 -22.57
N VAL C 306 -34.96 -23.96 -21.51
CA VAL C 306 -35.14 -22.64 -20.90
C VAL C 306 -33.88 -22.18 -20.19
N MET C 307 -33.09 -23.11 -19.64
CA MET C 307 -31.83 -22.73 -19.00
C MET C 307 -30.83 -22.21 -20.01
N ALA C 308 -30.76 -22.84 -21.19
CA ALA C 308 -29.88 -22.34 -22.24
C ALA C 308 -30.38 -21.00 -22.78
N LYS C 309 -31.69 -20.77 -22.77
CA LYS C 309 -32.22 -19.48 -23.19
C LYS C 309 -31.82 -18.38 -22.22
N VAL C 310 -31.89 -18.65 -20.91
CA VAL C 310 -31.45 -17.67 -19.93
C VAL C 310 -29.95 -17.45 -20.05
N MET C 311 -29.19 -18.52 -20.29
CA MET C 311 -27.75 -18.38 -20.44
C MET C 311 -27.40 -17.56 -21.67
N LEU C 312 -28.16 -17.73 -22.76
CA LEU C 312 -27.92 -16.94 -23.96
C LEU C 312 -28.23 -15.47 -23.73
N THR C 313 -29.30 -15.18 -22.99
CA THR C 313 -29.65 -13.80 -22.70
C THR C 313 -28.58 -13.12 -21.86
N THR C 314 -28.08 -13.80 -20.83
CA THR C 314 -27.03 -13.22 -20.01
C THR C 314 -25.73 -13.06 -20.78
N GLY C 315 -25.43 -14.00 -21.68
CA GLY C 315 -24.27 -13.85 -22.53
C GLY C 315 -24.39 -12.68 -23.49
N MET C 316 -25.61 -12.41 -23.97
CA MET C 316 -25.82 -11.24 -24.81
C MET C 316 -25.66 -9.94 -24.03
N ILE C 317 -26.05 -9.94 -22.75
CA ILE C 317 -25.82 -8.77 -21.92
C ILE C 317 -24.33 -8.57 -21.69
N VAL C 318 -23.57 -9.66 -21.61
CA VAL C 318 -22.12 -9.56 -21.46
C VAL C 318 -21.50 -8.99 -22.73
N VAL C 319 -21.96 -9.45 -23.90
CA VAL C 319 -21.49 -8.90 -25.16
C VAL C 319 -21.84 -7.41 -25.25
N TYR C 320 -23.02 -7.05 -24.74
CA TYR C 320 -23.38 -5.63 -24.66
C TYR C 320 -22.40 -4.87 -23.77
N GLY C 321 -21.88 -5.53 -22.73
CA GLY C 321 -20.86 -4.90 -21.91
C GLY C 321 -19.53 -4.76 -22.63
N TYR C 322 -19.19 -5.76 -23.45
CA TYR C 322 -17.99 -5.66 -24.28
C TYR C 322 -18.08 -4.46 -25.22
N PHE C 323 -19.25 -4.29 -25.86
CA PHE C 323 -19.42 -3.19 -26.80
C PHE C 323 -19.36 -1.85 -26.10
N MET C 324 -19.92 -1.78 -24.89
CA MET C 324 -19.90 -0.52 -24.13
C MET C 324 -18.48 -0.15 -23.74
N GLU C 325 -17.65 -1.15 -23.41
CA GLU C 325 -16.25 -0.89 -23.10
C GLU C 325 -15.51 -0.41 -24.34
N VAL C 326 -15.78 -1.04 -25.49
CA VAL C 326 -15.12 -0.63 -26.73
C VAL C 326 -15.58 0.77 -27.14
N PHE C 327 -16.89 1.05 -27.01
CA PHE C 327 -17.38 2.38 -27.33
C PHE C 327 -16.78 3.42 -26.41
N ALA C 328 -16.60 3.07 -25.14
CA ALA C 328 -16.00 4.02 -24.19
C ALA C 328 -14.55 4.30 -24.53
N SER C 329 -13.80 3.27 -24.96
CA SER C 329 -12.40 3.48 -25.32
C SER C 329 -12.27 4.32 -26.58
N LEU C 330 -13.21 4.18 -27.52
CA LEU C 330 -13.16 4.94 -28.76
C LEU C 330 -13.77 6.33 -28.62
N TYR C 331 -14.68 6.52 -27.66
CA TYR C 331 -15.37 7.79 -27.52
C TYR C 331 -14.51 8.83 -26.81
N SER C 332 -13.75 8.43 -25.81
CA SER C 332 -12.93 9.36 -25.04
C SER C 332 -11.62 9.63 -25.77
N GLY C 333 -11.10 10.84 -25.57
CA GLY C 333 -9.83 11.23 -26.15
C GLY C 333 -8.67 11.00 -25.20
N ASN C 334 -8.88 10.16 -24.19
CA ASN C 334 -7.85 9.88 -23.20
C ASN C 334 -6.83 8.90 -23.77
N GLU C 335 -5.54 9.22 -23.58
CA GLU C 335 -4.47 8.34 -24.04
C GLU C 335 -4.52 6.98 -23.36
N PHE C 336 -5.06 6.92 -22.14
CA PHE C 336 -4.98 5.69 -21.35
C PHE C 336 -6.09 4.72 -21.72
N GLU C 337 -7.28 5.22 -22.07
CA GLU C 337 -8.32 4.34 -22.60
C GLU C 337 -7.94 3.79 -23.96
N GLU C 338 -7.30 4.61 -24.80
CA GLU C 338 -6.86 4.14 -26.11
C GLU C 338 -5.79 3.08 -25.99
N TYR C 339 -4.80 3.30 -25.11
CA TYR C 339 -3.75 2.31 -24.94
C TYR C 339 -4.28 1.04 -24.29
N LEU C 340 -5.30 1.16 -23.43
CA LEU C 340 -5.94 -0.02 -22.87
C LEU C 340 -6.53 -0.90 -23.98
N LEU C 341 -7.23 -0.28 -24.93
CA LEU C 341 -7.78 -1.03 -26.06
C LEU C 341 -6.67 -1.61 -26.92
N TYR C 342 -5.59 -0.85 -27.12
CA TYR C 342 -4.49 -1.35 -27.93
C TYR C 342 -3.76 -2.48 -27.22
N ASN C 343 -3.57 -2.37 -25.90
CA ASN C 343 -2.89 -3.42 -25.17
C ASN C 343 -3.75 -4.68 -25.08
N ARG C 344 -5.08 -4.53 -25.18
CA ARG C 344 -5.94 -5.70 -25.20
C ARG C 344 -5.94 -6.36 -26.57
N LEU C 345 -5.84 -5.57 -27.63
CA LEU C 345 -5.99 -6.10 -28.99
C LEU C 345 -4.68 -6.64 -29.55
N PHE C 346 -3.57 -5.93 -29.34
CA PHE C 346 -2.29 -6.33 -29.91
C PHE C 346 -1.18 -6.35 -28.87
N GLY C 347 -1.52 -6.34 -27.58
CA GLY C 347 -0.51 -6.34 -26.54
C GLY C 347 0.10 -7.70 -26.34
N PRO C 348 1.02 -7.78 -25.38
CA PRO C 348 1.64 -9.08 -25.06
C PRO C 348 0.68 -10.09 -24.48
N SER C 349 -0.49 -9.65 -23.99
CA SER C 349 -1.50 -10.54 -23.44
C SER C 349 -2.78 -10.51 -24.25
N SER C 350 -2.68 -10.20 -25.55
CA SER C 350 -3.86 -10.13 -26.39
C SER C 350 -4.53 -11.48 -26.58
N TRP C 351 -3.82 -12.57 -26.28
CA TRP C 351 -4.38 -13.91 -26.47
C TRP C 351 -5.63 -14.11 -25.62
N ALA C 352 -5.65 -13.53 -24.41
CA ALA C 352 -6.82 -13.68 -23.55
C ALA C 352 -8.01 -12.88 -24.07
N TYR C 353 -7.75 -11.72 -24.68
CA TYR C 353 -8.83 -10.95 -25.28
C TYR C 353 -9.41 -11.67 -26.49
N TRP C 354 -8.56 -12.30 -27.30
CA TRP C 354 -9.05 -13.04 -28.45
C TRP C 354 -9.82 -14.29 -28.03
N GLY C 355 -9.33 -14.98 -26.99
CA GLY C 355 -10.09 -16.09 -26.45
C GLY C 355 -11.41 -15.65 -25.85
N LEU C 356 -11.42 -14.47 -25.22
CA LEU C 356 -12.67 -13.89 -24.74
C LEU C 356 -13.66 -13.72 -25.88
N LEU C 357 -13.23 -13.05 -26.95
CA LEU C 357 -14.14 -12.76 -28.07
C LEU C 357 -14.61 -14.05 -28.75
N PHE C 358 -13.77 -15.08 -28.77
CA PHE C 358 -14.17 -16.34 -29.41
C PHE C 358 -15.14 -17.12 -28.54
N CYS C 359 -14.92 -17.14 -27.22
CA CYS C 359 -15.69 -18.00 -26.35
C CYS C 359 -17.07 -17.43 -26.03
N ASN C 360 -17.11 -16.29 -25.36
CA ASN C 360 -18.35 -15.73 -24.84
C ASN C 360 -19.09 -14.85 -25.85
N ALA C 361 -18.67 -14.85 -27.10
CA ALA C 361 -19.37 -14.05 -28.10
C ALA C 361 -19.70 -14.84 -29.36
N VAL C 362 -18.79 -15.68 -29.84
CA VAL C 362 -19.05 -16.48 -31.03
C VAL C 362 -19.69 -17.82 -30.68
N ALA C 363 -19.19 -18.48 -29.63
CA ALA C 363 -19.69 -19.81 -29.29
C ALA C 363 -21.08 -19.78 -28.66
N ILE C 364 -21.54 -18.61 -28.20
CA ILE C 364 -22.87 -18.51 -27.60
C ILE C 364 -23.96 -18.25 -28.64
N GLN C 365 -23.60 -17.93 -29.88
CA GLN C 365 -24.56 -17.67 -30.94
C GLN C 365 -25.36 -18.91 -31.35
N PRO C 366 -24.76 -20.11 -31.42
CA PRO C 366 -25.57 -21.30 -31.75
C PRO C 366 -26.72 -21.55 -30.78
N LEU C 367 -26.72 -20.95 -29.60
CA LEU C 367 -27.83 -21.10 -28.67
C LEU C 367 -29.12 -20.44 -29.16
N TRP C 368 -29.04 -19.57 -30.17
CA TRP C 368 -30.24 -18.92 -30.70
C TRP C 368 -31.20 -19.92 -31.32
N PHE C 369 -30.67 -20.97 -31.93
CA PHE C 369 -31.50 -21.93 -32.64
C PHE C 369 -32.09 -22.97 -31.67
N LYS C 370 -33.07 -23.71 -32.17
CA LYS C 370 -33.81 -24.66 -31.34
C LYS C 370 -33.16 -26.05 -31.35
N LYS C 371 -32.69 -26.52 -32.51
CA LYS C 371 -32.07 -27.83 -32.58
C LYS C 371 -30.80 -27.89 -31.72
N VAL C 372 -30.01 -26.81 -31.75
CA VAL C 372 -28.82 -26.75 -30.90
C VAL C 372 -29.21 -26.67 -29.43
N ARG C 373 -30.30 -25.94 -29.13
CA ARG C 373 -30.76 -25.81 -27.76
C ARG C 373 -31.31 -27.12 -27.20
N GLN C 374 -31.70 -28.06 -28.06
CA GLN C 374 -32.20 -29.35 -27.64
C GLN C 374 -31.15 -30.45 -27.70
N ASN C 375 -29.93 -30.12 -28.13
CA ASN C 375 -28.84 -31.11 -28.21
C ASN C 375 -28.04 -31.07 -26.92
N ILE C 376 -27.82 -32.25 -26.33
CA ILE C 376 -27.12 -32.37 -25.05
C ILE C 376 -25.62 -32.21 -25.23
N PRO C 377 -24.94 -32.91 -26.16
CA PRO C 377 -23.49 -32.71 -26.28
C PRO C 377 -23.11 -31.30 -26.67
N ALA C 378 -23.93 -30.64 -27.49
CA ALA C 378 -23.65 -29.24 -27.84
C ALA C 378 -23.76 -28.34 -26.62
N LEU C 379 -24.71 -28.64 -25.72
CA LEU C 379 -24.84 -27.86 -24.50
C LEU C 379 -23.64 -28.05 -23.57
N LEU C 380 -23.12 -29.28 -23.51
CA LEU C 380 -21.95 -29.54 -22.67
C LEU C 380 -20.72 -28.81 -23.21
N ILE C 381 -20.53 -28.82 -24.53
CA ILE C 381 -19.38 -28.15 -25.12
C ILE C 381 -19.50 -26.63 -24.96
N ILE C 382 -20.70 -26.09 -25.16
CA ILE C 382 -20.89 -24.65 -25.03
C ILE C 382 -20.67 -24.21 -23.58
N SER C 383 -21.15 -25.01 -22.63
CA SER C 383 -20.96 -24.66 -21.21
C SER C 383 -19.48 -24.66 -20.84
N LEU C 384 -18.72 -25.65 -21.35
CA LEU C 384 -17.29 -25.67 -21.08
C LEU C 384 -16.59 -24.48 -21.70
N ILE C 385 -16.95 -24.12 -22.93
CA ILE C 385 -16.33 -22.97 -23.59
C ILE C 385 -16.70 -21.68 -22.88
N VAL C 386 -17.93 -21.59 -22.38
CA VAL C 386 -18.36 -20.39 -21.68
C VAL C 386 -17.59 -20.23 -20.37
N SER C 387 -17.37 -21.32 -19.65
CA SER C 387 -16.60 -21.25 -18.41
C SER C 387 -15.17 -20.81 -18.68
N VAL C 388 -14.55 -21.33 -19.73
CA VAL C 388 -13.20 -20.91 -20.09
C VAL C 388 -13.17 -19.44 -20.47
N GLY C 389 -14.18 -18.99 -21.23
CA GLY C 389 -14.25 -17.59 -21.60
C GLY C 389 -14.48 -16.67 -20.43
N MET C 390 -15.22 -17.12 -19.42
CA MET C 390 -15.43 -16.30 -18.24
C MET C 390 -14.14 -16.14 -17.44
N TRP C 391 -13.36 -17.22 -17.31
CA TRP C 391 -12.05 -17.10 -16.68
C TRP C 391 -11.14 -16.17 -17.47
N LEU C 392 -11.21 -16.24 -18.80
CA LEU C 392 -10.41 -15.34 -19.63
C LEU C 392 -10.87 -13.90 -19.50
N GLU C 393 -12.17 -13.68 -19.29
CA GLU C 393 -12.66 -12.30 -19.15
C GLU C 393 -12.21 -11.69 -17.84
N ARG C 394 -12.24 -12.45 -16.75
CA ARG C 394 -11.73 -11.94 -15.48
C ARG C 394 -10.24 -11.66 -15.58
N TYR C 395 -9.51 -12.47 -16.36
CA TYR C 395 -8.09 -12.23 -16.56
C TYR C 395 -7.85 -10.96 -17.35
N VAL C 396 -8.63 -10.73 -18.41
CA VAL C 396 -8.47 -9.54 -19.24
C VAL C 396 -8.77 -8.29 -18.42
N ILE C 397 -9.81 -8.35 -17.58
CA ILE C 397 -10.20 -7.18 -16.81
C ILE C 397 -9.13 -6.80 -15.79
N ILE C 398 -8.57 -7.80 -15.11
CA ILE C 398 -7.66 -7.54 -13.99
C ILE C 398 -6.22 -7.41 -14.46
N VAL C 399 -5.67 -8.48 -15.02
CA VAL C 399 -4.22 -8.54 -15.26
C VAL C 399 -3.80 -7.57 -16.35
N ILE C 400 -4.50 -7.58 -17.49
CA ILE C 400 -4.11 -6.73 -18.61
C ILE C 400 -4.18 -5.25 -18.22
N SER C 401 -5.24 -4.87 -17.50
CA SER C 401 -5.38 -3.48 -17.08
C SER C 401 -4.31 -3.08 -16.08
N LEU C 402 -3.88 -4.02 -15.24
CA LEU C 402 -2.88 -3.73 -14.21
C LEU C 402 -1.45 -3.75 -14.75
N GLU C 403 -1.23 -4.35 -15.92
CA GLU C 403 0.13 -4.49 -16.42
C GLU C 403 0.70 -3.15 -16.89
N ARG C 404 -0.10 -2.37 -17.61
CA ARG C 404 0.35 -1.12 -18.21
C ARG C 404 -0.51 0.02 -17.67
N ASP C 405 0.07 0.85 -16.80
CA ASP C 405 -0.64 1.90 -16.10
C ASP C 405 -0.26 3.26 -16.69
N PHE C 406 -0.30 4.30 -15.86
CA PHE C 406 -0.06 5.66 -16.34
C PHE C 406 1.42 5.90 -16.62
N LEU C 407 2.28 5.57 -15.67
CA LEU C 407 3.71 5.77 -15.83
C LEU C 407 4.30 4.62 -16.63
N PRO C 408 4.87 4.86 -17.81
CA PRO C 408 5.40 3.75 -18.61
C PRO C 408 6.53 3.00 -17.93
N SER C 409 7.28 3.67 -17.04
CA SER C 409 8.37 3.01 -16.35
C SER C 409 7.89 1.93 -15.39
N SER C 410 6.65 2.02 -14.93
CA SER C 410 6.07 1.02 -14.03
C SER C 410 5.35 -0.09 -14.78
N TRP C 411 5.89 -0.51 -15.92
CA TRP C 411 5.28 -1.54 -16.74
C TRP C 411 6.06 -2.84 -16.59
N ASP C 412 5.34 -3.94 -16.45
CA ASP C 412 5.96 -5.27 -16.34
C ASP C 412 4.92 -6.29 -16.77
N ILE C 413 5.35 -7.55 -16.86
CA ILE C 413 4.48 -8.64 -17.30
C ILE C 413 4.20 -9.56 -16.12
N TYR C 414 3.01 -10.15 -16.13
CA TYR C 414 2.56 -11.08 -15.09
C TYR C 414 2.60 -12.50 -15.65
N ILE C 415 3.41 -13.36 -15.04
CA ILE C 415 3.49 -14.76 -15.43
C ILE C 415 3.13 -15.63 -14.22
N PRO C 416 2.00 -16.32 -14.24
CA PRO C 416 1.62 -17.14 -13.08
C PRO C 416 2.57 -18.31 -12.88
N THR C 417 2.67 -18.75 -11.63
CA THR C 417 3.58 -19.84 -11.28
C THR C 417 2.79 -21.15 -11.26
N ILE C 418 3.34 -22.18 -10.63
CA ILE C 418 2.65 -23.46 -10.52
C ILE C 418 1.79 -23.54 -9.26
N TRP C 419 2.06 -22.73 -8.24
CA TRP C 419 1.39 -22.89 -6.97
C TRP C 419 -0.04 -22.32 -7.00
N ASP C 420 -0.24 -21.20 -7.70
CA ASP C 420 -1.60 -20.69 -7.83
C ASP C 420 -2.46 -21.59 -8.70
N TRP C 421 -1.86 -22.24 -9.70
CA TRP C 421 -2.57 -23.29 -10.42
C TRP C 421 -2.92 -24.45 -9.50
N SER C 422 -1.95 -24.90 -8.69
CA SER C 422 -2.22 -25.97 -7.74
C SER C 422 -3.36 -25.60 -6.81
N LEU C 423 -3.45 -24.33 -6.41
CA LEU C 423 -4.58 -23.88 -5.62
C LEU C 423 -5.88 -23.94 -6.40
N TYR C 424 -5.83 -23.71 -7.72
CA TYR C 424 -7.03 -23.74 -8.53
C TYR C 424 -7.60 -25.15 -8.62
N ILE C 425 -6.79 -26.11 -9.08
CA ILE C 425 -7.22 -27.51 -9.08
C ILE C 425 -7.63 -27.96 -7.68
N GLY C 426 -6.91 -27.47 -6.66
CA GLY C 426 -7.28 -27.82 -5.30
C GLY C 426 -8.66 -27.33 -4.91
N THR C 427 -9.02 -26.11 -5.35
CA THR C 427 -10.36 -25.59 -5.07
C THR C 427 -11.42 -26.37 -5.83
N PHE C 428 -11.11 -26.81 -7.05
CA PHE C 428 -12.03 -27.69 -7.77
C PHE C 428 -12.26 -28.98 -7.00
N GLY C 429 -11.21 -29.53 -6.40
CA GLY C 429 -11.36 -30.79 -5.68
C GLY C 429 -12.18 -30.64 -4.40
N LEU C 430 -11.96 -29.55 -3.66
CA LEU C 430 -12.78 -29.30 -2.48
C LEU C 430 -14.23 -29.06 -2.85
N PHE C 431 -14.47 -28.34 -3.96
CA PHE C 431 -15.82 -28.12 -4.45
C PHE C 431 -16.50 -29.45 -4.77
N PHE C 432 -15.81 -30.34 -5.49
CA PHE C 432 -16.42 -31.60 -5.89
C PHE C 432 -16.50 -32.59 -4.75
N THR C 433 -15.58 -32.51 -3.78
CA THR C 433 -15.70 -33.34 -2.59
C THR C 433 -16.97 -33.01 -1.81
N LEU C 434 -17.24 -31.71 -1.64
CA LEU C 434 -18.45 -31.30 -0.93
C LEU C 434 -19.70 -31.65 -1.71
N LEU C 435 -19.64 -31.60 -3.04
CA LEU C 435 -20.80 -31.97 -3.84
C LEU C 435 -21.07 -33.46 -3.78
N PHE C 436 -20.01 -34.28 -3.82
CA PHE C 436 -20.19 -35.73 -3.74
C PHE C 436 -20.72 -36.15 -2.37
N LEU C 437 -20.29 -35.47 -1.31
CA LEU C 437 -20.84 -35.75 0.02
C LEU C 437 -22.30 -35.33 0.11
N PHE C 438 -22.68 -34.24 -0.58
CA PHE C 438 -24.05 -33.78 -0.54
C PHE C 438 -24.99 -34.75 -1.26
N ILE C 439 -24.59 -35.20 -2.46
CA ILE C 439 -25.42 -36.13 -3.22
C ILE C 439 -25.44 -37.53 -2.61
N ARG C 440 -24.54 -37.82 -1.68
CA ARG C 440 -24.52 -39.11 -1.01
C ARG C 440 -25.39 -39.14 0.23
N VAL C 441 -25.42 -38.05 0.99
CA VAL C 441 -26.15 -38.01 2.26
C VAL C 441 -27.56 -37.47 2.06
N LEU C 442 -27.70 -36.30 1.45
CA LEU C 442 -28.98 -35.62 1.35
C LEU C 442 -29.60 -35.82 -0.03
N PRO C 443 -30.92 -35.69 -0.13
CA PRO C 443 -31.56 -35.80 -1.46
C PRO C 443 -31.23 -34.59 -2.32
N MET C 444 -30.86 -34.87 -3.57
CA MET C 444 -30.42 -33.82 -4.48
C MET C 444 -31.57 -33.09 -5.17
N ILE C 445 -32.80 -33.60 -5.05
CA ILE C 445 -33.98 -32.94 -5.60
C ILE C 445 -34.95 -32.71 -4.46
N ASN C 446 -35.48 -31.49 -4.36
CA ASN C 446 -36.43 -31.15 -3.32
C ASN C 446 -37.72 -31.94 -3.53
N ILE C 447 -38.08 -32.76 -2.54
CA ILE C 447 -39.14 -33.75 -2.74
C ILE C 447 -40.51 -33.11 -2.60
N PHE C 448 -40.76 -32.39 -1.50
CA PHE C 448 -42.09 -31.85 -1.27
C PHE C 448 -42.47 -30.81 -2.33
N GLU C 449 -41.48 -30.10 -2.88
CA GLU C 449 -41.77 -29.16 -3.96
C GLU C 449 -42.14 -29.90 -5.25
N MET C 450 -41.57 -31.09 -5.46
CA MET C 450 -41.89 -31.85 -6.67
C MET C 450 -43.29 -32.45 -6.60
N ARG C 451 -43.66 -33.00 -5.45
CA ARG C 451 -45.01 -33.54 -5.31
C ARG C 451 -46.06 -32.45 -5.31
N LEU C 452 -45.71 -31.25 -4.84
CA LEU C 452 -46.62 -30.11 -4.95
C LEU C 452 -46.78 -29.69 -6.41
N PHE C 453 -45.68 -29.74 -7.18
CA PHE C 453 -45.76 -29.45 -8.61
C PHE C 453 -46.64 -30.48 -9.32
N LEU C 454 -46.54 -31.75 -8.91
CA LEU C 454 -47.40 -32.79 -9.49
C LEU C 454 -48.86 -32.52 -9.16
N TYR C 455 -49.15 -32.10 -7.92
CA TYR C 455 -50.51 -31.78 -7.54
C TYR C 455 -51.04 -30.58 -8.32
N GLN C 456 -50.16 -29.60 -8.58
CA GLN C 456 -50.57 -28.43 -9.33
C GLN C 456 -50.86 -28.78 -10.79
N GLU C 457 -50.04 -29.65 -11.38
CA GLU C 457 -50.28 -30.08 -12.76
C GLU C 457 -51.55 -30.91 -12.86
N THR C 458 -51.85 -31.71 -11.83
CA THR C 458 -53.10 -32.47 -11.82
C THR C 458 -54.30 -31.54 -11.77
N GLU C 459 -54.22 -30.49 -10.96
CA GLU C 459 -55.32 -29.53 -10.88
C GLU C 459 -55.46 -28.76 -12.19
N LYS C 460 -54.35 -28.44 -12.85
CA LYS C 460 -54.41 -27.74 -14.13
C LYS C 460 -55.03 -28.62 -15.21
N ALA C 461 -54.68 -29.92 -15.22
CA ALA C 461 -55.29 -30.83 -16.17
C ALA C 461 -56.77 -31.04 -15.88
N LYS C 462 -57.17 -30.93 -14.61
CA LYS C 462 -58.58 -31.03 -14.26
C LYS C 462 -59.38 -29.85 -14.82
N GLN C 463 -58.81 -28.65 -14.72
CA GLN C 463 -59.45 -27.45 -15.28
C GLN C 463 -59.22 -27.32 -16.79
N ARG C 464 -58.48 -28.25 -17.40
CA ARG C 464 -58.20 -28.25 -18.83
C ARG C 464 -57.58 -26.92 -19.29
N VAL D 5 -56.19 -39.83 24.12
CA VAL D 5 -56.88 -38.75 24.81
C VAL D 5 -56.54 -37.42 24.15
N TYR D 6 -55.47 -37.40 23.35
CA TYR D 6 -55.09 -36.18 22.66
C TYR D 6 -56.07 -35.84 21.54
N GLY D 7 -56.55 -36.86 20.83
CA GLY D 7 -57.49 -36.61 19.76
C GLY D 7 -57.82 -37.87 18.99
N VAL D 8 -58.34 -37.68 17.78
CA VAL D 8 -58.73 -38.78 16.91
C VAL D 8 -58.13 -38.53 15.53
N MET D 9 -57.91 -39.61 14.78
CA MET D 9 -57.24 -39.52 13.48
C MET D 9 -58.15 -40.05 12.38
N ALA D 10 -57.83 -39.65 11.14
CA ALA D 10 -58.68 -39.92 9.98
C ALA D 10 -57.99 -40.73 8.89
N GLU D 11 -56.74 -40.40 8.54
CA GLU D 11 -55.95 -41.17 7.57
C GLU D 11 -56.64 -41.21 6.20
N PHE D 12 -56.95 -40.03 5.67
CA PHE D 12 -57.63 -39.98 4.37
C PHE D 12 -56.65 -40.30 3.25
N PRO D 13 -57.08 -41.06 2.23
CA PRO D 13 -56.09 -41.58 1.27
C PRO D 13 -55.61 -40.53 0.28
N THR D 14 -56.53 -39.74 -0.29
CA THR D 14 -56.20 -38.77 -1.33
C THR D 14 -56.26 -37.35 -0.80
N PRO D 15 -55.44 -36.43 -1.34
CA PRO D 15 -55.46 -35.05 -0.82
C PRO D 15 -56.81 -34.38 -0.97
N GLU D 16 -57.53 -34.64 -2.06
CA GLU D 16 -58.85 -34.02 -2.25
C GLU D 16 -59.83 -34.47 -1.17
N ALA D 17 -59.71 -35.71 -0.71
CA ALA D 17 -60.59 -36.19 0.36
C ALA D 17 -60.33 -35.43 1.65
N LEU D 18 -59.07 -35.09 1.92
CA LEU D 18 -58.75 -34.31 3.11
C LEU D 18 -59.40 -32.93 3.05
N ILE D 19 -59.37 -32.30 1.87
CA ILE D 19 -60.03 -31.00 1.69
C ILE D 19 -61.51 -31.12 1.98
N GLU D 20 -62.16 -32.12 1.39
CA GLU D 20 -63.61 -32.28 1.57
C GLU D 20 -63.94 -32.60 3.02
N ALA D 21 -63.12 -33.45 3.66
CA ALA D 21 -63.38 -33.84 5.04
C ALA D 21 -63.24 -32.66 6.00
N THR D 22 -62.19 -31.85 5.80
CA THR D 22 -62.03 -30.65 6.61
C THR D 22 -63.21 -29.70 6.41
N ARG D 23 -63.74 -29.63 5.19
CA ARG D 23 -64.89 -28.79 4.93
C ARG D 23 -66.17 -29.39 5.49
N LYS D 24 -66.23 -30.72 5.61
CA LYS D 24 -67.36 -31.35 6.29
C LYS D 24 -67.35 -31.00 7.78
N ALA D 25 -66.19 -31.06 8.41
CA ALA D 25 -66.02 -30.48 9.73
C ALA D 25 -66.08 -28.95 9.61
N LYS D 26 -65.88 -28.26 10.73
CA LYS D 26 -66.05 -26.80 10.81
C LYS D 26 -67.51 -26.43 10.57
N ALA D 27 -68.09 -26.90 9.46
CA ALA D 27 -69.54 -26.83 9.30
C ALA D 27 -70.25 -27.57 10.43
N ALA D 28 -69.73 -28.74 10.81
CA ALA D 28 -70.25 -29.45 11.97
C ALA D 28 -70.02 -28.64 13.25
N GLY D 29 -68.98 -27.80 13.27
CA GLY D 29 -68.64 -27.02 14.44
C GLY D 29 -67.39 -27.48 15.16
N TYR D 30 -66.79 -28.58 14.74
CA TYR D 30 -65.54 -29.02 15.35
C TYR D 30 -64.44 -27.99 15.10
N THR D 31 -63.78 -27.59 16.17
CA THR D 31 -62.71 -26.59 16.09
C THR D 31 -61.48 -27.13 16.81
N LYS D 32 -60.39 -26.36 16.71
CA LYS D 32 -59.07 -26.79 17.19
C LYS D 32 -58.68 -28.12 16.56
N MET D 33 -58.86 -28.21 15.25
CA MET D 33 -58.49 -29.38 14.47
C MET D 33 -57.36 -29.02 13.52
N ASP D 34 -56.45 -29.96 13.30
CA ASP D 34 -55.31 -29.73 12.42
C ASP D 34 -55.19 -30.90 11.44
N ALA D 35 -54.74 -30.59 10.24
CA ALA D 35 -54.59 -31.57 9.16
C ALA D 35 -53.14 -31.68 8.76
N PHE D 36 -52.65 -32.90 8.60
CA PHE D 36 -51.26 -33.20 8.30
C PHE D 36 -51.14 -33.71 6.88
N SER D 37 -50.31 -33.06 6.08
CA SER D 37 -50.15 -33.38 4.68
C SER D 37 -48.68 -33.31 4.28
N PRO D 38 -48.24 -34.17 3.36
CA PRO D 38 -46.84 -34.13 2.92
C PRO D 38 -46.47 -32.82 2.24
N PHE D 39 -47.37 -32.25 1.44
CA PHE D 39 -47.15 -30.99 0.77
C PHE D 39 -48.24 -30.00 1.18
N PRO D 40 -47.97 -28.69 1.08
CA PRO D 40 -49.01 -27.71 1.39
C PRO D 40 -50.18 -27.82 0.43
N ILE D 41 -51.35 -28.17 0.99
CA ILE D 41 -52.54 -28.37 0.17
C ILE D 41 -52.97 -27.06 -0.49
N GLU D 42 -52.79 -25.95 0.23
CA GLU D 42 -53.24 -24.60 -0.16
C GLU D 42 -54.76 -24.49 -0.15
N GLU D 43 -55.48 -25.58 0.12
CA GLU D 43 -56.92 -25.59 0.27
C GLU D 43 -57.34 -25.86 1.70
N VAL D 44 -56.69 -26.82 2.35
CA VAL D 44 -56.87 -27.02 3.78
C VAL D 44 -56.29 -25.85 4.56
N ILE D 45 -55.21 -25.26 4.03
CA ILE D 45 -54.52 -24.18 4.74
C ILE D 45 -55.44 -23.00 4.95
N GLU D 46 -56.19 -22.62 3.91
CA GLU D 46 -57.09 -21.48 4.03
C GLU D 46 -58.30 -21.78 4.91
N GLU D 47 -58.67 -23.06 5.04
CA GLU D 47 -59.85 -23.41 5.82
C GLU D 47 -59.62 -23.23 7.32
N ILE D 48 -58.47 -23.67 7.83
CA ILE D 48 -58.23 -23.66 9.27
C ILE D 48 -57.21 -22.62 9.70
N ALA D 49 -56.45 -22.01 8.77
CA ALA D 49 -55.39 -21.06 9.14
C ALA D 49 -55.39 -19.92 8.13
N HIS D 50 -56.31 -18.98 8.30
CA HIS D 50 -56.37 -17.77 7.49
C HIS D 50 -56.07 -16.57 8.37
N GLY D 51 -55.00 -15.86 8.04
CA GLY D 51 -54.58 -14.70 8.81
C GLY D 51 -53.09 -14.47 8.65
N ASP D 52 -52.61 -13.46 9.37
CA ASP D 52 -51.19 -13.13 9.32
C ASP D 52 -50.37 -14.22 9.97
N THR D 53 -49.28 -14.62 9.28
CA THR D 53 -48.36 -15.60 9.87
C THR D 53 -47.64 -15.02 11.08
N GLY D 54 -47.50 -13.69 11.13
CA GLY D 54 -46.68 -13.05 12.14
C GLY D 54 -45.22 -12.94 11.77
N VAL D 55 -44.76 -13.68 10.76
CA VAL D 55 -43.38 -13.54 10.30
C VAL D 55 -43.09 -12.16 9.75
N PRO D 56 -43.97 -11.52 8.95
CA PRO D 56 -43.60 -10.22 8.35
C PRO D 56 -43.22 -9.14 9.35
N ARG D 57 -43.94 -9.01 10.46
CA ARG D 57 -43.65 -7.93 11.40
C ARG D 57 -42.26 -8.10 12.02
N LEU D 58 -41.86 -9.35 12.26
CA LEU D 58 -40.53 -9.60 12.80
C LEU D 58 -39.45 -9.21 11.80
N VAL D 59 -39.69 -9.48 10.51
CA VAL D 59 -38.70 -9.19 9.48
C VAL D 59 -38.50 -7.68 9.36
N LEU D 60 -39.59 -6.92 9.33
CA LEU D 60 -39.48 -5.46 9.19
C LEU D 60 -38.83 -4.83 10.40
N LEU D 61 -39.20 -5.28 11.61
CA LEU D 61 -38.62 -4.70 12.82
C LEU D 61 -37.11 -4.92 12.88
N PHE D 62 -36.68 -6.17 12.69
CA PHE D 62 -35.25 -6.47 12.76
C PHE D 62 -34.50 -5.90 11.57
N GLY D 63 -35.14 -5.83 10.41
CA GLY D 63 -34.48 -5.28 9.24
C GLY D 63 -34.17 -3.79 9.40
N LEU D 64 -35.13 -3.02 9.91
CA LEU D 64 -34.88 -1.60 10.16
C LEU D 64 -33.85 -1.41 11.26
N ILE D 65 -33.87 -2.26 12.29
CA ILE D 65 -32.84 -2.23 13.30
C ILE D 65 -31.48 -2.56 12.68
N GLY D 66 -31.44 -3.54 11.78
CA GLY D 66 -30.19 -3.91 11.15
C GLY D 66 -29.61 -2.81 10.29
N ALA D 67 -30.45 -2.15 9.49
CA ALA D 67 -30.00 -1.05 8.67
C ALA D 67 -29.50 0.11 9.54
N ALA D 68 -30.29 0.48 10.55
CA ALA D 68 -29.89 1.56 11.45
C ALA D 68 -28.59 1.23 12.17
N SER D 69 -28.43 -0.03 12.59
CA SER D 69 -27.21 -0.44 13.29
C SER D 69 -25.98 -0.28 12.40
N GLY D 70 -26.11 -0.63 11.12
CA GLY D 70 -24.97 -0.52 10.22
C GLY D 70 -24.56 0.92 9.97
N PHE D 71 -25.54 1.81 9.78
CA PHE D 71 -25.22 3.22 9.58
C PHE D 71 -24.63 3.83 10.84
N ILE D 72 -25.18 3.48 12.00
CA ILE D 72 -24.65 4.02 13.26
C ILE D 72 -23.23 3.54 13.50
N LEU D 73 -22.96 2.25 13.22
CA LEU D 73 -21.63 1.71 13.43
C LEU D 73 -20.58 2.44 12.58
N GLN D 74 -20.90 2.66 11.30
CA GLN D 74 -19.96 3.33 10.41
C GLN D 74 -19.73 4.77 10.84
N TYR D 75 -20.81 5.49 11.15
CA TYR D 75 -20.69 6.90 11.51
C TYR D 75 -19.90 7.10 12.78
N ILE D 76 -20.19 6.28 13.81
CA ILE D 76 -19.47 6.40 15.07
C ILE D 76 -18.02 5.97 14.91
N GLY D 77 -17.78 4.90 14.15
CA GLY D 77 -16.45 4.33 14.11
C GLY D 77 -15.46 5.20 13.35
N ASN D 78 -15.86 5.71 12.18
CA ASN D 78 -14.95 6.44 11.32
C ASN D 78 -15.16 7.94 11.31
N LEU D 79 -16.32 8.42 11.78
CA LEU D 79 -16.60 9.86 11.79
C LEU D 79 -16.76 10.43 13.19
N VAL D 80 -16.58 9.64 14.24
CA VAL D 80 -16.72 10.12 15.61
C VAL D 80 -15.58 9.60 16.48
N ASP D 81 -15.54 8.28 16.71
CA ASP D 81 -14.60 7.71 17.67
C ASP D 81 -13.16 7.97 17.25
N TYR D 82 -12.82 7.68 16.00
CA TYR D 82 -11.47 7.91 15.47
C TYR D 82 -11.61 8.59 14.12
N PRO D 83 -11.57 9.91 14.06
CA PRO D 83 -11.83 10.66 12.80
C PRO D 83 -10.62 10.67 11.87
N LEU D 84 -10.33 9.51 11.28
CA LEU D 84 -9.24 9.42 10.32
C LEU D 84 -9.63 10.03 8.99
N ASN D 85 -8.75 10.89 8.46
CA ASN D 85 -8.89 11.41 7.11
C ASN D 85 -8.25 10.44 6.14
N VAL D 86 -9.07 9.82 5.27
CA VAL D 86 -8.60 8.86 4.29
C VAL D 86 -8.93 9.39 2.89
N GLY D 87 -7.88 9.70 2.13
CA GLY D 87 -8.03 10.19 0.76
C GLY D 87 -8.81 11.47 0.61
N GLY D 88 -8.87 12.30 1.63
CA GLY D 88 -9.68 13.51 1.56
C GLY D 88 -11.17 13.27 1.53
N ARG D 89 -11.61 12.03 1.75
CA ARG D 89 -13.03 11.75 1.80
C ARG D 89 -13.66 12.46 2.99
N PRO D 90 -14.91 12.91 2.85
CA PRO D 90 -15.50 13.73 3.92
C PRO D 90 -15.69 12.96 5.22
N LEU D 91 -15.62 13.69 6.32
CA LEU D 91 -15.89 13.17 7.65
C LEU D 91 -17.27 13.56 8.16
N ASP D 92 -18.11 14.14 7.31
CA ASP D 92 -19.44 14.60 7.67
C ASP D 92 -20.49 13.59 7.22
N ILE D 93 -21.74 14.02 7.15
CA ILE D 93 -22.77 13.22 6.51
C ILE D 93 -22.57 13.18 5.00
N THR D 94 -21.78 14.12 4.46
CA THR D 94 -21.43 14.08 3.04
C THR D 94 -20.66 12.82 2.67
N ASN D 95 -20.20 12.03 3.66
CA ASN D 95 -19.75 10.67 3.42
C ASN D 95 -20.90 9.68 3.33
N TRP D 96 -22.09 10.14 2.96
CA TRP D 96 -23.22 9.22 2.79
C TRP D 96 -23.01 8.21 1.67
N PRO D 97 -22.31 8.51 0.57
CA PRO D 97 -21.83 7.43 -0.29
C PRO D 97 -20.75 6.66 0.44
N ALA D 98 -20.69 5.35 0.15
CA ALA D 98 -19.81 4.37 0.78
C ALA D 98 -20.28 4.00 2.17
N MET D 99 -21.51 4.39 2.57
CA MET D 99 -22.14 3.90 3.78
C MET D 99 -23.39 3.09 3.50
N ILE D 100 -23.86 3.09 2.26
CA ILE D 100 -25.03 2.32 1.83
C ILE D 100 -24.76 0.82 1.86
N PRO D 101 -23.62 0.31 1.38
CA PRO D 101 -23.47 -1.15 1.29
C PRO D 101 -23.48 -1.84 2.65
N ILE D 102 -22.66 -1.39 3.60
CA ILE D 102 -22.62 -2.03 4.92
C ILE D 102 -24.00 -1.96 5.58
N THR D 103 -24.69 -0.83 5.44
CA THR D 103 -26.02 -0.69 6.00
C THR D 103 -27.01 -1.66 5.38
N PHE D 104 -26.97 -1.80 4.06
CA PHE D 104 -27.89 -2.71 3.37
C PHE D 104 -27.63 -4.16 3.77
N GLU D 105 -26.36 -4.56 3.80
CA GLU D 105 -26.04 -5.95 4.11
C GLU D 105 -26.43 -6.30 5.54
N SER D 106 -26.28 -5.35 6.48
CA SER D 106 -26.65 -5.62 7.86
C SER D 106 -28.16 -5.79 8.01
N GLY D 107 -28.94 -4.96 7.32
CA GLY D 107 -30.39 -5.09 7.39
C GLY D 107 -30.90 -6.40 6.82
N ILE D 108 -30.33 -6.83 5.69
CA ILE D 108 -30.76 -8.09 5.08
C ILE D 108 -30.45 -9.26 6.00
N LEU D 109 -29.30 -9.22 6.67
CA LEU D 109 -28.91 -10.32 7.55
C LEU D 109 -29.90 -10.48 8.70
N LEU D 110 -30.23 -9.38 9.38
CA LEU D 110 -31.15 -9.46 10.51
C LEU D 110 -32.55 -9.86 10.08
N ALA D 111 -33.02 -9.32 8.94
CA ALA D 111 -34.34 -9.67 8.44
C ALA D 111 -34.42 -11.15 8.08
N SER D 112 -33.40 -11.67 7.41
CA SER D 112 -33.42 -13.08 7.01
C SER D 112 -33.36 -14.00 8.23
N PHE D 113 -32.50 -13.66 9.21
CA PHE D 113 -32.43 -14.46 10.43
C PHE D 113 -33.77 -14.49 11.15
N ALA D 114 -34.47 -13.35 11.17
CA ALA D 114 -35.75 -13.28 11.87
C ALA D 114 -36.79 -14.16 11.20
N ALA D 115 -36.79 -14.24 9.88
CA ALA D 115 -37.78 -15.03 9.17
C ALA D 115 -37.60 -16.52 9.45
N ALA D 116 -36.36 -17.02 9.35
CA ALA D 116 -36.10 -18.43 9.58
C ALA D 116 -36.32 -18.80 11.04
N ILE D 117 -35.70 -18.05 11.96
CA ILE D 117 -35.88 -18.32 13.38
C ILE D 117 -37.33 -18.10 13.78
N GLY D 118 -37.97 -17.07 13.22
CA GLY D 118 -39.35 -16.78 13.59
C GLY D 118 -40.32 -17.88 13.20
N MET D 119 -40.16 -18.42 11.99
CA MET D 119 -41.01 -19.53 11.57
C MET D 119 -40.86 -20.73 12.51
N ILE D 120 -39.63 -21.00 12.95
CA ILE D 120 -39.39 -22.11 13.87
C ILE D 120 -40.03 -21.83 15.22
N VAL D 121 -39.84 -20.63 15.76
CA VAL D 121 -40.32 -20.31 17.10
C VAL D 121 -41.83 -20.16 17.10
N LEU D 122 -42.39 -19.44 16.12
CA LEU D 122 -43.83 -19.22 16.08
C LEU D 122 -44.58 -20.53 15.95
N ASN D 123 -44.09 -21.44 15.13
CA ASN D 123 -44.73 -22.75 14.98
C ASN D 123 -44.47 -23.67 16.16
N GLY D 124 -43.68 -23.25 17.15
CA GLY D 124 -43.19 -24.19 18.14
C GLY D 124 -42.48 -25.36 17.51
N LEU D 125 -41.70 -25.08 16.46
CA LEU D 125 -41.17 -26.16 15.64
C LEU D 125 -40.24 -27.12 16.38
N PRO D 126 -39.31 -26.67 17.26
CA PRO D 126 -38.43 -27.66 17.93
C PRO D 126 -39.22 -28.62 18.80
N SER D 127 -39.94 -29.54 18.15
CA SER D 127 -40.77 -30.53 18.84
C SER D 127 -40.47 -31.90 18.25
N PRO D 128 -39.37 -32.53 18.65
CA PRO D 128 -39.08 -33.88 18.15
C PRO D 128 -40.16 -34.88 18.48
N TYR D 129 -40.78 -34.75 19.65
CA TYR D 129 -41.82 -35.66 20.12
C TYR D 129 -43.15 -34.93 20.06
N HIS D 130 -44.18 -35.64 19.59
CA HIS D 130 -45.52 -35.12 19.52
C HIS D 130 -46.44 -36.32 19.71
N PRO D 131 -47.56 -36.16 20.41
CA PRO D 131 -48.50 -37.29 20.54
C PRO D 131 -48.93 -37.83 19.20
N VAL D 132 -49.03 -36.97 18.19
CA VAL D 132 -49.48 -37.36 16.85
C VAL D 132 -48.70 -38.54 16.31
N PHE D 133 -47.39 -38.56 16.54
CA PHE D 133 -46.55 -39.62 15.97
C PHE D 133 -46.91 -41.01 16.48
N ASN D 134 -47.61 -41.10 17.62
CA ASN D 134 -47.94 -42.41 18.18
C ASN D 134 -48.79 -43.24 17.24
N VAL D 135 -49.61 -42.60 16.42
CA VAL D 135 -50.39 -43.33 15.42
C VAL D 135 -49.45 -44.10 14.50
N PRO D 136 -49.70 -45.39 14.23
CA PRO D 136 -48.68 -46.18 13.52
C PRO D 136 -48.41 -45.72 12.11
N ARG D 137 -49.44 -45.38 11.34
CA ARG D 137 -49.25 -45.04 9.93
C ARG D 137 -48.87 -43.59 9.71
N PHE D 138 -48.62 -42.82 10.77
CA PHE D 138 -48.13 -41.47 10.58
C PHE D 138 -46.68 -41.45 10.09
N GLN D 139 -45.97 -42.57 10.18
CA GLN D 139 -44.64 -42.65 9.56
C GLN D 139 -44.75 -42.48 8.06
N TYR D 140 -45.83 -42.97 7.45
CA TYR D 140 -46.04 -42.80 6.03
C TYR D 140 -46.65 -41.45 5.66
N ALA D 141 -46.87 -40.56 6.64
CA ALA D 141 -47.50 -39.28 6.34
C ALA D 141 -46.68 -38.46 5.35
N SER D 142 -45.36 -38.64 5.35
CA SER D 142 -44.53 -37.89 4.40
C SER D 142 -44.65 -38.47 2.99
N GLN D 143 -44.96 -39.77 2.87
CA GLN D 143 -45.16 -40.41 1.57
C GLN D 143 -46.64 -40.71 1.42
N ASP D 144 -47.38 -39.82 0.76
CA ASP D 144 -48.84 -39.92 0.63
C ASP D 144 -49.40 -39.92 2.06
N ALA D 145 -50.42 -40.74 2.33
CA ALA D 145 -50.98 -40.93 3.67
C ALA D 145 -51.29 -39.61 4.35
N PHE D 146 -52.28 -38.92 3.79
CA PHE D 146 -52.75 -37.67 4.37
C PHE D 146 -53.59 -37.96 5.62
N PHE D 147 -53.54 -37.05 6.58
CA PHE D 147 -54.16 -37.27 7.88
C PHE D 147 -55.00 -36.06 8.26
N LEU D 148 -55.94 -36.29 9.18
CA LEU D 148 -56.75 -35.24 9.79
C LEU D 148 -57.02 -35.61 11.23
N CYS D 149 -56.94 -34.63 12.13
CA CYS D 149 -57.07 -34.88 13.56
C CYS D 149 -57.88 -33.79 14.24
N ILE D 150 -58.69 -34.19 15.21
CA ILE D 150 -59.48 -33.28 16.03
C ILE D 150 -59.02 -33.47 17.47
N GLU D 151 -58.49 -32.39 18.06
CA GLU D 151 -57.90 -32.47 19.39
C GLU D 151 -58.98 -32.51 20.47
N ALA D 152 -58.60 -33.01 21.65
CA ALA D 152 -59.47 -32.96 22.81
C ALA D 152 -59.73 -31.54 23.30
N THR D 153 -58.83 -30.60 22.98
CA THR D 153 -59.04 -29.21 23.36
C THR D 153 -60.28 -28.61 22.69
N ASP D 154 -60.81 -29.27 21.67
CA ASP D 154 -62.05 -28.85 21.06
C ASP D 154 -63.14 -28.77 22.14
N PRO D 155 -63.85 -27.66 22.26
CA PRO D 155 -64.87 -27.53 23.32
C PRO D 155 -65.88 -28.67 23.35
N LEU D 156 -66.19 -29.27 22.20
CA LEU D 156 -67.15 -30.37 22.18
C LEU D 156 -66.69 -31.52 23.06
N PHE D 157 -65.42 -31.92 22.93
CA PHE D 157 -64.83 -32.98 23.75
C PHE D 157 -65.65 -34.27 23.66
N ASP D 158 -66.15 -34.55 22.46
CA ASP D 158 -67.14 -35.59 22.27
C ASP D 158 -66.55 -36.99 22.47
N ARG D 159 -65.26 -37.16 22.21
CA ARG D 159 -64.59 -38.46 22.26
C ARG D 159 -65.21 -39.46 21.28
N SER D 160 -66.10 -40.32 21.78
CA SER D 160 -66.64 -41.38 20.92
C SER D 160 -67.50 -40.82 19.80
N ARG D 161 -68.22 -39.72 20.07
CA ARG D 161 -68.97 -39.05 19.02
C ARG D 161 -68.03 -38.48 17.96
N THR D 162 -66.90 -37.91 18.39
CA THR D 162 -65.90 -37.43 17.44
C THR D 162 -65.37 -38.57 16.59
N SER D 163 -65.06 -39.71 17.21
CA SER D 163 -64.65 -40.89 16.45
C SER D 163 -65.76 -41.32 15.50
N GLN D 164 -67.01 -41.27 15.97
CA GLN D 164 -68.13 -41.63 15.10
C GLN D 164 -68.32 -40.62 13.98
N PHE D 165 -68.16 -39.33 14.28
CA PHE D 165 -68.19 -38.32 13.23
C PHE D 165 -67.08 -38.56 12.21
N LEU D 166 -65.89 -38.89 12.68
CA LEU D 166 -64.80 -39.23 11.78
C LEU D 166 -65.11 -40.53 11.03
N ARG D 167 -65.81 -41.46 11.68
CA ARG D 167 -66.23 -42.69 11.00
C ARG D 167 -67.31 -42.42 9.96
N SER D 168 -68.14 -41.40 10.19
CA SER D 168 -69.13 -41.02 9.19
C SER D 168 -68.44 -40.53 7.92
N LEU D 169 -67.46 -39.64 8.08
CA LEU D 169 -66.53 -39.36 7.00
C LEU D 169 -65.82 -40.65 6.63
N ASN D 170 -65.30 -40.73 5.40
CA ASN D 170 -64.77 -42.01 4.94
C ASN D 170 -63.28 -42.17 5.25
N PRO D 171 -62.92 -42.97 6.25
CA PRO D 171 -61.52 -43.06 6.64
C PRO D 171 -60.89 -44.41 6.32
N MET D 172 -59.66 -44.41 5.81
CA MET D 172 -58.94 -45.67 5.70
C MET D 172 -58.76 -46.30 7.08
N GLN D 173 -58.57 -45.48 8.11
CA GLN D 173 -58.43 -45.96 9.48
C GLN D 173 -58.61 -44.79 10.43
N VAL D 174 -59.41 -45.01 11.46
CA VAL D 174 -59.63 -44.04 12.54
C VAL D 174 -58.86 -44.51 13.77
N SER D 175 -58.08 -43.61 14.36
CA SER D 175 -57.23 -43.94 15.49
C SER D 175 -57.44 -42.91 16.60
N GLU D 176 -57.19 -43.33 17.84
CA GLU D 176 -57.30 -42.46 19.01
C GLU D 176 -55.87 -42.13 19.46
N VAL D 177 -55.39 -40.96 19.05
CA VAL D 177 -54.03 -40.55 19.37
C VAL D 177 -53.96 -40.14 20.83
N ALA D 178 -52.98 -40.68 21.56
CA ALA D 178 -52.78 -40.40 22.97
C ALA D 178 -51.40 -39.83 23.21
N TYR D 179 -51.21 -39.28 24.41
CA TYR D 179 -49.94 -38.68 24.79
C TYR D 179 -48.84 -39.73 24.91
N CYS E 26 0.58 -14.78 20.26
CA CYS E 26 -0.43 -15.06 19.24
C CYS E 26 -0.23 -14.18 18.01
N HIS E 27 0.87 -13.41 18.02
CA HIS E 27 1.24 -12.61 16.85
C HIS E 27 2.75 -12.57 16.73
N GLN E 28 3.39 -11.72 17.55
CA GLN E 28 4.85 -11.66 17.65
C GLN E 28 5.51 -11.47 16.29
N ASP E 29 5.04 -10.47 15.56
CA ASP E 29 5.57 -10.25 14.22
C ASP E 29 6.73 -9.26 14.24
N MET E 30 6.41 -7.98 14.40
CA MET E 30 7.43 -6.96 14.58
C MET E 30 7.58 -6.55 16.04
N TYR E 31 7.11 -7.40 16.96
CA TYR E 31 7.22 -7.11 18.39
C TYR E 31 8.68 -7.07 18.81
N ASP E 32 9.47 -8.07 18.40
CA ASP E 32 10.91 -8.09 18.61
C ASP E 32 11.55 -8.09 17.23
N GLN E 33 12.39 -7.09 16.97
CA GLN E 33 12.94 -6.89 15.64
C GLN E 33 14.45 -7.12 15.63
N GLN E 34 14.96 -7.36 14.42
CA GLN E 34 16.37 -7.70 14.25
C GLN E 34 17.28 -6.52 14.58
N LYS E 35 16.78 -5.29 14.46
CA LYS E 35 17.61 -4.14 14.77
C LYS E 35 18.01 -4.15 16.24
N TYR E 36 19.11 -3.48 16.54
CA TYR E 36 19.65 -3.43 17.89
C TYR E 36 19.27 -2.11 18.53
N THR E 37 18.46 -2.17 19.59
CA THR E 37 18.04 -0.97 20.30
C THR E 37 19.17 -0.43 21.16
N THR E 38 18.84 0.44 22.12
CA THR E 38 19.87 1.15 22.87
C THR E 38 20.72 0.19 23.70
N TYR E 39 20.09 -0.59 24.57
CA TYR E 39 20.81 -1.49 25.47
C TYR E 39 20.53 -2.95 25.17
N GLU E 40 20.06 -3.27 23.97
CA GLU E 40 19.74 -4.64 23.61
C GLU E 40 21.01 -5.49 23.67
N PRO E 41 21.02 -6.60 24.39
CA PRO E 41 22.22 -7.44 24.44
C PRO E 41 22.52 -8.07 23.10
N SER E 42 23.82 -8.22 22.81
CA SER E 42 24.30 -8.71 21.53
C SER E 42 25.25 -9.87 21.74
N SER E 43 25.13 -10.88 20.89
CA SER E 43 26.02 -12.04 20.93
C SER E 43 27.16 -11.94 19.92
N PHE E 44 27.20 -10.87 19.12
CA PHE E 44 28.28 -10.69 18.17
C PHE E 44 29.53 -10.12 18.82
N PHE E 45 29.38 -9.31 19.86
CA PHE E 45 30.51 -8.75 20.59
C PHE E 45 30.88 -9.66 21.76
N ALA E 46 32.10 -9.43 22.28
CA ALA E 46 32.64 -10.32 23.31
C ALA E 46 31.95 -10.09 24.65
N ASP E 47 31.79 -8.84 25.06
CA ASP E 47 31.23 -8.52 26.36
C ASP E 47 29.70 -8.55 26.39
N GLY E 48 29.05 -8.99 25.32
CA GLY E 48 27.61 -9.12 25.31
C GLY E 48 26.85 -7.81 25.38
N ARG E 49 27.26 -6.81 24.62
CA ARG E 49 26.63 -5.50 24.63
C ARG E 49 26.63 -4.93 23.21
N SER E 50 25.45 -4.53 22.74
CA SER E 50 25.38 -3.88 21.43
C SER E 50 25.89 -2.44 21.49
N SER E 51 25.70 -1.76 22.61
CA SER E 51 26.28 -0.43 22.79
C SER E 51 27.78 -0.54 22.99
N ARG E 52 28.50 0.46 22.48
CA ARG E 52 29.95 0.36 22.45
C ARG E 52 30.59 1.49 23.24
N PRO E 53 31.73 1.22 23.88
CA PRO E 53 32.44 2.29 24.61
C PRO E 53 33.06 3.29 23.66
N ASN E 54 33.52 4.40 24.24
CA ASN E 54 34.08 5.48 23.45
C ASN E 54 35.47 5.12 22.95
N VAL E 55 35.76 5.51 21.70
CA VAL E 55 37.12 5.39 21.17
C VAL E 55 38.02 6.39 21.90
N PRO E 56 39.22 5.99 22.35
CA PRO E 56 40.02 6.85 23.23
C PRO E 56 40.20 8.29 22.77
N GLY E 57 40.82 8.50 21.62
CA GLY E 57 41.13 9.85 21.20
C GLY E 57 40.14 10.47 20.23
N THR E 58 38.89 10.01 20.26
CA THR E 58 37.86 10.45 19.34
C THR E 58 36.94 11.46 20.00
N THR E 59 36.71 12.58 19.32
CA THR E 59 35.83 13.65 19.77
C THR E 59 34.71 13.88 18.77
N PRO E 60 33.53 14.31 19.22
CA PRO E 60 32.41 14.51 18.28
C PRO E 60 32.63 15.65 17.31
N PHE E 61 31.62 15.93 16.49
CA PHE E 61 31.70 16.97 15.48
C PHE E 61 31.48 18.36 16.09
N GLU E 62 32.33 19.31 15.70
CA GLU E 62 32.24 20.69 16.15
C GLU E 62 32.33 20.82 17.67
N VAL E 63 33.03 19.88 18.31
CA VAL E 63 33.27 19.91 19.74
C VAL E 63 34.77 19.92 19.93
N VAL E 64 35.32 21.11 20.21
CA VAL E 64 36.76 21.30 20.32
C VAL E 64 37.18 21.20 21.78
N LYS E 65 38.27 20.47 22.04
CA LYS E 65 38.80 20.28 23.39
C LYS E 65 40.01 21.17 23.67
N THR E 66 40.03 22.39 23.12
CA THR E 66 41.20 23.23 23.24
C THR E 66 41.33 23.80 24.65
N ASP E 67 40.25 24.40 25.16
CA ASP E 67 40.30 25.02 26.49
C ASP E 67 40.54 23.97 27.56
N GLU E 68 41.54 24.22 28.40
CA GLU E 68 41.88 23.27 29.46
C GLU E 68 41.00 23.45 30.69
N PHE E 69 40.76 24.69 31.10
CA PHE E 69 39.91 24.94 32.26
C PHE E 69 38.50 24.37 32.06
N LEU E 70 38.02 24.35 30.82
CA LEU E 70 36.73 23.75 30.55
C LEU E 70 36.75 22.23 30.71
N TYR E 71 37.94 21.61 30.77
CA TYR E 71 38.05 20.17 30.86
C TYR E 71 39.01 19.67 31.93
N THR E 72 39.79 20.55 32.55
CA THR E 72 40.65 20.16 33.65
C THR E 72 40.94 21.38 34.51
N GLY E 73 41.13 21.15 35.80
CA GLY E 73 41.39 22.23 36.73
C GLY E 73 42.83 22.65 36.83
N LEU E 74 43.71 22.11 35.99
CA LEU E 74 45.14 22.40 36.08
C LEU E 74 45.54 23.35 34.96
N ILE E 75 46.28 24.39 35.32
CA ILE E 75 46.80 25.35 34.35
C ILE E 75 48.26 25.03 34.06
N ASP E 76 48.93 24.40 35.03
CA ASP E 76 50.33 24.00 34.87
C ASP E 76 50.66 22.79 35.74
N GLY E 77 49.66 21.99 36.11
CA GLY E 77 49.84 20.92 37.07
C GLY E 77 49.45 21.29 38.48
N GLN E 78 48.97 22.52 38.71
CA GLN E 78 48.58 23.00 40.02
C GLN E 78 47.22 23.66 39.94
N GLU E 79 46.62 23.89 41.11
CA GLU E 79 45.32 24.55 41.18
C GLU E 79 45.47 26.06 41.02
N VAL E 80 44.34 26.72 40.76
CA VAL E 80 44.36 28.14 40.40
C VAL E 80 43.49 29.00 41.31
N ASP E 81 42.48 28.45 41.96
CA ASP E 81 41.49 29.23 42.70
C ASP E 81 40.84 30.27 41.79
N ALA E 82 40.31 29.79 40.67
CA ALA E 82 39.61 30.64 39.71
C ALA E 82 38.59 29.79 38.96
N MET E 83 37.80 30.46 38.12
CA MET E 83 36.72 29.79 37.41
C MET E 83 36.75 30.22 35.95
N PRO E 84 36.62 29.27 35.01
CA PRO E 84 36.79 29.63 33.59
C PRO E 84 35.82 30.68 33.07
N PHE E 85 34.59 30.69 33.55
CA PHE E 85 33.60 31.66 33.11
C PHE E 85 32.98 32.36 34.32
N PRO E 86 32.49 33.58 34.15
CA PRO E 86 31.90 34.30 35.28
C PRO E 86 30.67 33.59 35.85
N VAL E 87 30.40 33.89 37.11
CA VAL E 87 29.29 33.27 37.83
C VAL E 87 27.99 33.99 37.47
N THR E 88 26.95 33.20 37.21
CA THR E 88 25.63 33.73 36.90
C THR E 88 24.61 33.13 37.86
N LYS E 89 23.50 33.84 38.06
CA LYS E 89 22.44 33.34 38.92
C LYS E 89 21.85 32.05 38.37
N ASP E 90 21.64 31.98 37.05
CA ASP E 90 21.18 30.73 36.45
C ASP E 90 22.24 29.65 36.58
N LEU E 91 23.52 30.04 36.51
CA LEU E 91 24.60 29.07 36.70
C LEU E 91 24.62 28.53 38.13
N LEU E 92 24.37 29.39 39.11
CA LEU E 92 24.30 28.94 40.49
C LEU E 92 23.08 28.07 40.73
N LEU E 93 21.95 28.40 40.07
CA LEU E 93 20.77 27.55 40.18
C LEU E 93 21.01 26.18 39.58
N ARG E 94 21.66 26.12 38.42
CA ARG E 94 22.00 24.84 37.82
C ARG E 94 22.95 24.05 38.70
N GLY E 95 23.90 24.74 39.33
CA GLY E 95 24.80 24.06 40.25
C GLY E 95 24.10 23.53 41.49
N GLN E 96 23.12 24.28 41.99
CA GLN E 96 22.33 23.80 43.12
C GLN E 96 21.53 22.56 42.73
N LEU E 97 20.97 22.56 41.51
CA LEU E 97 20.21 21.40 41.05
C LEU E 97 21.10 20.17 40.92
N LYS E 98 22.26 20.32 40.27
CA LYS E 98 23.17 19.19 40.10
C LYS E 98 23.76 18.75 41.43
N TYR E 99 23.94 19.68 42.37
CA TYR E 99 24.40 19.31 43.70
C TYR E 99 23.35 18.50 44.44
N ASN E 100 22.08 18.95 44.37
CA ASN E 100 21.02 18.24 45.07
C ASN E 100 20.76 16.87 44.49
N ILE E 101 21.02 16.67 43.20
CA ILE E 101 20.78 15.38 42.57
C ILE E 101 21.93 14.41 42.87
N TYR E 102 23.15 14.80 42.54
CA TYR E 102 24.30 13.90 42.62
C TYR E 102 25.10 14.06 43.91
N CYS E 103 25.21 15.27 44.43
CA CYS E 103 26.15 15.56 45.51
C CYS E 103 25.51 15.60 46.89
N ALA E 104 24.24 16.00 46.99
CA ALA E 104 23.62 16.17 48.30
C ALA E 104 23.50 14.83 49.01
N VAL E 105 23.03 13.80 48.31
CA VAL E 105 22.98 12.47 48.90
C VAL E 105 24.40 12.00 49.21
N CYS E 106 24.53 11.19 50.26
CA CYS E 106 25.77 10.52 50.64
C CYS E 106 26.85 11.50 51.10
N HIS E 107 26.55 12.79 51.20
CA HIS E 107 27.65 13.73 51.35
C HIS E 107 27.16 15.02 51.99
N GLY E 108 25.84 15.14 52.15
CA GLY E 108 25.23 16.24 52.91
C GLY E 108 24.33 17.14 52.07
N GLU E 109 23.14 17.41 52.61
CA GLU E 109 22.20 18.31 51.94
C GLU E 109 22.63 19.76 52.05
N ALA E 110 23.07 20.18 53.25
CA ALA E 110 23.55 21.54 53.47
C ALA E 110 25.07 21.63 53.43
N GLY E 111 25.77 20.53 53.22
CA GLY E 111 27.21 20.52 53.15
C GLY E 111 27.93 20.14 54.43
N TYR E 112 27.22 19.66 55.44
CA TYR E 112 27.84 19.28 56.70
C TYR E 112 28.28 17.83 56.75
N GLY E 113 27.92 17.03 55.75
CA GLY E 113 28.28 15.62 55.72
C GLY E 113 27.34 14.70 56.46
N ALA E 114 26.21 15.20 56.96
CA ALA E 114 25.24 14.39 57.67
C ALA E 114 24.22 13.85 56.67
N SER E 115 24.19 12.54 56.50
CA SER E 115 23.29 11.91 55.53
C SER E 115 22.91 10.53 56.03
N MET E 116 21.82 10.00 55.46
CA MET E 116 21.39 8.64 55.78
C MET E 116 22.42 7.62 55.31
N VAL E 117 23.20 7.98 54.28
CA VAL E 117 24.19 7.05 53.74
C VAL E 117 25.33 6.84 54.71
N ALA E 118 25.82 7.91 55.34
CA ALA E 118 26.92 7.79 56.30
C ALA E 118 26.53 6.98 57.52
N GLU E 119 25.23 6.90 57.83
CA GLU E 119 24.79 6.12 58.99
C GLU E 119 25.00 4.63 58.77
N ARG E 120 24.68 4.14 57.58
CA ARG E 120 24.80 2.72 57.23
C ARG E 120 25.99 2.56 56.29
N GLY E 121 27.13 2.14 56.83
CA GLY E 121 28.31 1.91 56.01
C GLY E 121 29.56 2.56 56.55
N GLY E 122 29.40 3.59 57.37
CA GLY E 122 30.55 4.30 57.91
C GLY E 122 31.30 5.07 56.83
N ILE E 123 30.55 5.80 56.00
CA ILE E 123 31.16 6.51 54.88
C ILE E 123 31.98 7.70 55.36
N VAL E 124 31.53 8.34 56.44
CA VAL E 124 32.06 9.61 56.96
C VAL E 124 32.53 10.51 55.82
N PRO E 125 31.62 11.14 55.10
CA PRO E 125 32.03 12.05 54.02
C PRO E 125 32.63 13.33 54.57
N ALA E 126 33.23 14.10 53.67
CA ALA E 126 33.92 15.32 54.06
C ALA E 126 32.93 16.45 54.36
N ASN E 127 33.36 17.36 55.24
CA ASN E 127 32.56 18.51 55.63
C ASN E 127 33.10 19.75 54.92
N PHE E 128 32.25 20.39 54.12
CA PHE E 128 32.69 21.53 53.32
C PHE E 128 33.06 22.74 54.17
N HIS E 129 32.54 22.84 55.39
CA HIS E 129 32.72 24.02 56.22
C HIS E 129 33.93 23.91 57.15
N GLN E 130 34.84 22.98 56.90
CA GLN E 130 36.11 22.96 57.60
C GLN E 130 37.09 23.91 56.92
N GLN E 131 38.08 24.37 57.69
CA GLN E 131 38.98 25.40 57.20
C GLN E 131 39.87 24.93 56.06
N ARG E 132 40.13 23.63 55.96
CA ARG E 132 41.00 23.15 54.89
C ARG E 132 40.33 23.28 53.52
N LEU E 133 39.05 22.91 53.43
CA LEU E 133 38.32 23.07 52.17
C LEU E 133 37.75 24.47 51.99
N ARG E 134 37.89 25.34 52.98
CA ARG E 134 37.50 26.73 52.78
C ARG E 134 38.57 27.52 52.04
N GLU E 135 39.83 27.23 52.31
CA GLU E 135 40.96 27.83 51.60
C GLU E 135 41.33 27.06 50.34
N ALA E 136 40.64 25.96 50.04
CA ALA E 136 40.94 25.16 48.87
C ALA E 136 40.48 25.87 47.60
N PRO E 137 41.23 25.72 46.51
CA PRO E 137 40.87 26.37 45.25
C PRO E 137 39.62 25.77 44.62
N LEU E 138 39.02 26.54 43.70
CA LEU E 138 37.85 26.06 42.98
C LEU E 138 38.20 24.87 42.10
N SER E 139 39.34 24.93 41.41
CA SER E 139 39.77 23.82 40.56
C SER E 139 40.05 22.56 41.35
N HIS E 140 40.34 22.68 42.65
CA HIS E 140 40.45 21.50 43.50
C HIS E 140 39.10 20.80 43.64
N PHE E 141 38.02 21.58 43.76
CA PHE E 141 36.69 20.99 43.75
C PHE E 141 36.40 20.34 42.41
N PHE E 142 36.79 20.98 41.32
CA PHE E 142 36.54 20.43 39.99
C PHE E 142 37.25 19.09 39.80
N VAL E 143 38.53 19.02 40.17
CA VAL E 143 39.29 17.79 39.99
C VAL E 143 38.85 16.70 40.95
N VAL E 144 38.21 17.07 42.07
CA VAL E 144 37.69 16.07 42.99
C VAL E 144 36.41 15.45 42.43
N ILE E 145 35.53 16.28 41.86
CA ILE E 145 34.33 15.75 41.20
C ILE E 145 34.72 14.86 40.03
N THR E 146 35.79 15.23 39.33
CA THR E 146 36.19 14.49 38.13
C THR E 146 36.82 13.15 38.48
N ASN E 147 37.85 13.16 39.34
CA ASN E 147 38.63 11.97 39.63
C ASN E 147 38.21 11.29 40.93
N GLY E 148 38.22 12.02 42.03
CA GLY E 148 37.91 11.47 43.33
C GLY E 148 38.78 12.11 44.38
N VAL E 149 38.93 11.41 45.51
CA VAL E 149 39.77 11.92 46.59
C VAL E 149 41.22 11.42 46.46
N TYR E 150 41.42 10.11 46.33
CA TYR E 150 42.73 9.52 46.16
C TYR E 150 42.56 8.05 45.83
N ARG E 151 43.33 7.57 44.86
CA ARG E 151 43.25 6.17 44.45
C ARG E 151 44.02 5.30 45.43
N GLY E 152 44.03 3.99 45.16
CA GLY E 152 44.72 3.06 46.02
C GLY E 152 46.23 3.25 45.92
N ASP E 153 46.89 3.36 47.07
CA ASP E 153 48.33 3.50 47.09
C ASP E 153 48.99 2.23 46.54
N PRO E 154 50.13 2.37 45.85
CA PRO E 154 50.79 1.18 45.30
C PRO E 154 51.27 0.22 46.37
N GLU E 155 51.54 0.71 47.58
CA GLU E 155 51.97 -0.12 48.70
C GLU E 155 51.01 0.04 49.86
N ASN E 156 50.99 -0.98 50.73
CA ASN E 156 50.15 -0.98 51.93
C ASN E 156 48.67 -0.83 51.60
N GLY E 157 48.25 -1.34 50.43
CA GLY E 157 46.85 -1.26 50.06
C GLY E 157 46.43 0.16 49.72
N GLY E 158 45.13 0.36 49.69
CA GLY E 158 44.53 1.65 49.39
C GLY E 158 43.20 1.45 48.68
N TYR E 159 42.34 2.47 48.80
CA TYR E 159 41.01 2.41 48.22
C TYR E 159 40.55 3.82 47.89
N GLN E 160 39.61 3.92 46.95
CA GLN E 160 39.02 5.19 46.55
C GLN E 160 37.76 5.42 47.36
N SER E 161 37.59 6.65 47.86
CA SER E 161 36.47 6.98 48.73
C SER E 161 35.45 7.83 48.00
N MET E 162 35.87 8.98 47.45
CA MET E 162 34.95 9.87 46.75
C MET E 162 34.55 9.31 45.39
N TYR E 163 35.41 8.48 44.81
CA TYR E 163 35.12 7.61 43.66
C TYR E 163 34.88 8.37 42.35
N GLY E 164 34.74 9.69 42.42
CA GLY E 164 34.65 10.50 41.22
C GLY E 164 33.28 10.45 40.56
N TYR E 165 33.01 11.48 39.75
CA TYR E 165 31.75 11.63 39.04
C TYR E 165 32.00 12.23 37.66
N ALA E 166 32.93 11.64 36.92
CA ALA E 166 33.34 12.22 35.65
C ALA E 166 32.29 11.97 34.56
N SER E 167 31.82 10.72 34.46
CA SER E 167 30.95 10.33 33.36
C SER E 167 29.53 10.89 33.50
N ARG E 168 29.05 11.07 34.72
CA ARG E 168 27.67 11.44 34.94
C ARG E 168 27.42 12.95 34.86
N ILE E 169 28.45 13.78 34.97
CA ILE E 169 28.29 15.22 35.09
C ILE E 169 29.05 15.92 33.98
N THR E 170 28.40 16.92 33.37
CA THR E 170 29.04 17.72 32.35
C THR E 170 30.03 18.69 32.99
N PRO E 171 31.19 18.94 32.34
CA PRO E 171 32.16 19.87 32.92
C PRO E 171 31.61 21.23 33.32
N GLU E 172 30.71 21.81 32.51
CA GLU E 172 30.10 23.09 32.90
C GLU E 172 29.23 22.92 34.15
N ASP E 173 28.52 21.81 34.25
CA ASP E 173 27.77 21.53 35.47
C ASP E 173 28.69 21.27 36.65
N ARG E 174 29.89 20.72 36.40
CA ARG E 174 30.86 20.54 37.47
C ARG E 174 31.33 21.88 38.01
N TRP E 175 31.57 22.85 37.12
CA TRP E 175 31.93 24.19 37.57
C TRP E 175 30.77 24.87 38.28
N ALA E 176 29.54 24.62 37.84
CA ALA E 176 28.38 25.16 38.54
C ALA E 176 28.24 24.54 39.93
N ILE E 177 28.57 23.26 40.06
CA ILE E 177 28.55 22.62 41.37
C ILE E 177 29.61 23.24 42.27
N ALA E 178 30.80 23.50 41.71
CA ALA E 178 31.85 24.13 42.50
C ALA E 178 31.45 25.54 42.94
N ALA E 179 30.74 26.26 42.08
CA ALA E 179 30.27 27.59 42.45
C ALA E 179 29.20 27.51 43.54
N TYR E 180 28.34 26.49 43.49
CA TYR E 180 27.35 26.31 44.54
C TYR E 180 27.96 25.89 45.86
N ILE E 181 29.06 25.12 45.81
CA ILE E 181 29.77 24.78 47.04
C ILE E 181 30.34 26.03 47.68
N ARG E 182 30.85 26.95 46.87
CA ARG E 182 31.32 28.23 47.40
C ARG E 182 30.17 29.03 48.00
N ALA E 183 28.99 28.98 47.37
CA ALA E 183 27.83 29.68 47.90
C ALA E 183 27.37 29.06 49.21
N LEU E 184 27.44 27.74 49.32
CA LEU E 184 27.09 27.08 50.59
C LEU E 184 28.09 27.45 51.67
N GLN E 185 29.37 27.52 51.33
CA GLN E 185 30.39 27.89 52.32
C GLN E 185 30.18 29.31 52.81
N LEU E 186 29.72 30.20 51.93
CA LEU E 186 29.42 31.57 52.36
C LEU E 186 28.14 31.62 53.19
N SER E 187 27.14 30.83 52.81
CA SER E 187 25.87 30.84 53.53
C SER E 187 26.01 30.36 54.97
N GLN E 188 27.12 29.68 55.30
CA GLN E 188 27.37 29.22 56.65
C GLN E 188 28.41 30.07 57.36
N ASN E 189 28.63 31.30 56.89
CA ASN E 189 29.58 32.21 57.52
C ASN E 189 28.95 33.57 57.77
N ILE F 11 -64.46 2.02 -22.30
CA ILE F 11 -64.33 2.76 -23.56
C ILE F 11 -64.64 4.26 -23.38
N PRO F 12 -65.73 4.62 -22.68
CA PRO F 12 -65.96 6.05 -22.40
C PRO F 12 -64.87 6.66 -21.55
N GLN F 13 -64.33 5.91 -20.59
CA GLN F 13 -63.21 6.42 -19.79
C GLN F 13 -61.98 6.66 -20.65
N LEU F 14 -61.77 5.81 -21.66
CA LEU F 14 -60.66 6.01 -22.58
C LEU F 14 -60.86 7.27 -23.41
N GLY F 15 -62.10 7.57 -23.78
CA GLY F 15 -62.37 8.80 -24.51
C GLY F 15 -62.17 10.05 -23.66
N GLN F 16 -62.53 9.96 -22.37
CA GLN F 16 -62.27 11.07 -21.46
C GLN F 16 -60.77 11.29 -21.28
N VAL F 17 -60.01 10.19 -21.16
CA VAL F 17 -58.56 10.31 -21.07
C VAL F 17 -57.99 10.90 -22.35
N GLN F 18 -58.54 10.52 -23.50
CA GLN F 18 -58.08 11.06 -24.77
C GLN F 18 -58.35 12.57 -24.85
N MET F 19 -59.52 13.01 -24.38
CA MET F 19 -59.83 14.43 -24.40
C MET F 19 -58.92 15.20 -23.43
N LEU F 20 -58.64 14.63 -22.26
CA LEU F 20 -57.74 15.28 -21.32
C LEU F 20 -56.32 15.38 -21.88
N GLY F 21 -55.86 14.31 -22.54
CA GLY F 21 -54.53 14.36 -23.14
C GLY F 21 -54.44 15.36 -24.29
N LEU F 22 -55.52 15.50 -25.06
CA LEU F 22 -55.53 16.49 -26.13
C LEU F 22 -55.51 17.91 -25.56
N ALA F 23 -56.24 18.14 -24.46
CA ALA F 23 -56.25 19.46 -23.85
C ALA F 23 -54.89 19.81 -23.25
N ALA F 24 -54.24 18.83 -22.62
CA ALA F 24 -52.91 19.07 -22.07
C ALA F 24 -51.89 19.28 -23.17
N ALA F 25 -52.06 18.59 -24.30
CA ALA F 25 -51.10 18.74 -25.40
C ALA F 25 -51.24 20.10 -26.08
N VAL F 26 -52.48 20.56 -26.31
CA VAL F 26 -52.67 21.84 -26.99
C VAL F 26 -52.28 23.00 -26.08
N ILE F 27 -52.45 22.85 -24.76
CA ILE F 27 -52.02 23.89 -23.84
C ILE F 27 -50.49 23.96 -23.81
N GLY F 28 -49.83 22.80 -23.73
CA GLY F 28 -48.38 22.80 -23.69
C GLY F 28 -47.76 23.32 -24.98
N ILE F 29 -48.33 22.94 -26.13
CA ILE F 29 -47.81 23.42 -27.41
C ILE F 29 -48.02 24.93 -27.53
N GLY F 30 -49.14 25.43 -27.02
CA GLY F 30 -49.41 26.86 -27.11
C GLY F 30 -48.43 27.70 -26.31
N VAL F 31 -48.21 27.32 -25.06
CA VAL F 31 -47.26 28.07 -24.23
C VAL F 31 -45.83 27.80 -24.69
N LEU F 32 -45.58 26.64 -25.30
CA LEU F 32 -44.26 26.40 -25.89
C LEU F 32 -44.01 27.32 -27.07
N ALA F 33 -45.03 27.54 -27.92
CA ALA F 33 -44.89 28.47 -29.03
C ALA F 33 -44.74 29.90 -28.53
N ALA F 34 -45.40 30.24 -27.42
CA ALA F 34 -45.21 31.57 -26.84
C ALA F 34 -43.79 31.75 -26.34
N GLY F 35 -43.23 30.72 -25.69
CA GLY F 35 -41.85 30.79 -25.27
C GLY F 35 -40.86 30.83 -26.43
N TYR F 36 -41.22 30.21 -27.56
CA TYR F 36 -40.37 30.26 -28.73
C TYR F 36 -40.33 31.68 -29.30
N PHE F 37 -41.48 32.33 -29.39
CA PHE F 37 -41.53 33.69 -29.90
C PHE F 37 -40.78 34.65 -28.98
N LEU F 38 -40.80 34.39 -27.67
CA LEU F 38 -40.04 35.22 -26.74
C LEU F 38 -38.55 34.92 -26.84
N SER F 39 -38.19 33.65 -26.98
CA SER F 39 -36.79 33.25 -27.10
C SER F 39 -36.69 31.97 -27.93
N PRO F 40 -36.04 32.02 -29.10
CA PRO F 40 -35.99 30.82 -29.95
C PRO F 40 -35.10 29.72 -29.41
N THR F 41 -34.04 30.07 -28.67
CA THR F 41 -33.12 29.05 -28.17
C THR F 41 -33.77 28.21 -27.07
N SER F 42 -34.38 28.87 -26.09
CA SER F 42 -34.97 28.15 -24.96
C SER F 42 -36.07 27.20 -25.41
N PHE F 43 -36.68 27.46 -26.57
CA PHE F 43 -37.69 26.55 -27.10
C PHE F 43 -37.08 25.19 -27.42
N PHE F 44 -35.96 25.19 -28.15
CA PHE F 44 -35.30 23.94 -28.49
C PHE F 44 -34.67 23.28 -27.27
N GLU F 45 -34.18 24.08 -26.31
CA GLU F 45 -33.59 23.51 -25.11
C GLU F 45 -34.63 22.75 -24.31
N SER F 46 -35.86 23.28 -24.24
CA SER F 46 -36.93 22.58 -23.54
C SER F 46 -37.52 21.46 -24.38
N TYR F 47 -37.54 21.61 -25.71
CA TYR F 47 -38.09 20.56 -26.56
C TYR F 47 -37.25 19.29 -26.51
N ILE F 48 -35.93 19.42 -26.32
CA ILE F 48 -35.08 18.24 -26.16
C ILE F 48 -35.48 17.47 -24.92
N TYR F 49 -35.64 18.18 -23.80
CA TYR F 49 -36.03 17.53 -22.55
C TYR F 49 -37.44 16.95 -22.65
N GLY F 50 -38.35 17.67 -23.32
CA GLY F 50 -39.70 17.15 -23.49
C GLY F 50 -39.75 15.91 -24.36
N TYR F 51 -38.94 15.88 -25.42
CA TYR F 51 -38.87 14.70 -26.27
C TYR F 51 -38.25 13.52 -25.51
N TYR F 52 -37.27 13.80 -24.67
CA TYR F 52 -36.60 12.72 -23.93
C TYR F 52 -37.52 12.11 -22.88
N VAL F 53 -38.38 12.92 -22.26
CA VAL F 53 -39.26 12.41 -21.21
C VAL F 53 -40.50 11.75 -21.81
N ALA F 54 -40.97 12.24 -22.96
CA ALA F 54 -42.16 11.67 -23.59
C ALA F 54 -41.86 10.37 -24.32
N MET F 55 -40.61 10.12 -24.69
CA MET F 55 -40.22 8.90 -25.39
C MET F 55 -40.27 7.66 -24.51
N THR F 56 -40.44 7.82 -23.20
CA THR F 56 -40.32 6.68 -22.29
C THR F 56 -41.51 5.75 -22.36
N ILE F 57 -42.70 6.28 -22.62
CA ILE F 57 -43.92 5.47 -22.66
C ILE F 57 -43.88 4.51 -23.85
N PRO F 58 -43.64 4.98 -25.09
CA PRO F 58 -43.64 4.01 -26.21
C PRO F 58 -42.49 3.02 -26.15
N LEU F 59 -41.28 3.47 -25.81
CA LEU F 59 -40.15 2.56 -25.76
C LEU F 59 -40.31 1.52 -24.66
N GLY F 60 -40.72 1.97 -23.47
CA GLY F 60 -40.97 1.02 -22.39
C GLY F 60 -42.11 0.07 -22.69
N CYS F 61 -43.13 0.54 -23.41
CA CYS F 61 -44.23 -0.34 -23.79
C CYS F 61 -43.77 -1.41 -24.76
N LEU F 62 -42.94 -1.03 -25.74
CA LEU F 62 -42.42 -2.01 -26.69
C LEU F 62 -41.52 -3.03 -26.00
N GLY F 63 -40.66 -2.57 -25.09
CA GLY F 63 -39.77 -3.49 -24.39
C GLY F 63 -40.51 -4.46 -23.50
N PHE F 64 -41.50 -3.96 -22.74
CA PHE F 64 -42.27 -4.85 -21.88
C PHE F 64 -43.15 -5.80 -22.67
N LEU F 65 -43.63 -5.35 -23.84
CA LEU F 65 -44.40 -6.23 -24.72
C LEU F 65 -43.54 -7.41 -25.18
N MET F 66 -42.31 -7.14 -25.58
CA MET F 66 -41.42 -8.19 -26.05
C MET F 66 -40.91 -9.05 -24.90
N VAL F 67 -40.78 -8.47 -23.70
CA VAL F 67 -40.34 -9.24 -22.55
C VAL F 67 -41.43 -10.20 -22.11
N GLN F 68 -42.67 -9.73 -22.03
CA GLN F 68 -43.77 -10.61 -21.63
C GLN F 68 -44.08 -11.66 -22.69
N HIS F 69 -43.72 -11.41 -23.96
CA HIS F 69 -43.85 -12.44 -24.97
C HIS F 69 -42.81 -13.54 -24.76
N LEU F 70 -41.60 -13.17 -24.35
CA LEU F 70 -40.57 -14.16 -24.06
C LEU F 70 -40.92 -14.97 -22.82
N THR F 71 -41.33 -14.29 -21.75
CA THR F 71 -41.74 -14.95 -20.51
C THR F 71 -43.21 -14.64 -20.30
N GLY F 72 -44.07 -15.59 -20.68
CA GLY F 72 -45.50 -15.38 -20.55
C GLY F 72 -45.96 -15.43 -19.11
N GLY F 73 -46.84 -14.50 -18.76
CA GLY F 73 -47.38 -14.43 -17.41
C GLY F 73 -48.77 -13.84 -17.43
N ALA F 74 -49.39 -13.81 -16.25
CA ALA F 74 -50.73 -13.25 -16.15
C ALA F 74 -50.72 -11.74 -16.36
N TRP F 75 -49.73 -11.05 -15.81
CA TRP F 75 -49.63 -9.61 -16.00
C TRP F 75 -49.35 -9.26 -17.46
N GLY F 76 -48.71 -10.14 -18.20
CA GLY F 76 -48.43 -9.87 -19.61
C GLY F 76 -49.68 -9.94 -20.47
N VAL F 77 -50.51 -10.97 -20.24
CA VAL F 77 -51.75 -11.09 -21.00
C VAL F 77 -52.74 -10.00 -20.60
N THR F 78 -52.63 -9.49 -19.37
CA THR F 78 -53.57 -8.48 -18.90
C THR F 78 -53.39 -7.16 -19.65
N VAL F 79 -52.15 -6.77 -19.92
CA VAL F 79 -51.86 -5.49 -20.56
C VAL F 79 -51.17 -5.67 -21.92
N ARG F 80 -51.36 -6.83 -22.56
CA ARG F 80 -50.72 -7.07 -23.85
C ARG F 80 -51.23 -6.10 -24.91
N ARG F 81 -52.55 -5.96 -25.03
CA ARG F 81 -53.11 -5.04 -26.01
C ARG F 81 -52.77 -3.60 -25.68
N MET F 82 -52.67 -3.25 -24.41
CA MET F 82 -52.28 -1.91 -24.02
C MET F 82 -50.82 -1.64 -24.36
N LEU F 83 -49.97 -2.65 -24.23
CA LEU F 83 -48.56 -2.49 -24.60
C LEU F 83 -48.41 -2.35 -26.10
N GLU F 84 -49.22 -3.08 -26.88
CA GLU F 84 -49.17 -2.95 -28.33
C GLU F 84 -49.66 -1.58 -28.77
N ALA F 85 -50.70 -1.05 -28.12
CA ALA F 85 -51.20 0.27 -28.47
C ALA F 85 -50.18 1.36 -28.12
N GLY F 86 -49.48 1.21 -27.00
CA GLY F 86 -48.47 2.19 -26.63
C GLY F 86 -47.25 2.12 -27.54
N ALA F 87 -46.89 0.92 -27.98
CA ALA F 87 -45.73 0.76 -28.86
C ALA F 87 -46.02 1.16 -30.30
N ALA F 88 -47.30 1.18 -30.70
CA ALA F 88 -47.65 1.54 -32.06
C ALA F 88 -47.53 3.05 -32.32
N THR F 89 -47.25 3.85 -31.30
CA THR F 89 -47.08 5.28 -31.45
C THR F 89 -45.65 5.67 -31.82
N LEU F 90 -44.75 4.70 -31.96
CA LEU F 90 -43.36 5.02 -32.24
C LEU F 90 -43.14 5.74 -33.57
N PRO F 91 -43.80 5.36 -34.68
CA PRO F 91 -43.55 6.10 -35.93
C PRO F 91 -43.87 7.58 -35.85
N ILE F 92 -44.94 7.96 -35.12
CA ILE F 92 -45.25 9.37 -34.95
C ILE F 92 -44.16 10.08 -34.16
N MET F 93 -43.54 9.37 -33.21
CA MET F 93 -42.43 9.96 -32.45
C MET F 93 -41.24 10.26 -33.34
N GLY F 94 -41.01 9.44 -34.37
CA GLY F 94 -39.90 9.69 -35.27
C GLY F 94 -40.06 11.00 -36.03
N LEU F 95 -41.28 11.30 -36.48
CA LEU F 95 -41.54 12.59 -37.10
C LEU F 95 -41.32 13.73 -36.11
N LEU F 96 -41.62 13.50 -34.82
CA LEU F 96 -41.40 14.51 -33.80
C LEU F 96 -39.94 14.80 -33.56
N PHE F 97 -39.04 13.92 -34.02
CA PHE F 97 -37.61 14.16 -33.92
C PHE F 97 -37.09 15.14 -34.98
N ILE F 98 -37.90 15.42 -36.01
CA ILE F 98 -37.47 16.30 -37.09
C ILE F 98 -37.03 17.67 -36.57
N PRO F 99 -37.75 18.31 -35.64
CA PRO F 99 -37.26 19.61 -35.11
C PRO F 99 -35.86 19.52 -34.50
N ILE F 100 -35.57 18.47 -33.75
CA ILE F 100 -34.26 18.34 -33.12
C ILE F 100 -33.18 18.20 -34.19
N ALA F 101 -33.45 17.41 -35.23
CA ALA F 101 -32.50 17.24 -36.31
C ALA F 101 -32.27 18.54 -37.06
N LEU F 102 -33.33 19.33 -37.24
CA LEU F 102 -33.18 20.65 -37.86
C LEU F 102 -32.27 21.56 -37.04
N GLY F 103 -32.20 21.32 -35.72
CA GLY F 103 -31.37 22.16 -34.88
C GLY F 103 -29.88 21.97 -35.13
N TYR F 104 -29.44 20.73 -35.22
CA TYR F 104 -28.02 20.44 -35.38
C TYR F 104 -27.58 20.33 -36.84
N PHE F 105 -28.46 20.66 -37.77
CA PHE F 105 -28.09 20.72 -39.18
C PHE F 105 -27.79 22.17 -39.56
N ASP F 106 -27.57 22.40 -40.85
CA ASP F 106 -27.30 23.75 -41.34
C ASP F 106 -28.52 24.66 -41.26
N THR F 107 -29.67 24.16 -40.80
CA THR F 107 -30.86 24.99 -40.65
C THR F 107 -30.67 26.07 -39.58
N TYR F 108 -29.66 25.92 -38.73
CA TYR F 108 -29.33 26.98 -37.78
C TYR F 108 -28.89 28.23 -38.54
N LYS F 109 -28.82 29.34 -37.79
CA LYS F 109 -28.72 30.72 -38.31
C LYS F 109 -30.09 31.15 -38.83
N ALA F 110 -30.94 30.18 -39.14
CA ALA F 110 -32.38 30.39 -39.29
C ALA F 110 -33.08 29.81 -38.08
N LEU F 111 -34.39 30.02 -38.00
CA LEU F 111 -35.24 29.61 -36.89
C LEU F 111 -34.87 30.29 -35.57
N GLY F 112 -33.94 31.24 -35.59
CA GLY F 112 -33.57 31.99 -34.41
C GLY F 112 -32.38 31.46 -33.63
N LEU F 113 -31.73 30.40 -34.11
CA LEU F 113 -30.61 29.78 -33.39
C LEU F 113 -29.32 30.50 -33.77
N GLU F 114 -28.76 31.25 -32.83
CA GLU F 114 -27.48 31.91 -33.05
C GLU F 114 -26.36 30.89 -33.18
N HIS F 115 -26.23 30.01 -32.20
CA HIS F 115 -25.26 28.93 -32.22
C HIS F 115 -25.98 27.59 -32.33
N PRO F 116 -25.34 26.59 -32.93
CA PRO F 116 -26.01 25.29 -33.13
C PRO F 116 -26.49 24.69 -31.82
N LEU F 117 -27.48 23.81 -31.94
CA LEU F 117 -28.13 23.22 -30.77
C LEU F 117 -27.18 22.29 -30.01
N TYR F 118 -26.27 21.64 -30.71
CA TYR F 118 -25.30 20.73 -30.09
C TYR F 118 -23.89 21.25 -30.29
N GLU F 119 -23.02 20.94 -29.33
CA GLU F 119 -21.63 21.42 -29.39
C GLU F 119 -20.87 20.78 -30.54
N TRP F 120 -21.13 19.50 -30.81
CA TRP F 120 -20.42 18.78 -31.86
C TRP F 120 -20.90 19.15 -33.26
N ALA F 121 -21.90 20.02 -33.38
CA ALA F 121 -22.40 20.47 -34.68
C ALA F 121 -21.95 21.90 -34.99
N ASN F 122 -21.21 22.54 -34.10
CA ASN F 122 -20.72 23.90 -34.33
C ASN F 122 -19.43 23.85 -35.11
N PRO F 123 -19.35 24.47 -36.30
CA PRO F 123 -18.09 24.41 -37.08
C PRO F 123 -16.92 25.09 -36.38
N GLU F 124 -17.18 25.97 -35.41
CA GLU F 124 -16.10 26.64 -34.70
C GLU F 124 -15.39 25.75 -33.69
N VAL F 125 -15.89 24.55 -33.44
CA VAL F 125 -15.40 23.68 -32.38
C VAL F 125 -14.73 22.43 -32.96
N VAL F 126 -15.43 21.72 -33.85
CA VAL F 126 -14.93 20.44 -34.35
C VAL F 126 -13.85 20.57 -35.41
N THR F 127 -13.65 21.78 -35.96
CA THR F 127 -12.65 21.93 -37.02
C THR F 127 -11.35 22.44 -36.43
N PRO F 128 -10.22 21.78 -36.72
CA PRO F 128 -8.93 22.28 -36.22
C PRO F 128 -8.61 23.64 -36.83
N GLY F 129 -8.03 24.51 -36.01
CA GLY F 129 -7.82 25.88 -36.40
C GLY F 129 -9.00 26.81 -36.18
N GLY F 130 -10.10 26.30 -35.63
CA GLY F 130 -11.23 27.14 -35.32
C GLY F 130 -11.03 27.98 -34.08
N ALA F 131 -11.93 28.95 -33.89
CA ALA F 131 -11.80 29.86 -32.76
C ALA F 131 -12.10 29.16 -31.43
N GLU F 132 -12.98 28.16 -31.44
CA GLU F 132 -13.38 27.45 -30.23
C GLU F 132 -13.03 25.98 -30.33
N PHE F 133 -11.85 25.68 -30.87
CA PHE F 133 -11.44 24.30 -31.09
C PHE F 133 -11.27 23.56 -29.77
N ASP F 134 -11.97 22.44 -29.62
CA ASP F 134 -11.82 21.57 -28.46
C ASP F 134 -11.39 20.19 -28.94
N PRO F 135 -10.17 19.76 -28.64
CA PRO F 135 -9.69 18.48 -29.19
C PRO F 135 -10.49 17.27 -28.76
N ILE F 136 -11.07 17.30 -27.56
CA ILE F 136 -11.86 16.15 -27.10
C ILE F 136 -13.16 16.04 -27.88
N ILE F 137 -13.82 17.16 -28.13
CA ILE F 137 -15.06 17.14 -28.92
C ILE F 137 -14.76 16.82 -30.38
N ALA F 138 -13.68 17.39 -30.91
CA ALA F 138 -13.34 17.19 -32.33
C ALA F 138 -12.80 15.79 -32.60
N HIS F 139 -12.32 15.08 -31.58
CA HIS F 139 -11.86 13.71 -31.78
C HIS F 139 -12.98 12.80 -32.26
N LYS F 140 -14.24 13.18 -32.01
CA LYS F 140 -15.41 12.41 -32.40
C LYS F 140 -16.12 13.00 -33.61
N VAL F 141 -15.37 13.64 -34.51
CA VAL F 141 -15.97 14.38 -35.61
C VAL F 141 -16.62 13.47 -36.67
N PRO F 142 -16.14 12.22 -36.94
CA PRO F 142 -16.89 11.40 -37.89
C PRO F 142 -18.09 10.72 -37.26
N TRP F 143 -17.93 10.29 -36.00
CA TRP F 143 -19.02 9.61 -35.31
C TRP F 143 -20.12 10.59 -34.91
N LEU F 144 -19.75 11.68 -34.23
CA LEU F 144 -20.71 12.70 -33.82
C LEU F 144 -20.81 13.75 -34.92
N SER F 145 -21.52 13.37 -35.99
CA SER F 145 -21.80 14.26 -37.11
C SER F 145 -23.30 14.32 -37.34
N PRO F 146 -23.82 15.45 -37.82
CA PRO F 146 -25.27 15.55 -38.06
C PRO F 146 -25.79 14.50 -39.02
N LEU F 147 -25.00 14.15 -40.05
CA LEU F 147 -25.42 13.10 -40.98
C LEU F 147 -25.39 11.73 -40.32
N TRP F 148 -24.34 11.44 -39.54
CA TRP F 148 -24.22 10.15 -38.89
C TRP F 148 -25.27 9.99 -37.79
N VAL F 149 -25.51 11.05 -37.01
CA VAL F 149 -26.50 10.97 -35.94
C VAL F 149 -27.90 10.79 -36.51
N THR F 150 -28.23 11.53 -37.57
CA THR F 150 -29.55 11.38 -38.18
C THR F 150 -29.73 10.00 -38.79
N ALA F 151 -28.66 9.44 -39.37
CA ALA F 151 -28.74 8.10 -39.94
C ALA F 151 -28.95 7.05 -38.86
N ARG F 152 -28.23 7.17 -37.75
CA ARG F 152 -28.41 6.23 -36.64
C ARG F 152 -29.81 6.34 -36.05
N ILE F 153 -30.32 7.56 -35.90
CA ILE F 153 -31.66 7.76 -35.36
C ILE F 153 -32.71 7.18 -36.30
N ALA F 154 -32.54 7.40 -37.60
CA ALA F 154 -33.51 6.88 -38.57
C ALA F 154 -33.48 5.35 -38.61
N ILE F 155 -32.29 4.76 -38.52
CA ILE F 155 -32.18 3.31 -38.51
C ILE F 155 -32.84 2.73 -37.27
N PHE F 156 -32.65 3.37 -36.12
CA PHE F 156 -33.29 2.90 -34.90
C PHE F 156 -34.81 3.01 -35.00
N PHE F 157 -35.31 4.06 -35.65
CA PHE F 157 -36.75 4.24 -35.78
C PHE F 157 -37.35 3.22 -36.75
N ILE F 158 -36.62 2.88 -37.81
CA ILE F 158 -37.08 1.85 -38.73
C ILE F 158 -37.16 0.51 -38.02
N ILE F 159 -36.18 0.21 -37.17
CA ILE F 159 -36.18 -1.04 -36.43
C ILE F 159 -37.34 -1.08 -35.44
N TRP F 160 -37.54 0.03 -34.71
CA TRP F 160 -38.59 0.06 -33.69
C TRP F 160 -39.98 -0.02 -34.32
N SER F 161 -40.21 0.74 -35.39
CA SER F 161 -41.51 0.73 -36.04
C SER F 161 -41.80 -0.61 -36.69
N ALA F 162 -40.79 -1.23 -37.30
CA ALA F 162 -40.99 -2.54 -37.91
C ALA F 162 -41.34 -3.60 -36.87
N LEU F 163 -40.65 -3.56 -35.72
CA LEU F 163 -40.91 -4.55 -34.67
C LEU F 163 -42.30 -4.35 -34.07
N ALA F 164 -42.67 -3.10 -33.79
CA ALA F 164 -43.95 -2.83 -33.13
C ALA F 164 -45.12 -3.14 -34.06
N LEU F 165 -45.04 -2.70 -35.31
CA LEU F 165 -46.14 -2.90 -36.24
C LEU F 165 -46.30 -4.37 -36.60
N THR F 166 -45.19 -5.10 -36.73
CA THR F 166 -45.28 -6.53 -37.04
C THR F 166 -45.88 -7.31 -35.88
N LEU F 167 -45.47 -6.99 -34.64
CA LEU F 167 -46.05 -7.67 -33.49
C LEU F 167 -47.52 -7.36 -33.33
N ARG F 168 -47.91 -6.10 -33.55
CA ARG F 168 -49.33 -5.75 -33.44
C ARG F 168 -50.14 -6.42 -34.55
N ALA F 169 -49.59 -6.47 -35.77
CA ALA F 169 -50.30 -7.12 -36.87
C ALA F 169 -50.48 -8.61 -36.60
N TRP F 170 -49.45 -9.26 -36.04
CA TRP F 170 -49.58 -10.67 -35.69
C TRP F 170 -50.57 -10.87 -34.55
N SER F 171 -50.64 -9.92 -33.62
CA SER F 171 -51.62 -10.03 -32.53
C SER F 171 -53.03 -9.86 -33.03
N ARG F 172 -53.24 -8.96 -34.01
CA ARG F 172 -54.56 -8.82 -34.62
C ARG F 172 -54.94 -10.09 -35.37
N GLN F 173 -54.01 -10.67 -36.12
CA GLN F 173 -54.27 -11.91 -36.85
C GLN F 173 -54.53 -13.08 -35.91
N GLN F 174 -54.04 -13.01 -34.66
CA GLN F 174 -54.30 -14.07 -33.70
C GLN F 174 -55.78 -14.16 -33.37
N ASP F 175 -56.51 -13.06 -33.51
CA ASP F 175 -57.95 -13.04 -33.26
C ASP F 175 -58.75 -13.66 -34.42
N ALA F 176 -58.09 -14.14 -35.47
CA ALA F 176 -58.75 -14.74 -36.61
C ALA F 176 -58.68 -16.26 -36.57
N GLY F 177 -57.48 -16.82 -36.53
CA GLY F 177 -57.33 -18.26 -36.48
C GLY F 177 -55.87 -18.64 -36.38
N GLY F 178 -55.65 -19.89 -35.95
CA GLY F 178 -54.31 -20.42 -35.81
C GLY F 178 -53.50 -19.76 -34.72
N ASP F 179 -54.04 -19.74 -33.50
CA ASP F 179 -53.38 -19.06 -32.39
C ASP F 179 -52.41 -19.95 -31.63
N ALA F 180 -52.61 -21.28 -31.66
CA ALA F 180 -51.76 -22.19 -30.90
C ALA F 180 -50.52 -22.59 -31.67
N LYS F 181 -50.68 -23.09 -32.90
CA LYS F 181 -49.55 -23.53 -33.69
C LYS F 181 -48.63 -22.36 -34.04
N LYS F 182 -49.20 -21.29 -34.58
CA LYS F 182 -48.45 -20.10 -34.96
C LYS F 182 -49.00 -18.89 -34.20
N LEU F 183 -48.52 -17.70 -34.56
CA LEU F 183 -48.94 -16.43 -34.00
C LEU F 183 -48.71 -16.34 -32.49
N ALA F 184 -48.04 -17.33 -31.90
CA ALA F 184 -47.62 -17.31 -30.50
C ALA F 184 -46.15 -17.69 -30.34
N THR F 185 -45.64 -18.58 -31.19
CA THR F 185 -44.22 -18.91 -31.21
C THR F 185 -43.45 -17.95 -32.10
N ARG F 186 -44.06 -17.52 -33.21
CA ARG F 186 -43.42 -16.54 -34.08
C ARG F 186 -43.17 -15.23 -33.35
N MET F 187 -44.17 -14.77 -32.59
CA MET F 187 -43.99 -13.54 -31.82
C MET F 187 -42.97 -13.73 -30.71
N ARG F 188 -42.84 -14.95 -30.20
CA ARG F 188 -41.85 -15.23 -29.16
C ARG F 188 -40.43 -15.15 -29.71
N ARG F 189 -40.20 -15.74 -30.88
CA ARG F 189 -38.88 -15.69 -31.48
C ARG F 189 -38.53 -14.29 -31.95
N LEU F 190 -39.50 -13.55 -32.48
CA LEU F 190 -39.25 -12.17 -32.87
C LEU F 190 -38.91 -11.31 -31.66
N SER F 191 -39.58 -11.56 -30.52
CA SER F 191 -39.24 -10.84 -29.30
C SER F 191 -37.87 -11.25 -28.77
N GLY F 192 -37.47 -12.50 -29.00
CA GLY F 192 -36.17 -12.95 -28.53
C GLY F 192 -35.03 -12.18 -29.17
N ILE F 193 -35.05 -12.09 -30.51
CA ILE F 193 -34.02 -11.32 -31.21
C ILE F 193 -34.26 -9.82 -31.02
N GLY F 194 -35.52 -9.42 -30.84
CA GLY F 194 -35.82 -8.02 -30.67
C GLY F 194 -35.29 -7.44 -29.36
N VAL F 195 -35.22 -8.27 -28.31
CA VAL F 195 -34.73 -7.79 -27.03
C VAL F 195 -33.29 -7.29 -27.15
N ALA F 196 -32.44 -8.09 -27.78
CA ALA F 196 -31.06 -7.66 -28.01
C ALA F 196 -31.01 -6.45 -28.93
N LEU F 197 -31.85 -6.45 -29.98
CA LEU F 197 -31.93 -5.30 -30.87
C LEU F 197 -32.41 -4.05 -30.12
N PHE F 198 -33.43 -4.21 -29.27
CA PHE F 198 -33.99 -3.06 -28.56
C PHE F 198 -33.01 -2.52 -27.53
N VAL F 199 -32.23 -3.38 -26.90
CA VAL F 199 -31.25 -2.94 -25.91
C VAL F 199 -30.16 -2.11 -26.58
N ILE F 200 -29.62 -2.60 -27.70
CA ILE F 200 -28.55 -1.89 -28.38
C ILE F 200 -29.04 -0.56 -28.93
N THR F 201 -30.22 -0.56 -29.56
CA THR F 201 -30.72 0.66 -30.20
C THR F 201 -31.05 1.74 -29.18
N VAL F 202 -31.69 1.35 -28.06
CA VAL F 202 -32.07 2.35 -27.06
C VAL F 202 -30.84 2.89 -26.36
N THR F 203 -29.84 2.04 -26.11
CA THR F 203 -28.61 2.49 -25.47
C THR F 203 -27.91 3.55 -26.32
N PHE F 204 -27.80 3.30 -27.62
CA PHE F 204 -27.15 4.27 -28.51
C PHE F 204 -28.06 5.47 -28.76
N PHE F 205 -29.38 5.29 -28.69
CA PHE F 205 -30.28 6.43 -28.76
C PHE F 205 -30.09 7.35 -27.57
N SER F 206 -29.96 6.77 -26.38
CA SER F 206 -29.70 7.57 -25.19
C SER F 206 -28.31 8.22 -25.25
N PHE F 207 -27.34 7.55 -25.87
CA PHE F 207 -26.02 8.15 -26.03
C PHE F 207 -26.07 9.35 -26.98
N ASP F 208 -26.86 9.25 -28.04
CA ASP F 208 -26.85 10.28 -29.08
C ASP F 208 -27.64 11.51 -28.67
N VAL F 209 -28.82 11.32 -28.08
CA VAL F 209 -29.72 12.43 -27.84
C VAL F 209 -29.33 13.20 -26.58
N ALA F 210 -29.09 12.49 -25.48
CA ALA F 210 -28.89 13.13 -24.18
C ALA F 210 -27.44 13.19 -23.75
N MET F 211 -26.69 12.09 -23.88
CA MET F 211 -25.32 12.08 -23.39
C MET F 211 -24.41 12.96 -24.23
N SER F 212 -24.73 13.14 -25.51
CA SER F 212 -23.91 13.97 -26.39
C SER F 212 -24.06 15.46 -26.11
N LEU F 213 -24.87 15.86 -25.13
CA LEU F 213 -24.99 17.26 -24.78
C LEU F 213 -23.70 17.80 -24.19
N ASP F 214 -22.95 16.96 -23.46
CA ASP F 214 -21.65 17.30 -22.91
C ASP F 214 -20.64 16.30 -23.46
N PRO F 215 -20.00 16.58 -24.59
CA PRO F 215 -19.05 15.62 -25.18
C PRO F 215 -17.81 15.37 -24.34
N HIS F 216 -17.62 16.09 -23.23
CA HIS F 216 -16.48 15.88 -22.36
C HIS F 216 -16.68 14.74 -21.37
N TRP F 217 -17.91 14.22 -21.25
CA TRP F 217 -18.24 13.23 -20.23
C TRP F 217 -18.95 12.06 -20.86
N PHE F 218 -18.72 10.86 -20.32
CA PHE F 218 -19.37 9.66 -20.80
C PHE F 218 -19.51 8.69 -19.62
N SER F 219 -20.54 7.85 -19.68
CA SER F 219 -20.78 6.84 -18.67
C SER F 219 -21.28 5.58 -19.35
N THR F 220 -20.66 4.44 -19.01
CA THR F 220 -21.03 3.19 -19.65
C THR F 220 -22.37 2.67 -19.12
N ILE F 221 -22.64 2.86 -17.83
CA ILE F 221 -23.92 2.44 -17.27
C ILE F 221 -25.06 3.26 -17.83
N TYR F 222 -24.79 4.44 -18.38
CA TYR F 222 -25.84 5.29 -18.89
C TYR F 222 -26.48 4.65 -20.12
N GLY F 223 -27.79 4.84 -20.27
CA GLY F 223 -28.53 4.13 -21.28
C GLY F 223 -29.29 2.98 -20.67
N ALA F 224 -28.59 2.11 -19.94
CA ALA F 224 -29.27 1.11 -19.13
C ALA F 224 -30.06 1.78 -18.01
N HIS F 225 -29.52 2.86 -17.45
CA HIS F 225 -30.30 3.69 -16.53
C HIS F 225 -31.53 4.25 -17.22
N TYR F 226 -31.43 4.58 -18.51
CA TYR F 226 -32.57 5.09 -19.25
C TYR F 226 -33.62 4.01 -19.47
N MET F 227 -33.18 2.77 -19.69
CA MET F 227 -34.14 1.69 -19.89
C MET F 227 -34.91 1.39 -18.60
N ALA F 228 -34.21 1.34 -17.46
CA ALA F 228 -34.89 1.14 -16.19
C ALA F 228 -35.80 2.33 -15.86
N ASN F 229 -35.37 3.54 -16.24
CA ASN F 229 -36.22 4.71 -16.02
C ASN F 229 -37.46 4.66 -16.89
N ALA F 230 -37.31 4.30 -18.15
CA ALA F 230 -38.47 4.18 -19.03
C ALA F 230 -39.38 3.03 -18.62
N GLY F 231 -38.80 1.96 -18.06
CA GLY F 231 -39.60 0.85 -17.59
C GLY F 231 -40.46 1.20 -16.39
N LEU F 232 -39.89 2.00 -15.47
CA LEU F 232 -40.67 2.44 -14.31
C LEU F 232 -41.76 3.41 -14.72
N MET F 233 -41.49 4.26 -15.72
CA MET F 233 -42.49 5.22 -16.17
C MET F 233 -43.66 4.53 -16.85
N THR F 234 -43.38 3.58 -17.74
CA THR F 234 -44.45 2.87 -18.44
C THR F 234 -45.20 1.90 -17.52
N LEU F 235 -44.57 1.43 -16.44
CA LEU F 235 -45.28 0.58 -15.50
C LEU F 235 -46.28 1.40 -14.67
N ALA F 236 -45.85 2.58 -14.20
CA ALA F 236 -46.78 3.46 -13.50
C ALA F 236 -47.87 3.98 -14.43
N PHE F 237 -47.54 4.20 -15.71
CA PHE F 237 -48.55 4.59 -16.68
C PHE F 237 -49.56 3.48 -16.91
N LEU F 238 -49.09 2.23 -16.95
CA LEU F 238 -50.00 1.10 -17.12
C LEU F 238 -50.90 0.93 -15.92
N ALA F 239 -50.37 1.16 -14.71
CA ALA F 239 -51.19 1.06 -13.52
C ALA F 239 -52.25 2.14 -13.48
N LEU F 240 -51.91 3.35 -13.93
CA LEU F 240 -52.90 4.43 -13.99
C LEU F 240 -54.01 4.11 -14.98
N MET F 241 -53.63 3.66 -16.18
CA MET F 241 -54.63 3.39 -17.21
C MET F 241 -55.44 2.14 -16.88
N MET F 242 -54.87 1.21 -16.10
CA MET F 242 -55.65 0.07 -15.64
C MET F 242 -56.71 0.50 -14.65
N SER F 243 -56.37 1.44 -13.76
CA SER F 243 -57.35 1.96 -12.82
C SER F 243 -58.42 2.79 -13.52
N ARG F 244 -58.11 3.33 -14.69
CA ARG F 244 -59.08 4.12 -15.44
C ARG F 244 -60.12 3.24 -16.14
N VAL F 245 -59.68 2.11 -16.68
CA VAL F 245 -60.56 1.28 -17.51
C VAL F 245 -60.85 -0.04 -16.80
N ARG F 246 -60.92 0.02 -15.46
CA ARG F 246 -61.13 -1.19 -14.67
C ARG F 246 -62.52 -1.80 -14.85
N ASP F 247 -63.44 -1.11 -15.54
CA ASP F 247 -64.81 -1.58 -15.70
C ASP F 247 -65.23 -1.47 -17.16
N ALA F 248 -64.49 -2.15 -18.04
CA ALA F 248 -64.75 -2.13 -19.47
C ALA F 248 -65.47 -3.36 -19.97
N ALA F 249 -66.07 -4.14 -19.06
CA ALA F 249 -66.78 -5.39 -19.34
C ALA F 249 -65.86 -6.48 -19.88
N LEU F 250 -64.60 -6.19 -20.15
CA LEU F 250 -63.60 -7.19 -20.51
C LEU F 250 -62.68 -7.53 -19.33
N PHE F 251 -62.25 -6.52 -18.58
CA PHE F 251 -61.50 -6.77 -17.36
C PHE F 251 -62.38 -7.46 -16.32
N ARG F 252 -63.65 -7.06 -16.24
CA ARG F 252 -64.53 -7.55 -15.17
C ARG F 252 -64.70 -9.06 -15.21
N GLU F 253 -64.58 -9.66 -16.40
CA GLU F 253 -64.85 -11.08 -16.57
C GLU F 253 -63.58 -11.93 -16.69
N TYR F 254 -62.40 -11.31 -16.84
CA TYR F 254 -61.18 -12.05 -17.09
C TYR F 254 -59.99 -11.59 -16.26
N VAL F 255 -60.12 -10.54 -15.45
CA VAL F 255 -59.01 -9.98 -14.69
C VAL F 255 -59.35 -10.03 -13.21
N SER F 256 -58.44 -10.59 -12.41
CA SER F 256 -58.58 -10.67 -10.98
C SER F 256 -57.55 -9.77 -10.30
N VAL F 257 -57.31 -10.01 -9.01
CA VAL F 257 -56.33 -9.20 -8.26
C VAL F 257 -54.91 -9.69 -8.45
N LYS F 258 -54.71 -10.88 -9.02
CA LYS F 258 -53.35 -11.38 -9.21
C LYS F 258 -52.57 -10.53 -10.21
N PRO F 259 -53.10 -10.16 -11.38
CA PRO F 259 -52.31 -9.29 -12.27
C PRO F 259 -51.99 -7.94 -11.66
N ILE F 260 -52.91 -7.37 -10.88
CA ILE F 260 -52.64 -6.08 -10.24
C ILE F 260 -51.53 -6.24 -9.20
N HIS F 261 -51.53 -7.36 -8.47
CA HIS F 261 -50.47 -7.59 -7.49
C HIS F 261 -49.12 -7.80 -8.18
N ASP F 262 -49.11 -8.50 -9.31
CA ASP F 262 -47.85 -8.74 -10.03
C ASP F 262 -47.29 -7.45 -10.60
N ILE F 263 -48.14 -6.58 -11.12
CA ILE F 263 -47.67 -5.31 -11.68
C ILE F 263 -47.19 -4.40 -10.56
N GLY F 264 -47.86 -4.42 -9.42
CA GLY F 264 -47.36 -3.67 -8.27
C GLY F 264 -46.00 -4.15 -7.81
N LYS F 265 -45.79 -5.48 -7.84
CA LYS F 265 -44.47 -6.02 -7.50
C LYS F 265 -43.43 -5.62 -8.54
N LEU F 266 -43.84 -5.55 -9.81
CA LEU F 266 -42.91 -5.14 -10.86
C LEU F 266 -42.54 -3.68 -10.70
N ILE F 267 -43.49 -2.83 -10.32
CA ILE F 267 -43.19 -1.43 -10.06
C ILE F 267 -42.22 -1.29 -8.90
N PHE F 268 -42.42 -2.08 -7.85
CA PHE F 268 -41.50 -2.05 -6.72
C PHE F 268 -40.11 -2.51 -7.13
N ALA F 269 -40.02 -3.55 -7.96
CA ALA F 269 -38.72 -4.08 -8.36
C ALA F 269 -37.99 -3.11 -9.29
N PHE F 270 -38.73 -2.41 -10.16
CA PHE F 270 -38.10 -1.46 -11.06
C PHE F 270 -37.70 -0.17 -10.34
N THR F 271 -38.38 0.16 -9.24
CA THR F 271 -38.00 1.33 -8.45
C THR F 271 -36.67 1.09 -7.75
N VAL F 272 -36.51 -0.08 -7.11
CA VAL F 272 -35.24 -0.38 -6.45
C VAL F 272 -34.16 -0.66 -7.48
N LEU F 273 -34.53 -1.09 -8.69
CA LEU F 273 -33.55 -1.28 -9.75
C LEU F 273 -33.00 0.05 -10.23
N TRP F 274 -33.88 1.03 -10.45
CA TRP F 274 -33.43 2.36 -10.86
C TRP F 274 -32.55 3.00 -9.79
N THR F 275 -32.94 2.86 -8.52
CA THR F 275 -32.12 3.41 -7.44
C THR F 275 -30.77 2.71 -7.38
N TYR F 276 -30.74 1.41 -7.67
CA TYR F 276 -29.49 0.66 -7.64
C TYR F 276 -28.55 1.09 -8.76
N MET F 277 -29.09 1.33 -9.96
CA MET F 277 -28.25 1.82 -11.06
C MET F 277 -27.72 3.22 -10.77
N SER F 278 -28.58 4.11 -10.29
CA SER F 278 -28.16 5.49 -10.04
C SER F 278 -27.13 5.57 -8.93
N TYR F 279 -27.32 4.80 -7.85
CA TYR F 279 -26.33 4.79 -6.78
C TYR F 279 -25.02 4.17 -7.25
N GLY F 280 -25.10 3.13 -8.10
CA GLY F 280 -23.90 2.52 -8.62
C GLY F 280 -23.06 3.48 -9.44
N GLN F 281 -23.70 4.24 -10.33
CA GLN F 281 -22.99 5.24 -11.10
C GLN F 281 -22.41 6.33 -10.18
N LEU F 282 -23.16 6.71 -9.16
CA LEU F 282 -22.71 7.77 -8.26
C LEU F 282 -21.48 7.35 -7.47
N VAL F 283 -21.52 6.17 -6.86
CA VAL F 283 -20.41 5.73 -6.02
C VAL F 283 -19.18 5.43 -6.85
N ILE F 284 -19.35 4.98 -8.09
CA ILE F 284 -18.20 4.72 -8.95
C ILE F 284 -17.49 6.01 -9.31
N ILE F 285 -18.25 7.05 -9.65
CA ILE F 285 -17.65 8.33 -9.99
C ILE F 285 -17.18 9.06 -8.73
N TRP F 286 -17.87 8.87 -7.61
CA TRP F 286 -17.55 9.61 -6.40
C TRP F 286 -16.25 9.13 -5.76
N SER F 287 -16.13 7.82 -5.55
CA SER F 287 -14.94 7.29 -4.87
C SER F 287 -13.70 7.41 -5.73
N GLY F 288 -13.82 7.12 -7.04
CA GLY F 288 -12.73 7.36 -7.96
C GLY F 288 -12.77 8.78 -8.49
N ASP F 289 -12.06 9.69 -7.83
CA ASP F 289 -12.18 11.12 -8.09
C ASP F 289 -11.38 11.53 -9.32
N VAL F 290 -11.73 10.92 -10.46
CA VAL F 290 -11.10 11.25 -11.72
C VAL F 290 -11.75 12.50 -12.30
N ALA F 291 -10.93 13.43 -12.78
CA ALA F 291 -11.45 14.75 -13.16
C ALA F 291 -12.25 14.71 -14.45
N GLU F 292 -12.15 13.64 -15.23
CA GLU F 292 -12.93 13.54 -16.47
C GLU F 292 -14.38 13.14 -16.24
N PHE F 293 -14.74 12.69 -15.03
CA PHE F 293 -16.11 12.28 -14.74
C PHE F 293 -16.75 13.07 -13.61
N THR F 294 -16.00 13.98 -12.96
CA THR F 294 -16.52 14.77 -11.85
C THR F 294 -17.39 15.97 -12.26
N PRO F 295 -17.15 16.65 -13.40
CA PRO F 295 -17.99 17.80 -13.72
C PRO F 295 -19.48 17.48 -13.83
N TRP F 296 -19.83 16.25 -14.17
CA TRP F 296 -21.25 15.88 -14.24
C TRP F 296 -21.92 16.03 -12.88
N TYR F 297 -21.38 15.37 -11.86
CA TYR F 297 -21.96 15.47 -10.53
C TYR F 297 -21.66 16.80 -9.85
N VAL F 298 -20.79 17.63 -10.43
CA VAL F 298 -20.56 18.96 -9.88
C VAL F 298 -21.74 19.87 -10.22
N HIS F 299 -22.17 19.85 -11.49
CA HIS F 299 -23.27 20.72 -11.91
C HIS F 299 -24.58 20.31 -11.24
N ARG F 300 -24.79 19.01 -11.04
CA ARG F 300 -26.03 18.53 -10.44
C ARG F 300 -26.07 18.74 -8.93
N THR F 301 -24.96 19.16 -8.32
CA THR F 301 -24.90 19.46 -6.90
C THR F 301 -24.66 20.95 -6.63
N GLN F 302 -24.84 21.79 -7.64
CA GLN F 302 -24.53 23.21 -7.55
C GLN F 302 -25.75 24.06 -7.81
N HIS F 303 -25.73 25.26 -7.25
CA HIS F 303 -26.76 26.29 -7.48
C HIS F 303 -28.17 25.74 -7.24
N GLY F 304 -28.33 25.01 -6.14
CA GLY F 304 -29.63 24.51 -5.73
C GLY F 304 -30.04 23.18 -6.34
N TRP F 305 -29.30 22.68 -7.34
CA TRP F 305 -29.66 21.41 -7.96
C TRP F 305 -29.51 20.24 -6.99
N VAL F 306 -28.78 20.43 -5.89
CA VAL F 306 -28.64 19.37 -4.90
C VAL F 306 -29.98 19.07 -4.23
N PHE F 307 -30.79 20.10 -4.00
CA PHE F 307 -32.10 19.89 -3.38
C PHE F 307 -32.97 18.99 -4.25
N VAL F 308 -32.84 19.10 -5.57
CA VAL F 308 -33.55 18.19 -6.46
C VAL F 308 -33.09 16.76 -6.25
N ALA F 309 -31.78 16.55 -6.12
CA ALA F 309 -31.27 15.20 -5.91
C ALA F 309 -31.74 14.63 -4.59
N LEU F 310 -31.77 15.45 -3.53
CA LEU F 310 -32.22 14.97 -2.24
C LEU F 310 -33.69 14.59 -2.26
N ALA F 311 -34.51 15.37 -2.97
CA ALA F 311 -35.92 15.04 -3.10
C ALA F 311 -36.11 13.71 -3.82
N LEU F 312 -35.31 13.47 -4.87
CA LEU F 312 -35.38 12.20 -5.58
C LEU F 312 -34.97 11.05 -4.66
N MET F 313 -33.99 11.29 -3.79
CA MET F 313 -33.51 10.23 -2.90
C MET F 313 -34.60 9.78 -1.93
N LEU F 314 -35.45 10.70 -1.50
CA LEU F 314 -36.48 10.41 -0.51
C LEU F 314 -37.85 10.17 -1.13
N PHE F 315 -38.32 11.11 -1.96
CA PHE F 315 -39.66 10.97 -2.52
C PHE F 315 -39.73 9.90 -3.60
N ALA F 316 -38.61 9.62 -4.28
CA ALA F 316 -38.62 8.65 -5.37
C ALA F 316 -38.01 7.31 -4.99
N PHE F 317 -37.42 7.19 -3.81
CA PHE F 317 -36.89 5.90 -3.35
C PHE F 317 -37.53 5.47 -2.04
N ALA F 318 -37.23 6.13 -0.92
CA ALA F 318 -37.64 5.63 0.39
C ALA F 318 -39.15 5.58 0.51
N LEU F 319 -39.84 6.66 0.14
CA LEU F 319 -41.29 6.67 0.25
C LEU F 319 -41.96 5.61 -0.61
N PRO F 320 -41.61 5.44 -1.90
CA PRO F 320 -42.22 4.33 -2.65
C PRO F 320 -41.80 2.97 -2.15
N PHE F 321 -40.56 2.83 -1.67
CA PHE F 321 -40.08 1.53 -1.22
C PHE F 321 -40.86 1.05 0.01
N PHE F 322 -41.16 1.95 0.95
CA PHE F 322 -41.84 1.54 2.16
C PHE F 322 -43.33 1.33 1.92
N VAL F 323 -43.95 2.16 1.07
CA VAL F 323 -45.38 2.04 0.81
C VAL F 323 -45.68 0.74 0.06
N LEU F 324 -44.92 0.47 -1.00
CA LEU F 324 -45.12 -0.74 -1.79
C LEU F 324 -44.53 -1.99 -1.13
N LEU F 325 -43.88 -1.85 0.04
CA LEU F 325 -43.37 -3.01 0.75
C LEU F 325 -44.51 -3.90 1.27
N PHE F 326 -45.64 -3.30 1.61
CA PHE F 326 -46.75 -4.02 2.20
C PHE F 326 -47.52 -4.80 1.13
N ARG F 327 -48.21 -5.85 1.58
CA ARG F 327 -49.06 -6.60 0.66
C ARG F 327 -50.22 -5.74 0.16
N GLY F 328 -50.76 -4.90 1.03
CA GLY F 328 -51.69 -3.88 0.60
C GLY F 328 -50.97 -2.77 -0.16
N THR F 329 -51.77 -1.87 -0.74
CA THR F 329 -51.29 -0.77 -1.57
C THR F 329 -50.77 -1.24 -2.92
N LYS F 330 -50.57 -2.54 -3.08
CA LYS F 330 -50.34 -3.12 -4.40
C LYS F 330 -51.48 -4.02 -4.88
N ARG F 331 -52.19 -4.66 -3.95
CA ARG F 331 -53.38 -5.43 -4.32
C ARG F 331 -54.54 -4.51 -4.69
N ASN F 332 -54.66 -3.37 -4.01
CA ASN F 332 -55.73 -2.43 -4.29
C ASN F 332 -55.33 -1.55 -5.48
N LEU F 333 -56.16 -1.56 -6.52
CA LEU F 333 -55.85 -0.79 -7.73
C LEU F 333 -55.86 0.70 -7.45
N ASN F 334 -56.77 1.17 -6.61
CA ASN F 334 -56.87 2.60 -6.30
C ASN F 334 -55.58 3.11 -5.67
N THR F 335 -55.10 2.40 -4.63
CA THR F 335 -53.89 2.82 -3.95
C THR F 335 -52.67 2.74 -4.86
N LEU F 336 -52.59 1.68 -5.68
CA LEU F 336 -51.47 1.53 -6.60
C LEU F 336 -51.44 2.65 -7.63
N ALA F 337 -52.62 3.07 -8.10
CA ALA F 337 -52.67 4.17 -9.06
C ALA F 337 -52.22 5.48 -8.42
N THR F 338 -52.58 5.70 -7.15
CA THR F 338 -52.13 6.90 -6.46
C THR F 338 -50.62 6.92 -6.30
N ILE F 339 -50.02 5.78 -5.96
CA ILE F 339 -48.57 5.68 -5.86
C ILE F 339 -47.94 5.86 -7.25
N ALA F 340 -48.57 5.28 -8.27
CA ALA F 340 -48.04 5.40 -9.63
C ALA F 340 -48.05 6.85 -10.10
N GLY F 341 -49.06 7.63 -9.69
CA GLY F 341 -49.08 9.04 -10.03
C GLY F 341 -47.95 9.81 -9.39
N TRP F 342 -47.66 9.52 -8.11
CA TRP F 342 -46.51 10.12 -7.45
C TRP F 342 -45.21 9.70 -8.11
N ILE F 343 -45.12 8.41 -8.50
CA ILE F 343 -43.92 7.93 -9.18
C ILE F 343 -43.74 8.65 -10.52
N VAL F 344 -44.84 8.80 -11.27
CA VAL F 344 -44.76 9.49 -12.57
C VAL F 344 -44.27 10.92 -12.38
N VAL F 345 -44.80 11.61 -11.37
CA VAL F 345 -44.35 12.97 -11.09
C VAL F 345 -42.87 12.99 -10.77
N MET F 346 -42.41 12.04 -9.97
CA MET F 346 -40.99 11.99 -9.60
C MET F 346 -40.13 11.65 -10.81
N ARG F 347 -40.62 10.82 -11.72
CA ARG F 347 -39.83 10.48 -12.90
C ARG F 347 -39.58 11.72 -13.74
N PHE F 348 -40.56 12.62 -13.82
CA PHE F 348 -40.38 13.87 -14.55
C PHE F 348 -39.26 14.70 -13.94
N VAL F 349 -39.19 14.74 -12.61
CA VAL F 349 -38.16 15.52 -11.93
C VAL F 349 -36.79 14.90 -12.15
N ASP F 350 -36.71 13.56 -12.16
CA ASP F 350 -35.43 12.90 -12.37
C ASP F 350 -34.85 13.25 -13.73
N MET F 351 -35.68 13.24 -14.77
CA MET F 351 -35.20 13.59 -16.10
C MET F 351 -34.80 15.06 -16.16
N ALA F 352 -35.53 15.91 -15.44
CA ALA F 352 -35.14 17.31 -15.32
C ALA F 352 -33.77 17.45 -14.66
N TRP F 353 -33.49 16.60 -13.67
CA TRP F 353 -32.19 16.64 -13.00
C TRP F 353 -31.06 16.19 -13.92
N ILE F 354 -31.37 15.37 -14.93
CA ILE F 354 -30.33 14.87 -15.81
C ILE F 354 -30.11 15.80 -16.99
N ILE F 355 -31.18 16.35 -17.55
CA ILE F 355 -31.11 17.10 -18.80
C ILE F 355 -31.04 18.60 -18.56
N LEU F 356 -31.92 19.13 -17.70
CA LEU F 356 -32.03 20.58 -17.56
C LEU F 356 -30.77 21.29 -17.08
N PRO F 357 -29.95 20.72 -16.16
CA PRO F 357 -28.74 21.46 -15.74
C PRO F 357 -27.83 21.83 -16.88
N GLU F 358 -27.82 21.06 -17.96
CA GLU F 358 -26.94 21.37 -19.08
C GLU F 358 -27.28 22.71 -19.71
N PHE F 359 -28.57 23.06 -19.75
CA PHE F 359 -29.01 24.32 -20.33
C PHE F 359 -29.12 25.39 -19.27
N ARG F 360 -29.99 25.17 -18.28
CA ARG F 360 -30.36 26.22 -17.33
C ARG F 360 -29.21 26.59 -16.42
N GLU F 361 -28.45 25.59 -15.94
CA GLU F 361 -27.28 25.76 -15.09
C GLU F 361 -27.66 26.37 -13.73
N HIS F 362 -28.92 26.71 -13.51
CA HIS F 362 -29.43 27.18 -12.24
C HIS F 362 -30.84 26.63 -12.05
N LEU F 363 -31.22 26.39 -10.80
CA LEU F 363 -32.58 25.95 -10.53
C LEU F 363 -33.58 27.07 -10.86
N TRP F 364 -33.23 28.32 -10.54
CA TRP F 364 -34.11 29.43 -10.85
C TRP F 364 -34.16 29.71 -12.34
N ASP F 365 -33.08 29.44 -13.07
CA ASP F 365 -33.06 29.68 -14.50
C ASP F 365 -34.01 28.78 -15.28
N ILE F 366 -34.55 27.73 -14.65
CA ILE F 366 -35.57 26.91 -15.30
C ILE F 366 -36.73 27.80 -15.71
N ALA F 367 -37.11 27.71 -16.98
CA ALA F 367 -38.16 28.55 -17.54
C ALA F 367 -39.48 27.79 -17.57
N ILE F 368 -40.51 28.47 -18.09
CA ILE F 368 -41.84 27.85 -18.16
C ILE F 368 -41.88 26.82 -19.28
N THR F 369 -41.03 26.98 -20.30
CA THR F 369 -41.02 26.02 -21.40
C THR F 369 -40.47 24.66 -20.95
N ASP F 370 -39.62 24.64 -19.93
CA ASP F 370 -39.12 23.37 -19.41
C ASP F 370 -40.23 22.54 -18.77
N VAL F 371 -41.30 23.20 -18.32
CA VAL F 371 -42.47 22.48 -17.84
C VAL F 371 -43.47 22.26 -18.96
N ALA F 372 -43.47 23.12 -19.98
CA ALA F 372 -44.46 23.04 -21.05
C ALA F 372 -44.18 21.84 -21.95
N ALA F 373 -42.94 21.69 -22.41
CA ALA F 373 -42.63 20.64 -23.38
C ALA F 373 -42.93 19.23 -22.90
N PRO F 374 -42.60 18.82 -21.67
CA PRO F 374 -42.95 17.45 -21.25
C PRO F 374 -44.45 17.19 -21.28
N ILE F 375 -45.25 18.09 -20.72
CA ILE F 375 -46.71 17.90 -20.74
C ILE F 375 -47.24 18.02 -22.15
N GLY F 376 -46.67 18.91 -22.95
CA GLY F 376 -47.18 19.12 -24.31
C GLY F 376 -46.99 17.91 -25.20
N LEU F 377 -45.87 17.19 -25.03
CA LEU F 377 -45.60 16.02 -25.85
C LEU F 377 -46.21 14.75 -25.28
N ILE F 378 -46.29 14.62 -23.95
CA ILE F 378 -46.93 13.45 -23.36
C ILE F 378 -48.43 13.49 -23.64
N GLY F 379 -49.00 14.69 -23.83
CA GLY F 379 -50.40 14.78 -24.20
C GLY F 379 -50.68 14.19 -25.56
N LEU F 380 -49.78 14.42 -26.51
CA LEU F 380 -49.91 13.77 -27.83
C LEU F 380 -49.69 12.28 -27.71
N VAL F 381 -48.81 11.84 -26.80
CA VAL F 381 -48.56 10.42 -26.62
C VAL F 381 -49.79 9.73 -26.04
N ILE F 382 -50.43 10.38 -25.06
CA ILE F 382 -51.61 9.78 -24.44
C ILE F 382 -52.77 9.74 -25.43
N ALA F 383 -52.92 10.79 -26.24
CA ALA F 383 -54.00 10.84 -27.22
C ALA F 383 -53.85 9.74 -28.25
N LEU F 384 -52.63 9.54 -28.77
CA LEU F 384 -52.39 8.47 -29.73
C LEU F 384 -52.53 7.10 -29.06
N PHE F 385 -52.16 6.99 -27.78
CA PHE F 385 -52.32 5.73 -27.07
C PHE F 385 -53.80 5.40 -26.89
N ALA F 386 -54.63 6.41 -26.60
CA ALA F 386 -56.06 6.17 -26.41
C ALA F 386 -56.74 5.81 -27.73
N ALA F 387 -56.28 6.40 -28.84
CA ALA F 387 -56.84 6.05 -30.13
C ALA F 387 -56.45 4.64 -30.54
N ASN F 388 -55.22 4.23 -30.25
CA ASN F 388 -54.78 2.89 -30.62
C ASN F 388 -55.41 1.81 -29.74
N VAL F 389 -55.75 2.15 -28.50
CA VAL F 389 -56.36 1.16 -27.62
C VAL F 389 -57.86 1.05 -27.89
N GLN F 390 -58.49 2.10 -28.40
CA GLN F 390 -59.88 2.02 -28.83
C GLN F 390 -60.02 1.39 -30.21
N GLN F 391 -58.92 1.25 -30.95
CA GLN F 391 -58.98 0.64 -32.28
C GLN F 391 -59.36 -0.83 -32.20
N ALA F 392 -58.78 -1.56 -31.28
CA ALA F 392 -58.96 -3.00 -31.14
C ALA F 392 -59.44 -3.36 -29.73
N PRO F 393 -60.10 -4.50 -29.57
CA PRO F 393 -60.51 -4.92 -28.23
C PRO F 393 -59.33 -5.33 -27.38
N LEU F 394 -59.51 -5.23 -26.07
CA LEU F 394 -58.48 -5.60 -25.11
C LEU F 394 -58.57 -7.07 -24.78
N LEU F 395 -57.44 -7.60 -24.26
CA LEU F 395 -57.31 -8.98 -23.81
C LEU F 395 -57.59 -9.95 -24.96
N PRO F 396 -56.55 -10.41 -25.67
CA PRO F 396 -56.77 -11.36 -26.77
C PRO F 396 -57.32 -12.69 -26.29
N LEU F 397 -58.60 -12.94 -26.56
CA LEU F 397 -59.25 -14.16 -26.08
C LEU F 397 -58.60 -15.40 -26.67
N ARG F 398 -58.22 -15.35 -27.95
CA ARG F 398 -57.57 -16.47 -28.61
C ARG F 398 -56.07 -16.37 -28.34
N ASP F 399 -55.64 -16.98 -27.22
CA ASP F 399 -54.25 -16.97 -26.81
C ASP F 399 -54.01 -18.13 -25.85
N PRO F 400 -53.04 -19.01 -26.12
CA PRO F 400 -52.78 -20.13 -25.20
C PRO F 400 -52.39 -19.68 -23.81
N ASN F 401 -51.93 -18.45 -23.63
CA ASN F 401 -51.59 -17.93 -22.31
C ASN F 401 -52.80 -17.39 -21.56
N MET F 402 -53.98 -17.34 -22.20
CA MET F 402 -55.18 -16.86 -21.52
C MET F 402 -55.60 -17.78 -20.38
N GLU F 403 -55.22 -19.06 -20.43
CA GLU F 403 -55.52 -19.97 -19.35
C GLU F 403 -54.85 -19.56 -18.04
N GLN F 404 -53.78 -18.78 -18.12
CA GLN F 404 -53.10 -18.27 -16.93
C GLN F 404 -53.94 -17.24 -16.17
N LEU F 405 -54.99 -16.69 -16.80
CA LEU F 405 -55.89 -15.77 -16.13
C LEU F 405 -56.98 -16.47 -15.34
N GLN F 406 -57.22 -17.76 -15.59
CA GLN F 406 -58.17 -18.55 -14.82
C GLN F 406 -57.59 -19.03 -13.49
N LEU G 32 -39.21 -24.61 29.63
CA LEU G 32 -39.55 -24.24 30.99
C LEU G 32 -38.64 -23.12 31.49
N SER G 33 -39.22 -22.17 32.23
CA SER G 33 -38.43 -21.04 32.70
C SER G 33 -37.49 -21.43 33.84
N ARG G 34 -37.85 -22.44 34.63
CA ARG G 34 -37.02 -22.83 35.76
C ARG G 34 -35.65 -23.31 35.30
N LEU G 35 -35.62 -24.19 34.29
CA LEU G 35 -34.35 -24.70 33.80
C LEU G 35 -33.56 -23.61 33.07
N MET G 36 -34.26 -22.73 32.36
CA MET G 36 -33.57 -21.66 31.64
C MET G 36 -32.98 -20.64 32.60
N ILE G 37 -33.69 -20.32 33.69
CA ILE G 37 -33.14 -19.44 34.70
C ILE G 37 -31.99 -20.13 35.44
N ALA G 38 -32.11 -21.44 35.67
CA ALA G 38 -31.03 -22.17 36.31
C ALA G 38 -29.77 -22.18 35.45
N GLY G 39 -29.94 -22.44 34.15
CA GLY G 39 -28.80 -22.37 33.24
C GLY G 39 -28.22 -20.97 33.13
N LEU G 40 -29.05 -19.95 33.33
CA LEU G 40 -28.56 -18.58 33.33
C LEU G 40 -27.71 -18.30 34.56
N MET G 41 -28.21 -18.66 35.74
CA MET G 41 -27.44 -18.44 36.97
C MET G 41 -26.10 -19.18 36.92
N VAL G 42 -26.08 -20.34 36.27
CA VAL G 42 -24.81 -21.07 36.09
C VAL G 42 -23.88 -20.29 35.17
N PHE G 43 -24.41 -19.76 34.08
CA PHE G 43 -23.59 -18.98 33.16
C PHE G 43 -23.12 -17.68 33.81
N LEU G 44 -23.96 -17.05 34.63
CA LEU G 44 -23.57 -15.86 35.37
C LEU G 44 -22.44 -16.17 36.36
N VAL G 45 -22.54 -17.28 37.09
CA VAL G 45 -21.49 -17.63 38.04
C VAL G 45 -20.18 -17.95 37.32
N LEU G 46 -20.25 -18.77 36.27
CA LEU G 46 -19.05 -19.12 35.51
C LEU G 46 -18.34 -17.89 34.97
N SER G 47 -19.11 -16.94 34.43
CA SER G 47 -18.53 -15.74 33.84
C SER G 47 -17.90 -14.84 34.90
N LEU G 48 -18.58 -14.67 36.04
CA LEU G 48 -18.01 -13.87 37.12
C LEU G 48 -16.72 -14.50 37.64
N VAL G 49 -16.64 -15.83 37.64
CA VAL G 49 -15.40 -16.50 38.01
C VAL G 49 -14.32 -16.25 36.98
N VAL G 50 -14.68 -16.28 35.70
CA VAL G 50 -13.70 -16.01 34.64
C VAL G 50 -13.24 -14.57 34.69
N LEU G 51 -14.17 -13.64 34.93
CA LEU G 51 -13.79 -12.23 35.04
C LEU G 51 -12.87 -12.00 36.24
N LEU G 52 -13.13 -12.68 37.35
CA LEU G 52 -12.25 -12.56 38.51
C LEU G 52 -10.89 -13.19 38.24
N ALA G 53 -10.87 -14.31 37.52
CA ALA G 53 -9.60 -14.96 37.21
C ALA G 53 -8.76 -14.14 36.24
N GLY G 54 -9.38 -13.26 35.46
CA GLY G 54 -8.62 -12.41 34.56
C GLY G 54 -7.84 -11.33 35.29
N ARG G 55 -8.46 -10.71 36.29
CA ARG G 55 -7.81 -9.71 37.13
C ARG G 55 -7.26 -10.31 38.41
N LEU G 56 -6.93 -11.59 38.39
CA LEU G 56 -6.55 -12.29 39.61
C LEU G 56 -5.31 -11.72 40.28
N PRO G 57 -4.18 -11.48 39.57
CA PRO G 57 -3.01 -10.88 40.26
C PRO G 57 -3.31 -9.47 40.74
N PHE G 58 -3.84 -9.36 41.95
CA PHE G 58 -4.17 -8.05 42.52
C PHE G 58 -2.90 -7.21 42.68
N THR G 59 -3.10 -5.90 42.78
CA THR G 59 -1.96 -5.00 42.93
C THR G 59 -1.27 -5.26 44.26
N PRO G 60 0.05 -5.41 44.27
CA PRO G 60 0.75 -5.72 45.53
C PRO G 60 0.67 -4.57 46.52
N GLN G 61 0.76 -4.91 47.80
CA GLN G 61 0.77 -3.96 48.90
C GLN G 61 2.06 -4.16 49.68
N PRO G 62 3.13 -3.44 49.35
CA PRO G 62 4.40 -3.62 50.07
C PRO G 62 4.27 -3.22 51.52
N ALA G 63 5.11 -3.84 52.35
CA ALA G 63 5.11 -3.52 53.77
C ALA G 63 5.54 -2.08 53.98
N PRO G 64 4.97 -1.38 54.97
CA PRO G 64 5.39 0.00 55.22
C PRO G 64 6.85 0.06 55.62
N VAL G 65 7.51 1.16 55.23
CA VAL G 65 8.92 1.30 55.51
C VAL G 65 9.16 1.39 57.01
N THR G 66 10.34 0.95 57.44
CA THR G 66 10.71 1.07 58.84
C THR G 66 10.88 2.55 59.22
N GLY G 67 11.02 2.79 60.53
CA GLY G 67 10.98 4.16 61.03
C GLY G 67 12.07 5.04 60.47
N ASN G 68 13.30 4.52 60.41
CA ASN G 68 14.45 5.33 60.02
C ASN G 68 14.37 5.67 58.53
N THR G 69 14.41 6.96 58.22
CA THR G 69 14.35 7.43 56.83
C THR G 69 15.28 8.63 56.68
N TYR G 70 15.49 9.02 55.42
CA TYR G 70 16.26 10.20 55.08
C TYR G 70 15.49 11.49 55.27
N ARG G 71 14.18 11.42 55.50
CA ARG G 71 13.33 12.61 55.48
C ARG G 71 13.72 13.59 56.57
N THR G 72 14.11 13.07 57.74
CA THR G 72 14.47 13.96 58.84
C THR G 72 15.77 14.71 58.56
N TYR G 73 16.72 14.06 57.87
CA TYR G 73 17.95 14.75 57.51
C TYR G 73 17.69 15.87 56.53
N VAL G 74 16.87 15.61 55.51
CA VAL G 74 16.63 16.60 54.46
C VAL G 74 15.81 17.77 55.01
N ASN G 75 14.80 17.49 55.84
CA ASN G 75 13.99 18.55 56.40
C ASN G 75 14.81 19.45 57.31
N ASP G 76 15.69 18.87 58.13
CA ASP G 76 16.52 19.67 59.02
C ASP G 76 17.50 20.53 58.25
N ALA G 77 18.12 19.97 57.20
CA ALA G 77 19.14 20.69 56.46
C ALA G 77 18.53 21.84 55.65
N ARG G 78 17.38 21.59 55.01
CA ARG G 78 16.73 22.66 54.25
C ARG G 78 16.19 23.74 55.16
N THR G 79 15.73 23.37 56.36
CA THR G 79 15.35 24.38 57.34
C THR G 79 16.57 25.18 57.79
N LEU G 80 17.72 24.52 57.89
CA LEU G 80 18.96 25.23 58.22
C LEU G 80 19.37 26.16 57.08
N LEU G 81 19.09 25.77 55.84
CA LEU G 81 19.42 26.60 54.68
C LEU G 81 18.50 27.81 54.53
N ASN G 82 17.63 28.07 55.51
CA ASN G 82 16.80 29.26 55.53
C ASN G 82 16.75 29.79 56.96
N SER G 83 16.02 30.89 57.15
CA SER G 83 15.68 31.45 58.46
C SER G 83 16.91 31.92 59.24
N TYR G 84 18.03 32.17 58.55
CA TYR G 84 19.23 32.71 59.17
C TYR G 84 19.68 31.86 60.35
N GLY G 85 20.10 32.51 61.44
CA GLY G 85 20.53 31.83 62.65
C GLY G 85 22.01 32.05 62.92
N TYR G 86 22.45 31.48 64.05
CA TYR G 86 23.84 31.54 64.48
C TYR G 86 24.39 30.12 64.58
N THR G 87 25.50 29.87 63.91
CA THR G 87 26.12 28.55 63.96
C THR G 87 26.92 28.39 65.25
N MET G 88 27.48 27.19 65.44
CA MET G 88 28.13 26.86 66.71
C MET G 88 29.46 27.59 66.84
N GLU G 89 30.36 27.43 65.87
CA GLU G 89 31.70 27.98 65.96
C GLU G 89 31.84 29.34 65.30
N GLY G 90 30.79 29.86 64.67
CA GLY G 90 30.91 31.10 63.92
C GLY G 90 30.01 32.22 64.42
N LYS G 91 29.61 33.10 63.49
CA LYS G 91 28.87 34.31 63.83
C LYS G 91 27.40 34.22 63.44
N VAL G 92 27.10 34.06 62.15
CA VAL G 92 25.72 34.15 61.67
C VAL G 92 25.55 33.25 60.46
N HIS G 93 24.32 32.75 60.28
CA HIS G 93 23.93 32.00 59.10
C HIS G 93 23.45 32.93 58.00
N ILE G 94 23.39 32.38 56.79
CA ILE G 94 22.78 33.08 55.66
C ILE G 94 21.87 32.09 54.94
N PRO G 95 20.61 32.44 54.69
CA PRO G 95 19.71 31.51 53.99
C PRO G 95 20.15 31.28 52.55
N ILE G 96 19.85 30.08 52.05
CA ILE G 96 20.11 29.80 50.65
C ILE G 96 19.17 30.62 49.78
N ASP G 97 19.52 30.71 48.49
CA ASP G 97 18.89 31.61 47.52
C ASP G 97 19.07 33.08 47.88
N ARG G 98 19.90 33.37 48.88
CA ARG G 98 20.33 34.72 49.24
C ARG G 98 21.84 34.87 49.23
N ALA G 99 22.58 33.85 49.67
CA ALA G 99 24.03 33.86 49.49
C ALA G 99 24.40 33.74 48.03
N MET G 100 23.54 33.14 47.21
CA MET G 100 23.81 33.07 45.78
C MET G 100 23.76 34.46 45.15
N ASP G 101 22.88 35.33 45.66
CA ASP G 101 22.85 36.71 45.19
C ASP G 101 24.10 37.46 45.63
N LEU G 102 24.67 37.11 46.79
CA LEU G 102 25.93 37.72 47.20
C LEU G 102 27.08 37.24 46.32
N ILE G 103 27.05 35.98 45.89
CA ILE G 103 28.10 35.44 45.04
C ILE G 103 28.13 36.16 43.70
N VAL G 104 26.98 36.29 43.04
CA VAL G 104 26.94 36.99 41.76
C VAL G 104 27.25 38.47 41.92
N GLU G 105 27.07 39.03 43.12
CA GLU G 105 27.40 40.44 43.35
C GLU G 105 28.90 40.63 43.51
N ARG G 106 29.54 39.88 44.41
CA ARG G 106 30.97 40.02 44.62
C ARG G 106 31.78 39.34 43.53
N GLY G 107 31.26 38.26 42.96
CA GLY G 107 31.90 37.61 41.83
C GLY G 107 33.05 36.70 42.23
N LEU G 108 33.47 35.89 41.26
CA LEU G 108 34.57 34.95 41.40
C LEU G 108 35.67 35.26 40.40
N PRO G 109 36.93 34.93 40.71
CA PRO G 109 38.00 35.17 39.75
C PRO G 109 37.82 34.36 38.48
N VAL G 110 38.05 35.01 37.34
CA VAL G 110 37.84 34.40 36.03
C VAL G 110 39.13 34.49 35.24
N ARG G 111 39.45 33.41 34.51
CA ARG G 111 40.62 33.36 33.63
C ARG G 111 41.92 33.60 34.39
N VAL H 11 -44.72 -20.46 28.80
CA VAL H 11 -44.44 -19.75 27.56
C VAL H 11 -44.00 -18.32 27.89
N LYS H 12 -44.91 -17.53 28.45
CA LYS H 12 -44.52 -16.21 28.95
C LYS H 12 -43.40 -16.28 29.98
N PRO H 13 -43.35 -17.28 30.87
CA PRO H 13 -42.16 -17.42 31.73
C PRO H 13 -40.85 -17.60 30.96
N VAL H 14 -40.83 -18.41 29.90
CA VAL H 14 -39.56 -18.65 29.22
C VAL H 14 -39.16 -17.44 28.39
N PHE H 15 -40.13 -16.63 27.95
CA PHE H 15 -39.82 -15.38 27.28
C PHE H 15 -39.10 -14.43 28.22
N LEU H 16 -39.51 -14.42 29.49
CA LEU H 16 -38.80 -13.63 30.50
C LEU H 16 -37.42 -14.22 30.79
N ALA H 17 -37.32 -15.55 30.76
CA ALA H 17 -36.04 -16.20 31.04
C ALA H 17 -35.02 -15.90 29.94
N VAL H 18 -35.42 -16.03 28.67
CA VAL H 18 -34.53 -15.67 27.57
C VAL H 18 -34.27 -14.17 27.50
N THR H 19 -35.06 -13.37 28.21
CA THR H 19 -34.80 -11.94 28.29
C THR H 19 -33.74 -11.63 29.35
N LEU H 20 -33.91 -12.18 30.55
CA LEU H 20 -32.92 -11.99 31.59
C LEU H 20 -31.56 -12.56 31.16
N THR H 21 -31.58 -13.71 30.48
CA THR H 21 -30.34 -14.26 29.94
C THR H 21 -29.63 -13.27 29.01
N GLY H 22 -30.40 -12.57 28.19
CA GLY H 22 -29.79 -11.63 27.25
C GLY H 22 -29.11 -10.47 27.94
N MET H 23 -29.82 -9.80 28.85
CA MET H 23 -29.24 -8.65 29.53
C MET H 23 -28.09 -9.07 30.42
N VAL H 24 -28.21 -10.21 31.10
CA VAL H 24 -27.08 -10.77 31.84
C VAL H 24 -25.84 -10.81 30.97
N ALA H 25 -25.95 -11.38 29.77
CA ALA H 25 -24.80 -11.47 28.86
C ALA H 25 -24.27 -10.09 28.51
N PHE H 26 -25.17 -9.14 28.23
CA PHE H 26 -24.74 -7.80 27.84
C PHE H 26 -23.89 -7.15 28.94
N LEU H 27 -24.39 -7.16 30.17
CA LEU H 27 -23.63 -6.61 31.30
C LEU H 27 -22.26 -7.26 31.39
N LEU H 28 -22.24 -8.59 31.35
CA LEU H 28 -21.02 -9.39 31.27
C LEU H 28 -20.08 -8.89 30.18
N MET H 29 -20.57 -8.90 28.94
CA MET H 29 -19.76 -8.52 27.79
C MET H 29 -19.32 -7.05 27.89
N VAL H 30 -20.26 -6.16 28.20
CA VAL H 30 -19.93 -4.73 28.27
C VAL H 30 -18.84 -4.49 29.31
N TRP H 31 -18.92 -5.18 30.45
CA TRP H 31 -17.89 -5.05 31.48
C TRP H 31 -16.53 -5.40 30.92
N LEU H 32 -16.42 -6.53 30.21
CA LEU H 32 -15.14 -7.00 29.72
C LEU H 32 -14.52 -6.02 28.73
N PHE H 33 -15.32 -5.54 27.77
CA PHE H 33 -14.81 -4.71 26.68
C PHE H 33 -14.83 -3.22 27.00
N ALA H 34 -15.25 -2.83 28.20
CA ALA H 34 -15.25 -1.41 28.56
C ALA H 34 -14.53 -1.17 29.89
N PHE H 35 -15.24 -1.34 31.00
CA PHE H 35 -14.71 -0.99 32.32
C PHE H 35 -13.99 -2.18 32.97
N TYR H 36 -13.03 -2.76 32.25
CA TYR H 36 -12.27 -3.90 32.74
C TYR H 36 -10.78 -3.59 32.69
N TRP H 37 -10.18 -3.54 31.50
CA TRP H 37 -8.75 -3.24 31.33
C TRP H 37 -7.87 -4.25 32.04
#